data_1EZG
# 
_entry.id   1EZG 
# 
_audit_conform.dict_name       mmcif_pdbx.dic 
_audit_conform.dict_version    5.398 
_audit_conform.dict_location   http://mmcif.pdb.org/dictionaries/ascii/mmcif_pdbx.dic 
# 
loop_
_database_2.database_id 
_database_2.database_code 
_database_2.pdbx_database_accession 
_database_2.pdbx_DOI 
PDB   1EZG         pdb_00001ezg 10.2210/pdb1ezg/pdb 
RCSB  RCSB011057   ?            ?                   
WWPDB D_1000011057 ?            ?                   
# 
loop_
_pdbx_audit_revision_history.ordinal 
_pdbx_audit_revision_history.data_content_type 
_pdbx_audit_revision_history.major_revision 
_pdbx_audit_revision_history.minor_revision 
_pdbx_audit_revision_history.revision_date 
1 'Structure model' 1 0 2000-08-09 
2 'Structure model' 1 1 2008-04-27 
3 'Structure model' 1 2 2011-07-13 
4 'Structure model' 1 3 2024-10-30 
# 
_pdbx_audit_revision_details.ordinal             1 
_pdbx_audit_revision_details.revision_ordinal    1 
_pdbx_audit_revision_details.data_content_type   'Structure model' 
_pdbx_audit_revision_details.provider            repository 
_pdbx_audit_revision_details.type                'Initial release' 
_pdbx_audit_revision_details.description         ? 
_pdbx_audit_revision_details.details             ? 
# 
loop_
_pdbx_audit_revision_group.ordinal 
_pdbx_audit_revision_group.revision_ordinal 
_pdbx_audit_revision_group.data_content_type 
_pdbx_audit_revision_group.group 
1 2 'Structure model' 'Version format compliance' 
2 3 'Structure model' 'Version format compliance' 
3 4 'Structure model' 'Data collection'           
4 4 'Structure model' 'Database references'       
5 4 'Structure model' 'Structure summary'         
# 
loop_
_pdbx_audit_revision_category.ordinal 
_pdbx_audit_revision_category.revision_ordinal 
_pdbx_audit_revision_category.data_content_type 
_pdbx_audit_revision_category.category 
1 4 'Structure model' chem_comp_atom            
2 4 'Structure model' chem_comp_bond            
3 4 'Structure model' database_2                
4 4 'Structure model' pdbx_entry_details        
5 4 'Structure model' pdbx_modification_feature 
# 
loop_
_pdbx_audit_revision_item.ordinal 
_pdbx_audit_revision_item.revision_ordinal 
_pdbx_audit_revision_item.data_content_type 
_pdbx_audit_revision_item.item 
1 4 'Structure model' '_database_2.pdbx_DOI'                
2 4 'Structure model' '_database_2.pdbx_database_accession' 
# 
_pdbx_database_status.status_code                     REL 
_pdbx_database_status.entry_id                        1EZG 
_pdbx_database_status.recvd_initial_deposition_date   2000-05-10 
_pdbx_database_status.deposit_site                    RCSB 
_pdbx_database_status.process_site                    RCSB 
_pdbx_database_status.SG_entry                        . 
_pdbx_database_status.pdb_format_compatible           Y 
_pdbx_database_status.status_code_mr                  ? 
_pdbx_database_status.status_code_sf                  ? 
_pdbx_database_status.status_code_cs                  ? 
_pdbx_database_status.status_code_nmr_data            ? 
_pdbx_database_status.methods_development_category    ? 
# 
_pdbx_database_related.db_name        PDB 
_pdbx_database_related.db_id          1EWW 
_pdbx_database_related.details        . 
_pdbx_database_related.content_type   unspecified 
# 
loop_
_audit_author.name 
_audit_author.pdbx_ordinal 
'Liou, Y.-C.'  1 
'Tocilj, A.'   2 
'Davies, P.L.' 3 
'Jia, Z.'      4 
# 
_citation.id                        primary 
_citation.title                     'Mimicry of ice structure by surface hydroxyls and water of a beta-helix antifreeze protein.' 
_citation.journal_abbrev            Nature 
_citation.journal_volume            406 
_citation.page_first                322 
_citation.page_last                 324 
_citation.year                      2000 
_citation.journal_id_ASTM           NATUAS 
_citation.country                   UK 
_citation.journal_id_ISSN           0028-0836 
_citation.journal_id_CSD            0006 
_citation.book_publisher            ? 
_citation.pdbx_database_id_PubMed   10917536 
_citation.pdbx_database_id_DOI      10.1038/35018604 
# 
loop_
_citation_author.citation_id 
_citation_author.name 
_citation_author.ordinal 
_citation_author.identifier_ORCID 
primary 'Liou, Y.C.'   1 ? 
primary 'Tocilj, A.'   2 ? 
primary 'Davies, P.L.' 3 ? 
primary 'Jia, Z.'      4 ? 
# 
_entity.id                         1 
_entity.type                       polymer 
_entity.src_method                 man 
_entity.pdbx_description           'THERMAL HYSTERESIS PROTEIN ISOFORM YL-1' 
_entity.formula_weight             8389.097 
_entity.pdbx_number_of_molecules   2 
_entity.pdbx_ec                    ? 
_entity.pdbx_mutation              ? 
_entity.pdbx_fragment              ? 
_entity.details                    ? 
# 
_entity_poly.entity_id                      1 
_entity_poly.type                           'polypeptide(L)' 
_entity_poly.nstd_linkage                   no 
_entity_poly.nstd_monomer                   no 
_entity_poly.pdbx_seq_one_letter_code       
;QCTGGADCTSCTGACTGCGNCPNAVTCTNSQHCVKANTCTGSTDCNTAQTCTNSKDCFEANTCTDSTNCYKATACTNSSG
CPGH
;
_entity_poly.pdbx_seq_one_letter_code_can   
;QCTGGADCTSCTGACTGCGNCPNAVTCTNSQHCVKANTCTGSTDCNTAQTCTNSKDCFEANTCTDSTNCYKATACTNSSG
CPGH
;
_entity_poly.pdbx_strand_id                 A,B 
_entity_poly.pdbx_target_identifier         ? 
# 
loop_
_entity_poly_seq.entity_id 
_entity_poly_seq.num 
_entity_poly_seq.mon_id 
_entity_poly_seq.hetero 
1 1  GLN n 
1 2  CYS n 
1 3  THR n 
1 4  GLY n 
1 5  GLY n 
1 6  ALA n 
1 7  ASP n 
1 8  CYS n 
1 9  THR n 
1 10 SER n 
1 11 CYS n 
1 12 THR n 
1 13 GLY n 
1 14 ALA n 
1 15 CYS n 
1 16 THR n 
1 17 GLY n 
1 18 CYS n 
1 19 GLY n 
1 20 ASN n 
1 21 CYS n 
1 22 PRO n 
1 23 ASN n 
1 24 ALA n 
1 25 VAL n 
1 26 THR n 
1 27 CYS n 
1 28 THR n 
1 29 ASN n 
1 30 SER n 
1 31 GLN n 
1 32 HIS n 
1 33 CYS n 
1 34 VAL n 
1 35 LYS n 
1 36 ALA n 
1 37 ASN n 
1 38 THR n 
1 39 CYS n 
1 40 THR n 
1 41 GLY n 
1 42 SER n 
1 43 THR n 
1 44 ASP n 
1 45 CYS n 
1 46 ASN n 
1 47 THR n 
1 48 ALA n 
1 49 GLN n 
1 50 THR n 
1 51 CYS n 
1 52 THR n 
1 53 ASN n 
1 54 SER n 
1 55 LYS n 
1 56 ASP n 
1 57 CYS n 
1 58 PHE n 
1 59 GLU n 
1 60 ALA n 
1 61 ASN n 
1 62 THR n 
1 63 CYS n 
1 64 THR n 
1 65 ASP n 
1 66 SER n 
1 67 THR n 
1 68 ASN n 
1 69 CYS n 
1 70 TYR n 
1 71 LYS n 
1 72 ALA n 
1 73 THR n 
1 74 ALA n 
1 75 CYS n 
1 76 THR n 
1 77 ASN n 
1 78 SER n 
1 79 SER n 
1 80 GLY n 
1 81 CYS n 
1 82 PRO n 
1 83 GLY n 
1 84 HIS n 
# 
_entity_src_gen.entity_id                          1 
_entity_src_gen.pdbx_src_id                        1 
_entity_src_gen.pdbx_alt_source_flag               sample 
_entity_src_gen.pdbx_seq_type                      ? 
_entity_src_gen.pdbx_beg_seq_num                   ? 
_entity_src_gen.pdbx_end_seq_num                   ? 
_entity_src_gen.gene_src_common_name               'yellow mealworm' 
_entity_src_gen.gene_src_genus                     Tenebrio 
_entity_src_gen.pdbx_gene_src_gene                 'CDNA FROM FAT BODY LIBRARY' 
_entity_src_gen.gene_src_species                   ? 
_entity_src_gen.gene_src_strain                    ? 
_entity_src_gen.gene_src_tissue                    ? 
_entity_src_gen.gene_src_tissue_fraction           ? 
_entity_src_gen.gene_src_details                   ? 
_entity_src_gen.pdbx_gene_src_fragment             ? 
_entity_src_gen.pdbx_gene_src_scientific_name      'Tenebrio molitor' 
_entity_src_gen.pdbx_gene_src_ncbi_taxonomy_id     7067 
_entity_src_gen.pdbx_gene_src_variant              ? 
_entity_src_gen.pdbx_gene_src_cell_line            ? 
_entity_src_gen.pdbx_gene_src_atcc                 ? 
_entity_src_gen.pdbx_gene_src_organ                ? 
_entity_src_gen.pdbx_gene_src_organelle            ? 
_entity_src_gen.pdbx_gene_src_cell                 ? 
_entity_src_gen.pdbx_gene_src_cellular_location    ? 
_entity_src_gen.host_org_common_name               ? 
_entity_src_gen.pdbx_host_org_scientific_name      'Escherichia coli BL21(DE3)' 
_entity_src_gen.pdbx_host_org_ncbi_taxonomy_id     469008 
_entity_src_gen.host_org_genus                     Escherichia 
_entity_src_gen.pdbx_host_org_gene                 ? 
_entity_src_gen.pdbx_host_org_organ                ? 
_entity_src_gen.host_org_species                   'Escherichia coli' 
_entity_src_gen.pdbx_host_org_tissue               ? 
_entity_src_gen.pdbx_host_org_tissue_fraction      ? 
_entity_src_gen.pdbx_host_org_strain               'BL21 (DE3)' 
_entity_src_gen.pdbx_host_org_variant              ? 
_entity_src_gen.pdbx_host_org_cell_line            ? 
_entity_src_gen.pdbx_host_org_atcc                 ? 
_entity_src_gen.pdbx_host_org_culture_collection   ? 
_entity_src_gen.pdbx_host_org_cell                 ? 
_entity_src_gen.pdbx_host_org_organelle            ? 
_entity_src_gen.pdbx_host_org_cellular_location    ? 
_entity_src_gen.pdbx_host_org_vector_type          PLASMID 
_entity_src_gen.pdbx_host_org_vector               ? 
_entity_src_gen.host_org_details                   ? 
_entity_src_gen.expression_system_id               ? 
_entity_src_gen.plasmid_name                       PET20B 
_entity_src_gen.plasmid_details                    ? 
_entity_src_gen.pdbx_description                   'LARVAE HEMOLYMPH' 
# 
loop_
_chem_comp.id 
_chem_comp.type 
_chem_comp.mon_nstd_flag 
_chem_comp.name 
_chem_comp.pdbx_synonyms 
_chem_comp.formula 
_chem_comp.formula_weight 
ALA 'L-peptide linking' y ALANINE         ? 'C3 H7 N O2'     89.093  
ASN 'L-peptide linking' y ASPARAGINE      ? 'C4 H8 N2 O3'    132.118 
ASP 'L-peptide linking' y 'ASPARTIC ACID' ? 'C4 H7 N O4'     133.103 
CYS 'L-peptide linking' y CYSTEINE        ? 'C3 H7 N O2 S'   121.158 
GLN 'L-peptide linking' y GLUTAMINE       ? 'C5 H10 N2 O3'   146.144 
GLU 'L-peptide linking' y 'GLUTAMIC ACID' ? 'C5 H9 N O4'     147.129 
GLY 'peptide linking'   y GLYCINE         ? 'C2 H5 N O2'     75.067  
HIS 'L-peptide linking' y HISTIDINE       ? 'C6 H10 N3 O2 1' 156.162 
LYS 'L-peptide linking' y LYSINE          ? 'C6 H15 N2 O2 1' 147.195 
PHE 'L-peptide linking' y PHENYLALANINE   ? 'C9 H11 N O2'    165.189 
PRO 'L-peptide linking' y PROLINE         ? 'C5 H9 N O2'     115.130 
SER 'L-peptide linking' y SERINE          ? 'C3 H7 N O3'     105.093 
THR 'L-peptide linking' y THREONINE       ? 'C4 H9 N O3'     119.119 
TYR 'L-peptide linking' y TYROSINE        ? 'C9 H11 N O3'    181.189 
VAL 'L-peptide linking' y VALINE          ? 'C5 H11 N O2'    117.146 
# 
loop_
_pdbx_poly_seq_scheme.asym_id 
_pdbx_poly_seq_scheme.entity_id 
_pdbx_poly_seq_scheme.seq_id 
_pdbx_poly_seq_scheme.mon_id 
_pdbx_poly_seq_scheme.ndb_seq_num 
_pdbx_poly_seq_scheme.pdb_seq_num 
_pdbx_poly_seq_scheme.auth_seq_num 
_pdbx_poly_seq_scheme.pdb_mon_id 
_pdbx_poly_seq_scheme.auth_mon_id 
_pdbx_poly_seq_scheme.pdb_strand_id 
_pdbx_poly_seq_scheme.pdb_ins_code 
_pdbx_poly_seq_scheme.hetero 
A 1 1  GLN 1  2  2  GLN GLN A . n 
A 1 2  CYS 2  3  3  CYS CYS A . n 
A 1 3  THR 3  4  4  THR THR A . n 
A 1 4  GLY 4  5  5  GLY GLY A . n 
A 1 5  GLY 5  6  6  GLY GLY A . n 
A 1 6  ALA 6  7  7  ALA ALA A . n 
A 1 7  ASP 7  8  8  ASP ASP A . n 
A 1 8  CYS 8  9  9  CYS CYS A . n 
A 1 9  THR 9  10 10 THR THR A . n 
A 1 10 SER 10 11 11 SER SER A . n 
A 1 11 CYS 11 12 12 CYS CYS A . n 
A 1 12 THR 12 13 13 THR THR A . n 
A 1 13 GLY 13 14 14 GLY GLY A . n 
A 1 14 ALA 14 15 15 ALA ALA A . n 
A 1 15 CYS 15 16 16 CYS CYS A . n 
A 1 16 THR 16 17 17 THR THR A . n 
A 1 17 GLY 17 18 18 GLY GLY A . n 
A 1 18 CYS 18 19 19 CYS CYS A . n 
A 1 19 GLY 19 20 20 GLY GLY A . n 
A 1 20 ASN 20 21 21 ASN ASN A . n 
A 1 21 CYS 21 22 22 CYS CYS A . n 
A 1 22 PRO 22 23 23 PRO PRO A . n 
A 1 23 ASN 23 24 24 ASN ASN A . n 
A 1 24 ALA 24 25 25 ALA ALA A . n 
A 1 25 VAL 25 26 26 VAL VAL A . n 
A 1 26 THR 26 27 27 THR THR A . n 
A 1 27 CYS 27 28 28 CYS CYS A . n 
A 1 28 THR 28 29 29 THR THR A . n 
A 1 29 ASN 29 30 30 ASN ASN A . n 
A 1 30 SER 30 31 31 SER SER A . n 
A 1 31 GLN 31 32 32 GLN GLN A . n 
A 1 32 HIS 32 33 33 HIS HIS A . n 
A 1 33 CYS 33 34 34 CYS CYS A . n 
A 1 34 VAL 34 35 35 VAL VAL A . n 
A 1 35 LYS 35 36 36 LYS LYS A . n 
A 1 36 ALA 36 37 37 ALA ALA A . n 
A 1 37 ASN 37 38 38 ASN ASN A . n 
A 1 38 THR 38 39 39 THR THR A . n 
A 1 39 CYS 39 40 40 CYS CYS A . n 
A 1 40 THR 40 41 41 THR THR A . n 
A 1 41 GLY 41 42 42 GLY GLY A . n 
A 1 42 SER 42 43 43 SER SER A . n 
A 1 43 THR 43 44 44 THR THR A . n 
A 1 44 ASP 44 45 45 ASP ASP A . n 
A 1 45 CYS 45 46 46 CYS CYS A . n 
A 1 46 ASN 46 47 47 ASN ASN A . n 
A 1 47 THR 47 48 48 THR THR A . n 
A 1 48 ALA 48 49 49 ALA ALA A . n 
A 1 49 GLN 49 50 50 GLN GLN A . n 
A 1 50 THR 50 51 51 THR THR A . n 
A 1 51 CYS 51 52 52 CYS CYS A . n 
A 1 52 THR 52 53 53 THR THR A . n 
A 1 53 ASN 53 54 54 ASN ASN A . n 
A 1 54 SER 54 55 55 SER SER A . n 
A 1 55 LYS 55 56 56 LYS LYS A . n 
A 1 56 ASP 56 57 57 ASP ASP A . n 
A 1 57 CYS 57 58 58 CYS CYS A . n 
A 1 58 PHE 58 59 59 PHE PHE A . n 
A 1 59 GLU 59 60 60 GLU GLU A . n 
A 1 60 ALA 60 61 61 ALA ALA A . n 
A 1 61 ASN 61 62 62 ASN ASN A . n 
A 1 62 THR 62 63 63 THR THR A . n 
A 1 63 CYS 63 64 64 CYS CYS A . n 
A 1 64 THR 64 65 65 THR THR A . n 
A 1 65 ASP 65 66 66 ASP ASP A . n 
A 1 66 SER 66 67 67 SER SER A . n 
A 1 67 THR 67 68 68 THR THR A . n 
A 1 68 ASN 68 69 69 ASN ASN A . n 
A 1 69 CYS 69 70 70 CYS CYS A . n 
A 1 70 TYR 70 71 71 TYR TYR A . n 
A 1 71 LYS 71 72 72 LYS LYS A . n 
A 1 72 ALA 72 73 73 ALA ALA A . n 
A 1 73 THR 73 74 74 THR THR A . n 
A 1 74 ALA 74 75 75 ALA ALA A . n 
A 1 75 CYS 75 76 76 CYS CYS A . n 
A 1 76 THR 76 77 77 THR THR A . n 
A 1 77 ASN 77 78 78 ASN ASN A . n 
A 1 78 SER 78 79 79 SER SER A . n 
A 1 79 SER 79 80 80 SER SER A . n 
A 1 80 GLY 80 81 81 GLY GLY A . n 
A 1 81 CYS 81 82 82 CYS CYS A . n 
A 1 82 PRO 82 83 83 PRO PRO A . n 
A 1 83 GLY 83 84 ?  ?   ?   A . n 
A 1 84 HIS 84 85 ?  ?   ?   A . n 
B 1 1  GLN 1  2  2  GLN GLN B . n 
B 1 2  CYS 2  3  3  CYS CYS B . n 
B 1 3  THR 3  4  4  THR THR B . n 
B 1 4  GLY 4  5  5  GLY GLY B . n 
B 1 5  GLY 5  6  6  GLY GLY B . n 
B 1 6  ALA 6  7  7  ALA ALA B . n 
B 1 7  ASP 7  8  8  ASP ASP B . n 
B 1 8  CYS 8  9  9  CYS CYS B . n 
B 1 9  THR 9  10 10 THR THR B . n 
B 1 10 SER 10 11 11 SER SER B . n 
B 1 11 CYS 11 12 12 CYS CYS B . n 
B 1 12 THR 12 13 13 THR THR B . n 
B 1 13 GLY 13 14 14 GLY GLY B . n 
B 1 14 ALA 14 15 15 ALA ALA B . n 
B 1 15 CYS 15 16 16 CYS CYS B . n 
B 1 16 THR 16 17 17 THR THR B . n 
B 1 17 GLY 17 18 18 GLY GLY B . n 
B 1 18 CYS 18 19 19 CYS CYS B . n 
B 1 19 GLY 19 20 20 GLY GLY B . n 
B 1 20 ASN 20 21 21 ASN ASN B . n 
B 1 21 CYS 21 22 22 CYS CYS B . n 
B 1 22 PRO 22 23 23 PRO PRO B . n 
B 1 23 ASN 23 24 24 ASN ASN B . n 
B 1 24 ALA 24 25 25 ALA ALA B . n 
B 1 25 VAL 25 26 26 VAL VAL B . n 
B 1 26 THR 26 27 27 THR THR B . n 
B 1 27 CYS 27 28 28 CYS CYS B . n 
B 1 28 THR 28 29 29 THR THR B . n 
B 1 29 ASN 29 30 30 ASN ASN B . n 
B 1 30 SER 30 31 31 SER SER B . n 
B 1 31 GLN 31 32 32 GLN GLN B . n 
B 1 32 HIS 32 33 33 HIS HIS B . n 
B 1 33 CYS 33 34 34 CYS CYS B . n 
B 1 34 VAL 34 35 35 VAL VAL B . n 
B 1 35 LYS 35 36 36 LYS LYS B . n 
B 1 36 ALA 36 37 37 ALA ALA B . n 
B 1 37 ASN 37 38 38 ASN ASN B . n 
B 1 38 THR 38 39 39 THR THR B . n 
B 1 39 CYS 39 40 40 CYS CYS B . n 
B 1 40 THR 40 41 41 THR THR B . n 
B 1 41 GLY 41 42 42 GLY GLY B . n 
B 1 42 SER 42 43 43 SER SER B . n 
B 1 43 THR 43 44 44 THR THR B . n 
B 1 44 ASP 44 45 45 ASP ASP B . n 
B 1 45 CYS 45 46 46 CYS CYS B . n 
B 1 46 ASN 46 47 47 ASN ASN B . n 
B 1 47 THR 47 48 48 THR THR B . n 
B 1 48 ALA 48 49 49 ALA ALA B . n 
B 1 49 GLN 49 50 50 GLN GLN B . n 
B 1 50 THR 50 51 51 THR THR B . n 
B 1 51 CYS 51 52 52 CYS CYS B . n 
B 1 52 THR 52 53 53 THR THR B . n 
B 1 53 ASN 53 54 54 ASN ASN B . n 
B 1 54 SER 54 55 55 SER SER B . n 
B 1 55 LYS 55 56 56 LYS LYS B . n 
B 1 56 ASP 56 57 57 ASP ASP B . n 
B 1 57 CYS 57 58 58 CYS CYS B . n 
B 1 58 PHE 58 59 59 PHE PHE B . n 
B 1 59 GLU 59 60 60 GLU GLU B . n 
B 1 60 ALA 60 61 61 ALA ALA B . n 
B 1 61 ASN 61 62 62 ASN ASN B . n 
B 1 62 THR 62 63 63 THR THR B . n 
B 1 63 CYS 63 64 64 CYS CYS B . n 
B 1 64 THR 64 65 65 THR THR B . n 
B 1 65 ASP 65 66 66 ASP ASP B . n 
B 1 66 SER 66 67 67 SER SER B . n 
B 1 67 THR 67 68 68 THR THR B . n 
B 1 68 ASN 68 69 69 ASN ASN B . n 
B 1 69 CYS 69 70 70 CYS CYS B . n 
B 1 70 TYR 70 71 71 TYR TYR B . n 
B 1 71 LYS 71 72 72 LYS LYS B . n 
B 1 72 ALA 72 73 73 ALA ALA B . n 
B 1 73 THR 73 74 74 THR THR B . n 
B 1 74 ALA 74 75 75 ALA ALA B . n 
B 1 75 CYS 75 76 76 CYS CYS B . n 
B 1 76 THR 76 77 77 THR THR B . n 
B 1 77 ASN 77 78 78 ASN ASN B . n 
B 1 78 SER 78 79 79 SER SER B . n 
B 1 79 SER 79 80 80 SER SER B . n 
B 1 80 GLY 80 81 81 GLY GLY B . n 
B 1 81 CYS 81 82 82 CYS CYS B . n 
B 1 82 PRO 82 83 83 PRO PRO B . n 
B 1 83 GLY 83 84 ?  ?   ?   B . n 
B 1 84 HIS 84 85 ?  ?   ?   B . n 
# 
loop_
_software.name 
_software.classification 
_software.version 
_software.citation_id 
_software.pdbx_ordinal 
DENZO     'data reduction' . ? 1 
SCALEPACK 'data scaling'   . ? 2 
SHARP     phasing          . ? 3 
SHELXL-97 refinement       . ? 4 
# 
_cell.entry_id           1EZG 
_cell.length_a           73.832 
_cell.length_b           73.832 
_cell.length_c           53.130 
_cell.angle_alpha        90.00 
_cell.angle_beta         90.00 
_cell.angle_gamma        120.00 
_cell.Z_PDB              12 
_cell.pdbx_unique_axis   ? 
# 
_symmetry.entry_id                         1EZG 
_symmetry.space_group_name_H-M             'P 65' 
_symmetry.pdbx_full_space_group_name_H-M   ? 
_symmetry.cell_setting                     ? 
_symmetry.Int_Tables_number                170 
# 
_exptl.entry_id          1EZG 
_exptl.method            'X-RAY DIFFRACTION' 
_exptl.crystals_number   1 
# 
_exptl_crystal.id                    1 
_exptl_crystal.density_meas          ? 
_exptl_crystal.density_percent_sol   50.62 
_exptl_crystal.density_Matthews      2.49 
_exptl_crystal.description           ? 
# 
_exptl_crystal_grow.crystal_id      1 
_exptl_crystal_grow.method          'VAPOR DIFFUSION, HANGING DROP' 
_exptl_crystal_grow.pH              5.5 
_exptl_crystal_grow.temp            295 
_exptl_crystal_grow.temp_details    ? 
_exptl_crystal_grow.pdbx_details    
'ammonium sulfate, sodium citra, cobalt chloridee, pH 5.5, VAPOR DIFFUSION, HANGING DROP, temperature 295K' 
_exptl_crystal_grow.pdbx_pH_range   ? 
# 
_diffrn.id                     1 
_diffrn.ambient_temp           100 
_diffrn.ambient_temp_details   ? 
_diffrn.crystal_id             1 
# 
_diffrn_detector.diffrn_id              1 
_diffrn_detector.detector               'IMAGE PLATE' 
_diffrn_detector.type                   MARRESEARCH 
_diffrn_detector.pdbx_collection_date   1999-04-10 
_diffrn_detector.details                ? 
# 
_diffrn_radiation.diffrn_id                        1 
_diffrn_radiation.wavelength_id                    1 
_diffrn_radiation.monochromator                    ? 
_diffrn_radiation.pdbx_monochromatic_or_laue_m_l   M 
_diffrn_radiation.pdbx_diffrn_protocol             'SINGLE WAVELENGTH' 
_diffrn_radiation.pdbx_scattering_type             x-ray 
# 
_diffrn_radiation_wavelength.id           1 
_diffrn_radiation_wavelength.wavelength   0.91 
_diffrn_radiation_wavelength.wt           1.0 
# 
_diffrn_source.diffrn_id                   1 
_diffrn_source.source                      SYNCHROTRON 
_diffrn_source.type                        'NSLS BEAMLINE X8C' 
_diffrn_source.pdbx_wavelength             0.91 
_diffrn_source.pdbx_synchrotron_site       NSLS 
_diffrn_source.pdbx_synchrotron_beamline   X8C 
_diffrn_source.pdbx_wavelength_list        ? 
# 
_reflns.entry_id                     1EZG 
_reflns.observed_criterion_sigma_I   0 
_reflns.observed_criterion_sigma_F   0 
_reflns.d_resolution_low             25 
_reflns.d_resolution_high            1.4 
_reflns.number_obs                   32557 
_reflns.number_all                   133370 
_reflns.percent_possible_obs         96.5 
_reflns.pdbx_Rmerge_I_obs            0.056 
_reflns.pdbx_Rsym_value              ? 
_reflns.pdbx_netI_over_sigmaI        10.1 
_reflns.B_iso_Wilson_estimate        15.0 
_reflns.pdbx_redundancy              4.5 
_reflns.R_free_details               ? 
_reflns.limit_h_max                  ? 
_reflns.limit_h_min                  ? 
_reflns.limit_k_max                  ? 
_reflns.limit_k_min                  ? 
_reflns.limit_l_max                  ? 
_reflns.limit_l_min                  ? 
_reflns.observed_criterion_F_max     ? 
_reflns.observed_criterion_F_min     ? 
_reflns.pdbx_diffrn_id               1 
_reflns.pdbx_ordinal                 1 
# 
_reflns_shell.d_res_high             1.4 
_reflns_shell.d_res_low              1.45 
_reflns_shell.percent_possible_obs   ? 
_reflns_shell.percent_possible_all   95.6 
_reflns_shell.Rmerge_I_obs           0.208 
_reflns_shell.meanI_over_sigI_obs    ? 
_reflns_shell.pdbx_Rsym_value        ? 
_reflns_shell.pdbx_redundancy        3.7 
_reflns_shell.number_unique_all      3086 
_reflns_shell.pdbx_diffrn_id         ? 
_reflns_shell.pdbx_ordinal           1 
# 
_refine.entry_id                                 1EZG 
_refine.ls_number_reflns_obs                     32557 
_refine.ls_number_reflns_all                     133370 
_refine.pdbx_ls_sigma_I                          0 
_refine.pdbx_ls_sigma_F                          0 
_refine.pdbx_data_cutoff_high_absF               ? 
_refine.pdbx_data_cutoff_low_absF                ? 
_refine.ls_d_res_low                             5 
_refine.ls_d_res_high                            1.4 
_refine.ls_percent_reflns_obs                    ? 
_refine.ls_R_factor_obs                          0.16 
_refine.ls_R_factor_all                          0.16 
_refine.ls_R_factor_R_work                       0.1605 
_refine.ls_R_factor_R_free                       0.1996 
_refine.ls_R_factor_R_free_error                 ? 
_refine.ls_R_factor_R_free_error_details         ? 
_refine.ls_percent_reflns_R_free                 ? 
_refine.ls_number_reflns_R_free                  3072 
_refine.ls_number_parameters                     ? 
_refine.ls_number_restraints                     ? 
_refine.occupancy_min                            ? 
_refine.occupancy_max                            ? 
_refine.B_iso_mean                               ? 
_refine.aniso_B[1][1]                            ? 
_refine.aniso_B[2][2]                            ? 
_refine.aniso_B[3][3]                            ? 
_refine.aniso_B[1][2]                            ? 
_refine.aniso_B[1][3]                            ? 
_refine.aniso_B[2][3]                            ? 
_refine.solvent_model_details                    ? 
_refine.solvent_model_param_ksol                 ? 
_refine.solvent_model_param_bsol                 ? 
_refine.pdbx_ls_cross_valid_method               ? 
_refine.details                                  ? 
_refine.pdbx_starting_model                      ? 
_refine.pdbx_method_to_determine_struct          ? 
_refine.pdbx_isotropic_thermal_model             ? 
_refine.pdbx_stereochemistry_target_values       'Engh & Huber' 
_refine.pdbx_stereochem_target_val_spec_case     ? 
_refine.pdbx_R_Free_selection_details            Random 
_refine.pdbx_overall_ESU_R_Free                  ? 
_refine.overall_SU_B                             ? 
_refine.ls_redundancy_reflns_obs                 ? 
_refine.B_iso_min                                ? 
_refine.B_iso_max                                ? 
_refine.overall_SU_ML                            ? 
_refine.pdbx_overall_ESU_R                       ? 
_refine.pdbx_data_cutoff_high_rms_absF           ? 
_refine.pdbx_refine_id                           'X-RAY DIFFRACTION' 
_refine.pdbx_diffrn_id                           1 
_refine.pdbx_TLS_residual_ADP_flag               ? 
_refine.correlation_coeff_Fo_to_Fc               ? 
_refine.correlation_coeff_Fo_to_Fc_free          ? 
_refine.pdbx_solvent_vdw_probe_radii             ? 
_refine.pdbx_solvent_ion_probe_radii             ? 
_refine.pdbx_solvent_shrinkage_radii             ? 
_refine.pdbx_overall_phase_error                 ? 
_refine.overall_SU_R_Cruickshank_DPI             ? 
_refine.pdbx_overall_SU_R_free_Cruickshank_DPI   ? 
_refine.pdbx_overall_SU_R_Blow_DPI               ? 
_refine.pdbx_overall_SU_R_free_Blow_DPI          ? 
# 
_refine_hist.pdbx_refine_id                   'X-RAY DIFFRACTION' 
_refine_hist.cycle_id                         LAST 
_refine_hist.pdbx_number_atoms_protein        1106 
_refine_hist.pdbx_number_atoms_nucleic_acid   0 
_refine_hist.pdbx_number_atoms_ligand         0 
_refine_hist.number_atoms_solvent             0 
_refine_hist.number_atoms_total               1106 
_refine_hist.d_res_high                       1.4 
_refine_hist.d_res_low                        5 
# 
loop_
_refine_ls_restr.type 
_refine_ls_restr.dev_ideal 
_refine_ls_restr.dev_ideal_target 
_refine_ls_restr.weight 
_refine_ls_restr.number 
_refine_ls_restr.pdbx_refine_id 
_refine_ls_restr.pdbx_restraint_function 
s_bond_d  0.011 ? ? ? 'X-RAY DIFFRACTION' ? 
s_angle_d 2.154 ? ? ? 'X-RAY DIFFRACTION' ? 
# 
_struct.entry_id                  1EZG 
_struct.title                     'CRYSTAL STRUCTURE OF ANTIFREEZE PROTEIN FROM THE BEETLE, TENEBRIO MOLITOR' 
_struct.pdbx_model_details        ? 
_struct.pdbx_CASP_flag            ? 
_struct.pdbx_model_type_details   ? 
# 
_struct_keywords.entry_id        1EZG 
_struct_keywords.pdbx_keywords   'ANTIFREEZE PROTEIN' 
_struct_keywords.text            
'insect antifreeze protein, thermal hysteresis, Tenebrio molitor, iodination, right-handed beta-helix, TmAFP, ANTIFREEZE PROTEIN' 
# 
loop_
_struct_asym.id 
_struct_asym.pdbx_blank_PDB_chainid_flag 
_struct_asym.pdbx_modified 
_struct_asym.entity_id 
_struct_asym.details 
A N N 1 ? 
B N N 1 ? 
# 
_struct_ref.id                         1 
_struct_ref.db_code                    O16119_TENMO 
_struct_ref.db_name                    UNP 
_struct_ref.entity_id                  1 
_struct_ref.pdbx_db_accession          O16119 
_struct_ref.pdbx_align_begin           29 
_struct_ref.pdbx_seq_one_letter_code   
;QCTGGADCTSCTGACTGCGNCPNAVTCTNSQHCVKANTCTGSTDCNTAQTCTNSKDCFEANTCTDSTNCYKATACTNSSG
CPGH
;
_struct_ref.pdbx_db_isoform            ? 
# 
loop_
_struct_ref_seq.align_id 
_struct_ref_seq.ref_id 
_struct_ref_seq.pdbx_PDB_id_code 
_struct_ref_seq.pdbx_strand_id 
_struct_ref_seq.seq_align_beg 
_struct_ref_seq.pdbx_seq_align_beg_ins_code 
_struct_ref_seq.seq_align_end 
_struct_ref_seq.pdbx_seq_align_end_ins_code 
_struct_ref_seq.pdbx_db_accession 
_struct_ref_seq.db_align_beg 
_struct_ref_seq.pdbx_db_align_beg_ins_code 
_struct_ref_seq.db_align_end 
_struct_ref_seq.pdbx_db_align_end_ins_code 
_struct_ref_seq.pdbx_auth_seq_align_beg 
_struct_ref_seq.pdbx_auth_seq_align_end 
1 1 1EZG A 1 ? 84 ? O16119 29 ? 112 ? 2 85 
2 1 1EZG B 1 ? 84 ? O16119 29 ? 112 ? 2 85 
# 
_pdbx_struct_assembly.id                   1 
_pdbx_struct_assembly.details              author_and_software_defined_assembly 
_pdbx_struct_assembly.method_details       PISA 
_pdbx_struct_assembly.oligomeric_details   dimeric 
_pdbx_struct_assembly.oligomeric_count     2 
# 
loop_
_pdbx_struct_assembly_prop.biol_id 
_pdbx_struct_assembly_prop.type 
_pdbx_struct_assembly_prop.value 
_pdbx_struct_assembly_prop.details 
1 'ABSA (A^2)' 1060 ? 
1 MORE         -8   ? 
1 'SSA (A^2)'  6820 ? 
# 
_pdbx_struct_assembly_gen.assembly_id       1 
_pdbx_struct_assembly_gen.oper_expression   1 
_pdbx_struct_assembly_gen.asym_id_list      A,B 
# 
_pdbx_struct_oper_list.id                   1 
_pdbx_struct_oper_list.type                 'identity operation' 
_pdbx_struct_oper_list.name                 1_555 
_pdbx_struct_oper_list.symmetry_operation   x,y,z 
_pdbx_struct_oper_list.matrix[1][1]         1.0000000000 
_pdbx_struct_oper_list.matrix[1][2]         0.0000000000 
_pdbx_struct_oper_list.matrix[1][3]         0.0000000000 
_pdbx_struct_oper_list.vector[1]            0.0000000000 
_pdbx_struct_oper_list.matrix[2][1]         0.0000000000 
_pdbx_struct_oper_list.matrix[2][2]         1.0000000000 
_pdbx_struct_oper_list.matrix[2][3]         0.0000000000 
_pdbx_struct_oper_list.vector[2]            0.0000000000 
_pdbx_struct_oper_list.matrix[3][1]         0.0000000000 
_pdbx_struct_oper_list.matrix[3][2]         0.0000000000 
_pdbx_struct_oper_list.matrix[3][3]         1.0000000000 
_pdbx_struct_oper_list.vector[3]            0.0000000000 
# 
_struct_biol.id                    1 
_struct_biol.details               'In solution, it is monomer. But it is a dimer in crystal.' 
_struct_biol.pdbx_parent_biol_id   ? 
# 
loop_
_struct_conn.id 
_struct_conn.conn_type_id 
_struct_conn.pdbx_leaving_atom_flag 
_struct_conn.pdbx_PDB_id 
_struct_conn.ptnr1_label_asym_id 
_struct_conn.ptnr1_label_comp_id 
_struct_conn.ptnr1_label_seq_id 
_struct_conn.ptnr1_label_atom_id 
_struct_conn.pdbx_ptnr1_label_alt_id 
_struct_conn.pdbx_ptnr1_PDB_ins_code 
_struct_conn.pdbx_ptnr1_standard_comp_id 
_struct_conn.ptnr1_symmetry 
_struct_conn.ptnr2_label_asym_id 
_struct_conn.ptnr2_label_comp_id 
_struct_conn.ptnr2_label_seq_id 
_struct_conn.ptnr2_label_atom_id 
_struct_conn.pdbx_ptnr2_label_alt_id 
_struct_conn.pdbx_ptnr2_PDB_ins_code 
_struct_conn.ptnr1_auth_asym_id 
_struct_conn.ptnr1_auth_comp_id 
_struct_conn.ptnr1_auth_seq_id 
_struct_conn.ptnr2_auth_asym_id 
_struct_conn.ptnr2_auth_comp_id 
_struct_conn.ptnr2_auth_seq_id 
_struct_conn.ptnr2_symmetry 
_struct_conn.pdbx_ptnr3_label_atom_id 
_struct_conn.pdbx_ptnr3_label_seq_id 
_struct_conn.pdbx_ptnr3_label_comp_id 
_struct_conn.pdbx_ptnr3_label_asym_id 
_struct_conn.pdbx_ptnr3_label_alt_id 
_struct_conn.pdbx_ptnr3_PDB_ins_code 
_struct_conn.details 
_struct_conn.pdbx_dist_value 
_struct_conn.pdbx_value_order 
_struct_conn.pdbx_role 
disulf1  disulf ? ? A CYS 2  SG ? ? ? 1_555 A CYS 11 SG ? ? A CYS 3  A CYS 12 1_555 ? ? ? ? ? ? ? 2.018 ? ? 
disulf2  disulf ? ? A CYS 8  SG ? ? ? 1_555 A CYS 18 SG ? ? A CYS 9  A CYS 19 1_555 ? ? ? ? ? ? ? 2.043 ? ? 
disulf3  disulf ? ? A CYS 15 SG ? ? ? 1_555 A CYS 21 SG ? ? A CYS 16 A CYS 22 1_555 ? ? ? ? ? ? ? 2.055 ? ? 
disulf4  disulf ? ? A CYS 27 SG ? ? ? 1_555 A CYS 33 SG ? ? A CYS 28 A CYS 34 1_555 ? ? ? ? ? ? ? 2.059 ? ? 
disulf5  disulf ? ? A CYS 39 SG ? ? ? 1_555 A CYS 45 SG ? ? A CYS 40 A CYS 46 1_555 ? ? ? ? ? ? ? 2.039 ? ? 
disulf6  disulf ? ? A CYS 51 SG ? ? ? 1_555 A CYS 57 SG ? ? A CYS 52 A CYS 58 1_555 ? ? ? ? ? ? ? 2.045 ? ? 
disulf7  disulf ? ? A CYS 63 SG ? ? ? 1_555 A CYS 69 SG ? ? A CYS 64 A CYS 70 1_555 ? ? ? ? ? ? ? 2.008 ? ? 
disulf8  disulf ? ? A CYS 75 SG ? ? ? 1_555 A CYS 81 SG ? ? A CYS 76 A CYS 82 1_555 ? ? ? ? ? ? ? 2.032 ? ? 
disulf9  disulf ? ? B CYS 2  SG ? ? ? 1_555 B CYS 11 SG ? ? B CYS 3  B CYS 12 1_555 ? ? ? ? ? ? ? 2.079 ? ? 
disulf10 disulf ? ? B CYS 8  SG ? ? ? 1_555 B CYS 18 SG ? ? B CYS 9  B CYS 19 1_555 ? ? ? ? ? ? ? 2.022 ? ? 
disulf11 disulf ? ? B CYS 15 SG ? ? ? 1_555 B CYS 21 SG ? ? B CYS 16 B CYS 22 1_555 ? ? ? ? ? ? ? 2.045 ? ? 
disulf12 disulf ? ? B CYS 27 SG ? ? ? 1_555 B CYS 33 SG ? ? B CYS 28 B CYS 34 1_555 ? ? ? ? ? ? ? 2.051 ? ? 
disulf13 disulf ? ? B CYS 39 SG ? ? ? 1_555 B CYS 45 SG ? ? B CYS 40 B CYS 46 1_555 ? ? ? ? ? ? ? 2.047 ? ? 
disulf14 disulf ? ? B CYS 51 SG ? ? ? 1_555 B CYS 57 SG ? ? B CYS 52 B CYS 58 1_555 ? ? ? ? ? ? ? 2.038 ? ? 
disulf15 disulf ? ? B CYS 63 SG ? ? ? 1_555 B CYS 69 SG ? ? B CYS 64 B CYS 70 1_555 ? ? ? ? ? ? ? 2.051 ? ? 
disulf16 disulf ? ? B CYS 75 SG ? ? ? 1_555 B CYS 81 SG ? ? B CYS 76 B CYS 82 1_555 ? ? ? ? ? ? ? 2.029 ? ? 
# 
_struct_conn_type.id          disulf 
_struct_conn_type.criteria    ? 
_struct_conn_type.reference   ? 
# 
loop_
_pdbx_modification_feature.ordinal 
_pdbx_modification_feature.label_comp_id 
_pdbx_modification_feature.label_asym_id 
_pdbx_modification_feature.label_seq_id 
_pdbx_modification_feature.label_alt_id 
_pdbx_modification_feature.modified_residue_label_comp_id 
_pdbx_modification_feature.modified_residue_label_asym_id 
_pdbx_modification_feature.modified_residue_label_seq_id 
_pdbx_modification_feature.modified_residue_label_alt_id 
_pdbx_modification_feature.auth_comp_id 
_pdbx_modification_feature.auth_asym_id 
_pdbx_modification_feature.auth_seq_id 
_pdbx_modification_feature.PDB_ins_code 
_pdbx_modification_feature.symmetry 
_pdbx_modification_feature.modified_residue_auth_comp_id 
_pdbx_modification_feature.modified_residue_auth_asym_id 
_pdbx_modification_feature.modified_residue_auth_seq_id 
_pdbx_modification_feature.modified_residue_PDB_ins_code 
_pdbx_modification_feature.modified_residue_symmetry 
_pdbx_modification_feature.comp_id_linking_atom 
_pdbx_modification_feature.modified_residue_id_linking_atom 
_pdbx_modification_feature.modified_residue_id 
_pdbx_modification_feature.ref_pcm_id 
_pdbx_modification_feature.ref_comp_id 
_pdbx_modification_feature.type 
_pdbx_modification_feature.category 
1  CYS A 2  ? CYS A 11 ? CYS A 3  ? 1_555 CYS A 12 ? 1_555 SG SG . . . None 'Disulfide bridge' 
2  CYS A 8  ? CYS A 18 ? CYS A 9  ? 1_555 CYS A 19 ? 1_555 SG SG . . . None 'Disulfide bridge' 
3  CYS A 15 ? CYS A 21 ? CYS A 16 ? 1_555 CYS A 22 ? 1_555 SG SG . . . None 'Disulfide bridge' 
4  CYS A 27 ? CYS A 33 ? CYS A 28 ? 1_555 CYS A 34 ? 1_555 SG SG . . . None 'Disulfide bridge' 
5  CYS A 39 ? CYS A 45 ? CYS A 40 ? 1_555 CYS A 46 ? 1_555 SG SG . . . None 'Disulfide bridge' 
6  CYS A 51 ? CYS A 57 ? CYS A 52 ? 1_555 CYS A 58 ? 1_555 SG SG . . . None 'Disulfide bridge' 
7  CYS A 63 ? CYS A 69 ? CYS A 64 ? 1_555 CYS A 70 ? 1_555 SG SG . . . None 'Disulfide bridge' 
8  CYS A 75 ? CYS A 81 ? CYS A 76 ? 1_555 CYS A 82 ? 1_555 SG SG . . . None 'Disulfide bridge' 
9  CYS B 2  ? CYS B 11 ? CYS B 3  ? 1_555 CYS B 12 ? 1_555 SG SG . . . None 'Disulfide bridge' 
10 CYS B 8  ? CYS B 18 ? CYS B 9  ? 1_555 CYS B 19 ? 1_555 SG SG . . . None 'Disulfide bridge' 
11 CYS B 15 ? CYS B 21 ? CYS B 16 ? 1_555 CYS B 22 ? 1_555 SG SG . . . None 'Disulfide bridge' 
12 CYS B 27 ? CYS B 33 ? CYS B 28 ? 1_555 CYS B 34 ? 1_555 SG SG . . . None 'Disulfide bridge' 
13 CYS B 39 ? CYS B 45 ? CYS B 40 ? 1_555 CYS B 46 ? 1_555 SG SG . . . None 'Disulfide bridge' 
14 CYS B 51 ? CYS B 57 ? CYS B 52 ? 1_555 CYS B 58 ? 1_555 SG SG . . . None 'Disulfide bridge' 
15 CYS B 63 ? CYS B 69 ? CYS B 64 ? 1_555 CYS B 70 ? 1_555 SG SG . . . None 'Disulfide bridge' 
16 CYS B 75 ? CYS B 81 ? CYS B 76 ? 1_555 CYS B 82 ? 1_555 SG SG . . . None 'Disulfide bridge' 
# 
loop_
_struct_sheet.id 
_struct_sheet.type 
_struct_sheet.number_strands 
_struct_sheet.details 
A ? 6 ? 
B ? 6 ? 
# 
loop_
_struct_sheet_order.sheet_id 
_struct_sheet_order.range_id_1 
_struct_sheet_order.range_id_2 
_struct_sheet_order.offset 
_struct_sheet_order.sense 
A 1 2 ? parallel 
A 2 3 ? parallel 
A 3 4 ? parallel 
A 4 5 ? parallel 
A 5 6 ? parallel 
B 1 2 ? parallel 
B 2 3 ? parallel 
B 3 4 ? parallel 
B 4 5 ? parallel 
B 5 6 ? parallel 
# 
loop_
_struct_sheet_range.sheet_id 
_struct_sheet_range.id 
_struct_sheet_range.beg_label_comp_id 
_struct_sheet_range.beg_label_asym_id 
_struct_sheet_range.beg_label_seq_id 
_struct_sheet_range.pdbx_beg_PDB_ins_code 
_struct_sheet_range.end_label_comp_id 
_struct_sheet_range.end_label_asym_id 
_struct_sheet_range.end_label_seq_id 
_struct_sheet_range.pdbx_end_PDB_ins_code 
_struct_sheet_range.beg_auth_comp_id 
_struct_sheet_range.beg_auth_asym_id 
_struct_sheet_range.beg_auth_seq_id 
_struct_sheet_range.end_auth_comp_id 
_struct_sheet_range.end_auth_asym_id 
_struct_sheet_range.end_auth_seq_id 
A 1 ALA A 14 ? THR A 16 ? ALA A 15 THR A 17 
A 2 THR A 26 ? THR A 28 ? THR A 27 THR A 29 
A 3 THR A 38 ? THR A 40 ? THR A 39 THR A 41 
A 4 THR A 50 ? THR A 52 ? THR A 51 THR A 53 
A 5 THR A 62 ? THR A 64 ? THR A 63 THR A 65 
A 6 ALA A 74 ? THR A 76 ? ALA A 75 THR A 77 
B 1 ALA B 14 ? THR B 16 ? ALA B 15 THR B 17 
B 2 THR B 26 ? THR B 28 ? THR B 27 THR B 29 
B 3 THR B 38 ? THR B 40 ? THR B 39 THR B 41 
B 4 THR B 50 ? THR B 52 ? THR B 51 THR B 53 
B 5 THR B 62 ? THR B 64 ? THR B 63 THR B 65 
B 6 ALA B 74 ? THR B 76 ? ALA B 75 THR B 77 
# 
loop_
_pdbx_struct_sheet_hbond.sheet_id 
_pdbx_struct_sheet_hbond.range_id_1 
_pdbx_struct_sheet_hbond.range_id_2 
_pdbx_struct_sheet_hbond.range_1_label_atom_id 
_pdbx_struct_sheet_hbond.range_1_label_comp_id 
_pdbx_struct_sheet_hbond.range_1_label_asym_id 
_pdbx_struct_sheet_hbond.range_1_label_seq_id 
_pdbx_struct_sheet_hbond.range_1_PDB_ins_code 
_pdbx_struct_sheet_hbond.range_1_auth_atom_id 
_pdbx_struct_sheet_hbond.range_1_auth_comp_id 
_pdbx_struct_sheet_hbond.range_1_auth_asym_id 
_pdbx_struct_sheet_hbond.range_1_auth_seq_id 
_pdbx_struct_sheet_hbond.range_2_label_atom_id 
_pdbx_struct_sheet_hbond.range_2_label_comp_id 
_pdbx_struct_sheet_hbond.range_2_label_asym_id 
_pdbx_struct_sheet_hbond.range_2_label_seq_id 
_pdbx_struct_sheet_hbond.range_2_PDB_ins_code 
_pdbx_struct_sheet_hbond.range_2_auth_atom_id 
_pdbx_struct_sheet_hbond.range_2_auth_comp_id 
_pdbx_struct_sheet_hbond.range_2_auth_asym_id 
_pdbx_struct_sheet_hbond.range_2_auth_seq_id 
A 1 2 N CYS A 15 ? N CYS A 16 O THR A 26 ? O THR A 27 
A 2 3 N CYS A 27 ? N CYS A 28 O THR A 38 ? O THR A 39 
A 3 4 N CYS A 39 ? N CYS A 40 O THR A 50 ? O THR A 51 
A 4 5 N CYS A 51 ? N CYS A 52 O THR A 62 ? O THR A 63 
A 5 6 N CYS A 63 ? N CYS A 64 O ALA A 74 ? O ALA A 75 
B 1 2 N CYS B 15 ? N CYS B 16 O THR B 26 ? O THR B 27 
B 2 3 N CYS B 27 ? N CYS B 28 O THR B 38 ? O THR B 39 
B 3 4 N CYS B 39 ? N CYS B 40 O THR B 50 ? O THR B 51 
B 4 5 N CYS B 51 ? N CYS B 52 O THR B 62 ? O THR B 63 
B 5 6 N CYS B 63 ? N CYS B 64 O ALA B 74 ? O ALA B 75 
# 
_pdbx_entry_details.entry_id                   1EZG 
_pdbx_entry_details.compound_details           ? 
_pdbx_entry_details.source_details             ? 
_pdbx_entry_details.nonpolymer_details         ? 
_pdbx_entry_details.sequence_details           ? 
_pdbx_entry_details.has_ligand_of_interest     ? 
_pdbx_entry_details.has_protein_modification   Y 
# 
_pdbx_validate_rmsd_angle.id                         1 
_pdbx_validate_rmsd_angle.PDB_model_num              1 
_pdbx_validate_rmsd_angle.auth_atom_id_1             CB 
_pdbx_validate_rmsd_angle.auth_asym_id_1             B 
_pdbx_validate_rmsd_angle.auth_comp_id_1             ASP 
_pdbx_validate_rmsd_angle.auth_seq_id_1              45 
_pdbx_validate_rmsd_angle.PDB_ins_code_1             ? 
_pdbx_validate_rmsd_angle.label_alt_id_1             ? 
_pdbx_validate_rmsd_angle.auth_atom_id_2             CG 
_pdbx_validate_rmsd_angle.auth_asym_id_2             B 
_pdbx_validate_rmsd_angle.auth_comp_id_2             ASP 
_pdbx_validate_rmsd_angle.auth_seq_id_2              45 
_pdbx_validate_rmsd_angle.PDB_ins_code_2             ? 
_pdbx_validate_rmsd_angle.label_alt_id_2             ? 
_pdbx_validate_rmsd_angle.auth_atom_id_3             OD1 
_pdbx_validate_rmsd_angle.auth_asym_id_3             B 
_pdbx_validate_rmsd_angle.auth_comp_id_3             ASP 
_pdbx_validate_rmsd_angle.auth_seq_id_3              45 
_pdbx_validate_rmsd_angle.PDB_ins_code_3             ? 
_pdbx_validate_rmsd_angle.label_alt_id_3             ? 
_pdbx_validate_rmsd_angle.angle_value                125.07 
_pdbx_validate_rmsd_angle.angle_target_value         118.30 
_pdbx_validate_rmsd_angle.angle_deviation            6.77 
_pdbx_validate_rmsd_angle.angle_standard_deviation   0.90 
_pdbx_validate_rmsd_angle.linker_flag                N 
# 
loop_
_pdbx_validate_torsion.id 
_pdbx_validate_torsion.PDB_model_num 
_pdbx_validate_torsion.auth_comp_id 
_pdbx_validate_torsion.auth_asym_id 
_pdbx_validate_torsion.auth_seq_id 
_pdbx_validate_torsion.PDB_ins_code 
_pdbx_validate_torsion.label_alt_id 
_pdbx_validate_torsion.phi 
_pdbx_validate_torsion.psi 
1 1 ASN B 21 ? ? -163.77 101.87 
2 1 CYS B 34 ? ? -90.14  57.72  
# 
loop_
_pdbx_unobs_or_zero_occ_residues.id 
_pdbx_unobs_or_zero_occ_residues.PDB_model_num 
_pdbx_unobs_or_zero_occ_residues.polymer_flag 
_pdbx_unobs_or_zero_occ_residues.occupancy_flag 
_pdbx_unobs_or_zero_occ_residues.auth_asym_id 
_pdbx_unobs_or_zero_occ_residues.auth_comp_id 
_pdbx_unobs_or_zero_occ_residues.auth_seq_id 
_pdbx_unobs_or_zero_occ_residues.PDB_ins_code 
_pdbx_unobs_or_zero_occ_residues.label_asym_id 
_pdbx_unobs_or_zero_occ_residues.label_comp_id 
_pdbx_unobs_or_zero_occ_residues.label_seq_id 
1 1 Y 1 A GLY 84 ? A GLY 83 
2 1 Y 1 A HIS 85 ? A HIS 84 
3 1 Y 1 B GLY 84 ? B GLY 83 
4 1 Y 1 B HIS 85 ? B HIS 84 
# 
loop_
_chem_comp_atom.comp_id 
_chem_comp_atom.atom_id 
_chem_comp_atom.type_symbol 
_chem_comp_atom.pdbx_aromatic_flag 
_chem_comp_atom.pdbx_stereo_config 
_chem_comp_atom.pdbx_ordinal 
ALA N    N N N 1   
ALA CA   C N S 2   
ALA C    C N N 3   
ALA O    O N N 4   
ALA CB   C N N 5   
ALA OXT  O N N 6   
ALA H    H N N 7   
ALA H2   H N N 8   
ALA HA   H N N 9   
ALA HB1  H N N 10  
ALA HB2  H N N 11  
ALA HB3  H N N 12  
ALA HXT  H N N 13  
ASN N    N N N 14  
ASN CA   C N S 15  
ASN C    C N N 16  
ASN O    O N N 17  
ASN CB   C N N 18  
ASN CG   C N N 19  
ASN OD1  O N N 20  
ASN ND2  N N N 21  
ASN OXT  O N N 22  
ASN H    H N N 23  
ASN H2   H N N 24  
ASN HA   H N N 25  
ASN HB2  H N N 26  
ASN HB3  H N N 27  
ASN HD21 H N N 28  
ASN HD22 H N N 29  
ASN HXT  H N N 30  
ASP N    N N N 31  
ASP CA   C N S 32  
ASP C    C N N 33  
ASP O    O N N 34  
ASP CB   C N N 35  
ASP CG   C N N 36  
ASP OD1  O N N 37  
ASP OD2  O N N 38  
ASP OXT  O N N 39  
ASP H    H N N 40  
ASP H2   H N N 41  
ASP HA   H N N 42  
ASP HB2  H N N 43  
ASP HB3  H N N 44  
ASP HD2  H N N 45  
ASP HXT  H N N 46  
CYS N    N N N 47  
CYS CA   C N R 48  
CYS C    C N N 49  
CYS O    O N N 50  
CYS CB   C N N 51  
CYS SG   S N N 52  
CYS OXT  O N N 53  
CYS H    H N N 54  
CYS H2   H N N 55  
CYS HA   H N N 56  
CYS HB2  H N N 57  
CYS HB3  H N N 58  
CYS HG   H N N 59  
CYS HXT  H N N 60  
GLN N    N N N 61  
GLN CA   C N S 62  
GLN C    C N N 63  
GLN O    O N N 64  
GLN CB   C N N 65  
GLN CG   C N N 66  
GLN CD   C N N 67  
GLN OE1  O N N 68  
GLN NE2  N N N 69  
GLN OXT  O N N 70  
GLN H    H N N 71  
GLN H2   H N N 72  
GLN HA   H N N 73  
GLN HB2  H N N 74  
GLN HB3  H N N 75  
GLN HG2  H N N 76  
GLN HG3  H N N 77  
GLN HE21 H N N 78  
GLN HE22 H N N 79  
GLN HXT  H N N 80  
GLU N    N N N 81  
GLU CA   C N S 82  
GLU C    C N N 83  
GLU O    O N N 84  
GLU CB   C N N 85  
GLU CG   C N N 86  
GLU CD   C N N 87  
GLU OE1  O N N 88  
GLU OE2  O N N 89  
GLU OXT  O N N 90  
GLU H    H N N 91  
GLU H2   H N N 92  
GLU HA   H N N 93  
GLU HB2  H N N 94  
GLU HB3  H N N 95  
GLU HG2  H N N 96  
GLU HG3  H N N 97  
GLU HE2  H N N 98  
GLU HXT  H N N 99  
GLY N    N N N 100 
GLY CA   C N N 101 
GLY C    C N N 102 
GLY O    O N N 103 
GLY OXT  O N N 104 
GLY H    H N N 105 
GLY H2   H N N 106 
GLY HA2  H N N 107 
GLY HA3  H N N 108 
GLY HXT  H N N 109 
HIS N    N N N 110 
HIS CA   C N S 111 
HIS C    C N N 112 
HIS O    O N N 113 
HIS CB   C N N 114 
HIS CG   C Y N 115 
HIS ND1  N Y N 116 
HIS CD2  C Y N 117 
HIS CE1  C Y N 118 
HIS NE2  N Y N 119 
HIS OXT  O N N 120 
HIS H    H N N 121 
HIS H2   H N N 122 
HIS HA   H N N 123 
HIS HB2  H N N 124 
HIS HB3  H N N 125 
HIS HD1  H N N 126 
HIS HD2  H N N 127 
HIS HE1  H N N 128 
HIS HE2  H N N 129 
HIS HXT  H N N 130 
LYS N    N N N 131 
LYS CA   C N S 132 
LYS C    C N N 133 
LYS O    O N N 134 
LYS CB   C N N 135 
LYS CG   C N N 136 
LYS CD   C N N 137 
LYS CE   C N N 138 
LYS NZ   N N N 139 
LYS OXT  O N N 140 
LYS H    H N N 141 
LYS H2   H N N 142 
LYS HA   H N N 143 
LYS HB2  H N N 144 
LYS HB3  H N N 145 
LYS HG2  H N N 146 
LYS HG3  H N N 147 
LYS HD2  H N N 148 
LYS HD3  H N N 149 
LYS HE2  H N N 150 
LYS HE3  H N N 151 
LYS HZ1  H N N 152 
LYS HZ2  H N N 153 
LYS HZ3  H N N 154 
LYS HXT  H N N 155 
PHE N    N N N 156 
PHE CA   C N S 157 
PHE C    C N N 158 
PHE O    O N N 159 
PHE CB   C N N 160 
PHE CG   C Y N 161 
PHE CD1  C Y N 162 
PHE CD2  C Y N 163 
PHE CE1  C Y N 164 
PHE CE2  C Y N 165 
PHE CZ   C Y N 166 
PHE OXT  O N N 167 
PHE H    H N N 168 
PHE H2   H N N 169 
PHE HA   H N N 170 
PHE HB2  H N N 171 
PHE HB3  H N N 172 
PHE HD1  H N N 173 
PHE HD2  H N N 174 
PHE HE1  H N N 175 
PHE HE2  H N N 176 
PHE HZ   H N N 177 
PHE HXT  H N N 178 
PRO N    N N N 179 
PRO CA   C N S 180 
PRO C    C N N 181 
PRO O    O N N 182 
PRO CB   C N N 183 
PRO CG   C N N 184 
PRO CD   C N N 185 
PRO OXT  O N N 186 
PRO H    H N N 187 
PRO HA   H N N 188 
PRO HB2  H N N 189 
PRO HB3  H N N 190 
PRO HG2  H N N 191 
PRO HG3  H N N 192 
PRO HD2  H N N 193 
PRO HD3  H N N 194 
PRO HXT  H N N 195 
SER N    N N N 196 
SER CA   C N S 197 
SER C    C N N 198 
SER O    O N N 199 
SER CB   C N N 200 
SER OG   O N N 201 
SER OXT  O N N 202 
SER H    H N N 203 
SER H2   H N N 204 
SER HA   H N N 205 
SER HB2  H N N 206 
SER HB3  H N N 207 
SER HG   H N N 208 
SER HXT  H N N 209 
THR N    N N N 210 
THR CA   C N S 211 
THR C    C N N 212 
THR O    O N N 213 
THR CB   C N R 214 
THR OG1  O N N 215 
THR CG2  C N N 216 
THR OXT  O N N 217 
THR H    H N N 218 
THR H2   H N N 219 
THR HA   H N N 220 
THR HB   H N N 221 
THR HG1  H N N 222 
THR HG21 H N N 223 
THR HG22 H N N 224 
THR HG23 H N N 225 
THR HXT  H N N 226 
TYR N    N N N 227 
TYR CA   C N S 228 
TYR C    C N N 229 
TYR O    O N N 230 
TYR CB   C N N 231 
TYR CG   C Y N 232 
TYR CD1  C Y N 233 
TYR CD2  C Y N 234 
TYR CE1  C Y N 235 
TYR CE2  C Y N 236 
TYR CZ   C Y N 237 
TYR OH   O N N 238 
TYR OXT  O N N 239 
TYR H    H N N 240 
TYR H2   H N N 241 
TYR HA   H N N 242 
TYR HB2  H N N 243 
TYR HB3  H N N 244 
TYR HD1  H N N 245 
TYR HD2  H N N 246 
TYR HE1  H N N 247 
TYR HE2  H N N 248 
TYR HH   H N N 249 
TYR HXT  H N N 250 
VAL N    N N N 251 
VAL CA   C N S 252 
VAL C    C N N 253 
VAL O    O N N 254 
VAL CB   C N N 255 
VAL CG1  C N N 256 
VAL CG2  C N N 257 
VAL OXT  O N N 258 
VAL H    H N N 259 
VAL H2   H N N 260 
VAL HA   H N N 261 
VAL HB   H N N 262 
VAL HG11 H N N 263 
VAL HG12 H N N 264 
VAL HG13 H N N 265 
VAL HG21 H N N 266 
VAL HG22 H N N 267 
VAL HG23 H N N 268 
VAL HXT  H N N 269 
# 
loop_
_chem_comp_bond.comp_id 
_chem_comp_bond.atom_id_1 
_chem_comp_bond.atom_id_2 
_chem_comp_bond.value_order 
_chem_comp_bond.pdbx_aromatic_flag 
_chem_comp_bond.pdbx_stereo_config 
_chem_comp_bond.pdbx_ordinal 
ALA N   CA   sing N N 1   
ALA N   H    sing N N 2   
ALA N   H2   sing N N 3   
ALA CA  C    sing N N 4   
ALA CA  CB   sing N N 5   
ALA CA  HA   sing N N 6   
ALA C   O    doub N N 7   
ALA C   OXT  sing N N 8   
ALA CB  HB1  sing N N 9   
ALA CB  HB2  sing N N 10  
ALA CB  HB3  sing N N 11  
ALA OXT HXT  sing N N 12  
ASN N   CA   sing N N 13  
ASN N   H    sing N N 14  
ASN N   H2   sing N N 15  
ASN CA  C    sing N N 16  
ASN CA  CB   sing N N 17  
ASN CA  HA   sing N N 18  
ASN C   O    doub N N 19  
ASN C   OXT  sing N N 20  
ASN CB  CG   sing N N 21  
ASN CB  HB2  sing N N 22  
ASN CB  HB3  sing N N 23  
ASN CG  OD1  doub N N 24  
ASN CG  ND2  sing N N 25  
ASN ND2 HD21 sing N N 26  
ASN ND2 HD22 sing N N 27  
ASN OXT HXT  sing N N 28  
ASP N   CA   sing N N 29  
ASP N   H    sing N N 30  
ASP N   H2   sing N N 31  
ASP CA  C    sing N N 32  
ASP CA  CB   sing N N 33  
ASP CA  HA   sing N N 34  
ASP C   O    doub N N 35  
ASP C   OXT  sing N N 36  
ASP CB  CG   sing N N 37  
ASP CB  HB2  sing N N 38  
ASP CB  HB3  sing N N 39  
ASP CG  OD1  doub N N 40  
ASP CG  OD2  sing N N 41  
ASP OD2 HD2  sing N N 42  
ASP OXT HXT  sing N N 43  
CYS N   CA   sing N N 44  
CYS N   H    sing N N 45  
CYS N   H2   sing N N 46  
CYS CA  C    sing N N 47  
CYS CA  CB   sing N N 48  
CYS CA  HA   sing N N 49  
CYS C   O    doub N N 50  
CYS C   OXT  sing N N 51  
CYS CB  SG   sing N N 52  
CYS CB  HB2  sing N N 53  
CYS CB  HB3  sing N N 54  
CYS SG  HG   sing N N 55  
CYS OXT HXT  sing N N 56  
GLN N   CA   sing N N 57  
GLN N   H    sing N N 58  
GLN N   H2   sing N N 59  
GLN CA  C    sing N N 60  
GLN CA  CB   sing N N 61  
GLN CA  HA   sing N N 62  
GLN C   O    doub N N 63  
GLN C   OXT  sing N N 64  
GLN CB  CG   sing N N 65  
GLN CB  HB2  sing N N 66  
GLN CB  HB3  sing N N 67  
GLN CG  CD   sing N N 68  
GLN CG  HG2  sing N N 69  
GLN CG  HG3  sing N N 70  
GLN CD  OE1  doub N N 71  
GLN CD  NE2  sing N N 72  
GLN NE2 HE21 sing N N 73  
GLN NE2 HE22 sing N N 74  
GLN OXT HXT  sing N N 75  
GLU N   CA   sing N N 76  
GLU N   H    sing N N 77  
GLU N   H2   sing N N 78  
GLU CA  C    sing N N 79  
GLU CA  CB   sing N N 80  
GLU CA  HA   sing N N 81  
GLU C   O    doub N N 82  
GLU C   OXT  sing N N 83  
GLU CB  CG   sing N N 84  
GLU CB  HB2  sing N N 85  
GLU CB  HB3  sing N N 86  
GLU CG  CD   sing N N 87  
GLU CG  HG2  sing N N 88  
GLU CG  HG3  sing N N 89  
GLU CD  OE1  doub N N 90  
GLU CD  OE2  sing N N 91  
GLU OE2 HE2  sing N N 92  
GLU OXT HXT  sing N N 93  
GLY N   CA   sing N N 94  
GLY N   H    sing N N 95  
GLY N   H2   sing N N 96  
GLY CA  C    sing N N 97  
GLY CA  HA2  sing N N 98  
GLY CA  HA3  sing N N 99  
GLY C   O    doub N N 100 
GLY C   OXT  sing N N 101 
GLY OXT HXT  sing N N 102 
HIS N   CA   sing N N 103 
HIS N   H    sing N N 104 
HIS N   H2   sing N N 105 
HIS CA  C    sing N N 106 
HIS CA  CB   sing N N 107 
HIS CA  HA   sing N N 108 
HIS C   O    doub N N 109 
HIS C   OXT  sing N N 110 
HIS CB  CG   sing N N 111 
HIS CB  HB2  sing N N 112 
HIS CB  HB3  sing N N 113 
HIS CG  ND1  sing Y N 114 
HIS CG  CD2  doub Y N 115 
HIS ND1 CE1  doub Y N 116 
HIS ND1 HD1  sing N N 117 
HIS CD2 NE2  sing Y N 118 
HIS CD2 HD2  sing N N 119 
HIS CE1 NE2  sing Y N 120 
HIS CE1 HE1  sing N N 121 
HIS NE2 HE2  sing N N 122 
HIS OXT HXT  sing N N 123 
LYS N   CA   sing N N 124 
LYS N   H    sing N N 125 
LYS N   H2   sing N N 126 
LYS CA  C    sing N N 127 
LYS CA  CB   sing N N 128 
LYS CA  HA   sing N N 129 
LYS C   O    doub N N 130 
LYS C   OXT  sing N N 131 
LYS CB  CG   sing N N 132 
LYS CB  HB2  sing N N 133 
LYS CB  HB3  sing N N 134 
LYS CG  CD   sing N N 135 
LYS CG  HG2  sing N N 136 
LYS CG  HG3  sing N N 137 
LYS CD  CE   sing N N 138 
LYS CD  HD2  sing N N 139 
LYS CD  HD3  sing N N 140 
LYS CE  NZ   sing N N 141 
LYS CE  HE2  sing N N 142 
LYS CE  HE3  sing N N 143 
LYS NZ  HZ1  sing N N 144 
LYS NZ  HZ2  sing N N 145 
LYS NZ  HZ3  sing N N 146 
LYS OXT HXT  sing N N 147 
PHE N   CA   sing N N 148 
PHE N   H    sing N N 149 
PHE N   H2   sing N N 150 
PHE CA  C    sing N N 151 
PHE CA  CB   sing N N 152 
PHE CA  HA   sing N N 153 
PHE C   O    doub N N 154 
PHE C   OXT  sing N N 155 
PHE CB  CG   sing N N 156 
PHE CB  HB2  sing N N 157 
PHE CB  HB3  sing N N 158 
PHE CG  CD1  doub Y N 159 
PHE CG  CD2  sing Y N 160 
PHE CD1 CE1  sing Y N 161 
PHE CD1 HD1  sing N N 162 
PHE CD2 CE2  doub Y N 163 
PHE CD2 HD2  sing N N 164 
PHE CE1 CZ   doub Y N 165 
PHE CE1 HE1  sing N N 166 
PHE CE2 CZ   sing Y N 167 
PHE CE2 HE2  sing N N 168 
PHE CZ  HZ   sing N N 169 
PHE OXT HXT  sing N N 170 
PRO N   CA   sing N N 171 
PRO N   CD   sing N N 172 
PRO N   H    sing N N 173 
PRO CA  C    sing N N 174 
PRO CA  CB   sing N N 175 
PRO CA  HA   sing N N 176 
PRO C   O    doub N N 177 
PRO C   OXT  sing N N 178 
PRO CB  CG   sing N N 179 
PRO CB  HB2  sing N N 180 
PRO CB  HB3  sing N N 181 
PRO CG  CD   sing N N 182 
PRO CG  HG2  sing N N 183 
PRO CG  HG3  sing N N 184 
PRO CD  HD2  sing N N 185 
PRO CD  HD3  sing N N 186 
PRO OXT HXT  sing N N 187 
SER N   CA   sing N N 188 
SER N   H    sing N N 189 
SER N   H2   sing N N 190 
SER CA  C    sing N N 191 
SER CA  CB   sing N N 192 
SER CA  HA   sing N N 193 
SER C   O    doub N N 194 
SER C   OXT  sing N N 195 
SER CB  OG   sing N N 196 
SER CB  HB2  sing N N 197 
SER CB  HB3  sing N N 198 
SER OG  HG   sing N N 199 
SER OXT HXT  sing N N 200 
THR N   CA   sing N N 201 
THR N   H    sing N N 202 
THR N   H2   sing N N 203 
THR CA  C    sing N N 204 
THR CA  CB   sing N N 205 
THR CA  HA   sing N N 206 
THR C   O    doub N N 207 
THR C   OXT  sing N N 208 
THR CB  OG1  sing N N 209 
THR CB  CG2  sing N N 210 
THR CB  HB   sing N N 211 
THR OG1 HG1  sing N N 212 
THR CG2 HG21 sing N N 213 
THR CG2 HG22 sing N N 214 
THR CG2 HG23 sing N N 215 
THR OXT HXT  sing N N 216 
TYR N   CA   sing N N 217 
TYR N   H    sing N N 218 
TYR N   H2   sing N N 219 
TYR CA  C    sing N N 220 
TYR CA  CB   sing N N 221 
TYR CA  HA   sing N N 222 
TYR C   O    doub N N 223 
TYR C   OXT  sing N N 224 
TYR CB  CG   sing N N 225 
TYR CB  HB2  sing N N 226 
TYR CB  HB3  sing N N 227 
TYR CG  CD1  doub Y N 228 
TYR CG  CD2  sing Y N 229 
TYR CD1 CE1  sing Y N 230 
TYR CD1 HD1  sing N N 231 
TYR CD2 CE2  doub Y N 232 
TYR CD2 HD2  sing N N 233 
TYR CE1 CZ   doub Y N 234 
TYR CE1 HE1  sing N N 235 
TYR CE2 CZ   sing Y N 236 
TYR CE2 HE2  sing N N 237 
TYR CZ  OH   sing N N 238 
TYR OH  HH   sing N N 239 
TYR OXT HXT  sing N N 240 
VAL N   CA   sing N N 241 
VAL N   H    sing N N 242 
VAL N   H2   sing N N 243 
VAL CA  C    sing N N 244 
VAL CA  CB   sing N N 245 
VAL CA  HA   sing N N 246 
VAL C   O    doub N N 247 
VAL C   OXT  sing N N 248 
VAL CB  CG1  sing N N 249 
VAL CB  CG2  sing N N 250 
VAL CB  HB   sing N N 251 
VAL CG1 HG11 sing N N 252 
VAL CG1 HG12 sing N N 253 
VAL CG1 HG13 sing N N 254 
VAL CG2 HG21 sing N N 255 
VAL CG2 HG22 sing N N 256 
VAL CG2 HG23 sing N N 257 
VAL OXT HXT  sing N N 258 
# 
_atom_sites.entry_id                    1EZG 
_atom_sites.fract_transf_matrix[1][1]   0.00799510 
_atom_sites.fract_transf_matrix[1][2]   0.00925996 
_atom_sites.fract_transf_matrix[1][3]   0.00974290 
_atom_sites.fract_transf_matrix[2][1]   -0.00674046 
_atom_sites.fract_transf_matrix[2][2]   0.01282096 
_atom_sites.fract_transf_matrix[2][3]   0.00589905 
_atom_sites.fract_transf_matrix[3][1]   -0.00624547 
_atom_sites.fract_transf_matrix[3][2]   -0.01002596 
_atom_sites.fract_transf_matrix[3][3]   0.01465407 
_atom_sites.fract_transf_vector[1]      0.578448 
_atom_sites.fract_transf_vector[2]      0.440546 
_atom_sites.fract_transf_vector[3]      0.359161 
# 
loop_
_atom_type.symbol 
C 
N 
O 
S 
# 
loop_
_atom_site.group_PDB 
_atom_site.id 
_atom_site.type_symbol 
_atom_site.label_atom_id 
_atom_site.label_alt_id 
_atom_site.label_comp_id 
_atom_site.label_asym_id 
_atom_site.label_entity_id 
_atom_site.label_seq_id 
_atom_site.pdbx_PDB_ins_code 
_atom_site.Cartn_x 
_atom_site.Cartn_y 
_atom_site.Cartn_z 
_atom_site.occupancy 
_atom_site.B_iso_or_equiv 
_atom_site.pdbx_formal_charge 
_atom_site.auth_seq_id 
_atom_site.auth_comp_id 
_atom_site.auth_asym_id 
_atom_site.auth_atom_id 
_atom_site.pdbx_PDB_model_num 
ATOM 1    N N   . GLN A 1 1  ? -1.324  -20.295 2.297   1.00 24.25 ? 2  GLN A N   1 
ATOM 2    C CA  . GLN A 1 1  ? 0.053   -19.911 2.635   1.00 19.86 ? 2  GLN A CA  1 
ATOM 3    C C   . GLN A 1 1  ? 0.126   -18.423 2.996   1.00 17.07 ? 2  GLN A C   1 
ATOM 4    O O   . GLN A 1 1  ? 0.775   -18.088 3.985   1.00 19.13 ? 2  GLN A O   1 
ATOM 5    C CB  . GLN A 1 1  ? 1.003   -20.246 1.474   1.00 19.58 ? 2  GLN A CB  1 
ATOM 6    C CG  . GLN A 1 1  ? 2.465   -19.923 1.732   1.00 22.87 ? 2  GLN A CG  1 
ATOM 7    C CD  . GLN A 1 1  ? 3.384   -20.387 0.615   1.00 22.74 ? 2  GLN A CD  1 
ATOM 8    O OE1 . GLN A 1 1  ? 4.604   -20.452 0.767   1.00 40.39 ? 2  GLN A OE1 1 
ATOM 9    N NE2 . GLN A 1 1  ? 2.803   -20.724 -0.529  1.00 42.69 ? 2  GLN A NE2 1 
ATOM 10   N N   . CYS A 1 2  ? -0.532  -17.596 2.187   1.00 18.39 ? 3  CYS A N   1 
ATOM 11   C CA  . CYS A 1 2  ? -0.301  -16.155 2.168   1.00 15.81 ? 3  CYS A CA  1 
ATOM 12   C C   . CYS A 1 2  ? -1.561  -15.330 2.392   1.00 18.74 ? 3  CYS A C   1 
ATOM 13   O O   . CYS A 1 2  ? -1.422  -14.108 2.420   1.00 16.78 ? 3  CYS A O   1 
ATOM 14   C CB  . CYS A 1 2  ? 0.328   -15.709 0.824   1.00 17.13 ? 3  CYS A CB  1 
ATOM 15   S SG  . CYS A 1 2  ? 2.079   -16.193 0.658   1.00 18.82 ? 3  CYS A SG  1 
ATOM 16   N N   . THR A 1 3  ? -2.711  -15.985 2.561   1.00 15.56 ? 4  THR A N   1 
ATOM 17   C CA  . THR A 1 3  ? -3.967  -15.252 2.532   1.00 15.96 ? 4  THR A CA  1 
ATOM 18   C C   . THR A 1 3  ? -4.949  -15.700 3.612   1.00 20.47 ? 4  THR A C   1 
ATOM 19   O O   . THR A 1 3  ? -5.350  -16.873 3.653   1.00 18.24 ? 4  THR A O   1 
ATOM 20   C CB  . THR A 1 3  ? -4.634  -15.433 1.157   1.00 18.76 ? 4  THR A CB  1 
ATOM 21   O OG1 . THR A 1 3  ? -3.721  -15.043 0.103   1.00 18.29 ? 4  THR A OG1 1 
ATOM 22   C CG2 . THR A 1 3  ? -5.865  -14.525 1.081   1.00 19.69 ? 4  THR A CG2 1 
ATOM 23   N N   . GLY A 1 4  ? -5.351  -14.758 4.482   1.00 16.20 ? 5  GLY A N   1 
ATOM 24   C CA  . GLY A 1 4  ? -6.381  -14.988 5.478   1.00 14.87 ? 5  GLY A CA  1 
ATOM 25   C C   . GLY A 1 4  ? -5.854  -15.770 6.668   1.00 15.08 ? 5  GLY A C   1 
ATOM 26   O O   . GLY A 1 4  ? -4.749  -16.331 6.660   1.00 15.35 ? 5  GLY A O   1 
ATOM 27   N N   . GLY A 1 5  ? -6.614  -15.839 7.764   1.00 14.13 ? 6  GLY A N   1 
ATOM 28   C CA  . GLY A 1 5  ? -6.176  -16.724 8.860   1.00 13.18 ? 6  GLY A CA  1 
ATOM 29   C C   . GLY A 1 5  ? -5.216  -16.063 9.820   1.00 17.12 ? 6  GLY A C   1 
ATOM 30   O O   . GLY A 1 5  ? -4.819  -14.894 9.705   1.00 14.93 ? 6  GLY A O   1 
ATOM 31   N N   . ALA A 1 6  ? -4.789  -16.794 10.838  1.00 16.43 ? 7  ALA A N   1 
ATOM 32   C CA  . ALA A 1 6  ? -3.917  -16.313 11.903  1.00 12.62 ? 7  ALA A CA  1 
ATOM 33   C C   . ALA A 1 6  ? -2.438  -16.473 11.614  1.00 16.66 ? 7  ALA A C   1 
ATOM 34   O O   . ALA A 1 6  ? -1.652  -15.685 12.184  1.00 19.63 ? 7  ALA A O   1 
ATOM 35   C CB  . ALA A 1 6  ? -4.247  -17.046 13.209  1.00 20.72 ? 7  ALA A CB  1 
ATOM 36   N N   . ASP A 1 7  ? -1.994  -17.432 10.816  1.00 18.11 ? 8  ASP A N   1 
ATOM 37   C CA  . ASP A 1 7  ? -0.526  -17.550 10.672  1.00 17.74 ? 8  ASP A CA  1 
ATOM 38   C C   . ASP A 1 7  ? -0.141  -17.770 9.216   1.00 15.63 ? 8  ASP A C   1 
ATOM 39   O O   . ASP A 1 7  ? -0.700  -18.642 8.557   1.00 16.02 ? 8  ASP A O   1 
ATOM 40   C CB  . ASP A 1 7  ? 0.027   -18.671 11.564  1.00 20.74 ? 8  ASP A CB  1 
ATOM 41   C CG  . ASP A 1 7  ? 1.547   -18.691 11.450  1.00 21.40 ? 8  ASP A CG  1 
ATOM 42   O OD1 . ASP A 1 7  ? 2.090   -19.375 10.563  1.00 29.03 ? 8  ASP A OD1 1 
ATOM 43   O OD2 . ASP A 1 7  ? 2.219   -17.994 12.240  1.00 31.90 ? 8  ASP A OD2 1 
ATOM 44   N N   . CYS A 1 8  ? 0.808   -17.010 8.695   1.00 17.35 ? 9  CYS A N   1 
ATOM 45   C CA  . CYS A 1 8  ? 1.369   -17.194 7.381   1.00 16.20 ? 9  CYS A CA  1 
ATOM 46   C C   . CYS A 1 8  ? 2.896   -17.169 7.435   1.00 15.56 ? 9  CYS A C   1 
ATOM 47   O O   . CYS A 1 8  ? 3.549   -16.567 6.587   1.00 14.16 ? 9  CYS A O   1 
ATOM 48   C CB  . CYS A 1 8  ? 0.913   -16.124 6.377   1.00 14.63 ? 9  CYS A CB  1 
ATOM 49   S SG  . CYS A 1 8  ? -0.864  -16.130 6.094   1.00 15.64 ? 9  CYS A SG  1 
ATOM 50   N N   . THR A 1 9  ? 3.464   -17.854 8.440   1.00 17.12 ? 10 THR A N   1 
ATOM 51   C CA  . THR A 1 9  ? 4.921   -17.816 8.634   1.00 14.55 ? 10 THR A CA  1 
ATOM 52   C C   . THR A 1 9  ? 5.699   -18.184 7.393   1.00 16.82 ? 10 THR A C   1 
ATOM 53   O O   . THR A 1 9  ? 6.724   -17.557 7.107   1.00 19.70 ? 10 THR A O   1 
ATOM 54   C CB  . THR A 1 9  ? 5.298   -18.790 9.782   1.00 17.89 ? 10 THR A CB  1 
ATOM 55   O OG1 . THR A 1 9  ? 4.859   -18.226 11.023  1.00 19.04 ? 10 THR A OG1 1 
ATOM 56   C CG2 . THR A 1 9  ? 6.803   -18.978 9.912   1.00 22.05 ? 10 THR A CG2 1 
ATOM 57   N N   . SER A 1 10 ? 5.270   -19.164 6.596   1.00 17.44 ? 11 SER A N   1 
ATOM 58   C CA  . SER A 1 10 ? 6.086   -19.518 5.436   1.00 21.82 ? 11 SER A CA  1 
ATOM 59   C C   . SER A 1 10 ? 5.895   -18.647 4.198   1.00 21.72 ? 11 SER A C   1 
ATOM 60   O O   . SER A 1 10 ? 6.578   -18.866 3.180   1.00 25.84 ? 11 SER A O   1 
ATOM 61   C CB  . SER A 1 10 ? 5.790   -20.978 5.040   1.00 23.17 ? 11 SER A CB  1 
ATOM 62   O OG  . SER A 1 10 ? 4.491   -21.066 4.489   1.00 26.41 ? 11 SER A OG  1 
ATOM 63   N N   . CYS A 1 11 ? 4.993   -17.677 4.218   1.00 17.66 ? 12 CYS A N   1 
ATOM 64   C CA  . CYS A 1 11 ? 4.778   -16.806 3.058   1.00 14.23 ? 12 CYS A CA  1 
ATOM 65   C C   . CYS A 1 11 ? 5.967   -15.901 2.801   1.00 14.10 ? 12 CYS A C   1 
ATOM 66   O O   . CYS A 1 11 ? 6.362   -15.089 3.659   1.00 14.98 ? 12 CYS A O   1 
ATOM 67   C CB  . CYS A 1 11 ? 3.508   -15.962 3.294   1.00 16.10 ? 12 CYS A CB  1 
ATOM 68   S SG  . CYS A 1 11 ? 3.052   -14.912 1.876   1.00 16.16 ? 12 CYS A SG  1 
ATOM 69   N N   . THR A 1 12 ? 6.564   -16.003 1.596   1.00 14.06 ? 13 THR A N   1 
ATOM 70   C CA  . THR A 1 12 ? 7.593   -15.051 1.215   1.00 15.51 ? 13 THR A CA  1 
ATOM 71   C C   . THR A 1 12 ? 7.151   -14.118 0.107   1.00 16.25 ? 13 THR A C   1 
ATOM 72   O O   . THR A 1 12 ? 7.972   -13.355 -0.411  1.00 20.67 ? 13 THR A O   1 
ATOM 73   C CB  . THR A 1 12 ? 8.883   -15.757 0.722   1.00 16.89 ? 13 THR A CB  1 
ATOM 74   O OG1 . THR A 1 12 ? 8.504   -16.601 -0.382  1.00 17.33 ? 13 THR A OG1 1 
ATOM 75   C CG2 . THR A 1 12 ? 9.450   -16.589 1.856   1.00 20.32 ? 13 THR A CG2 1 
ATOM 76   N N   . GLY A 1 13 ? 5.881   -14.172 -0.254  1.00 15.27 ? 14 GLY A N   1 
ATOM 77   C CA  . GLY A 1 13 ? 5.265   -13.403 -1.309  1.00 16.42 ? 14 GLY A CA  1 
ATOM 78   C C   . GLY A 1 13 ? 4.443   -12.260 -0.739  1.00 15.02 ? 14 GLY A C   1 
ATOM 79   O O   . GLY A 1 13 ? 4.846   -11.484 0.116   1.00 15.92 ? 14 GLY A O   1 
ATOM 80   N N   . ALA A 1 14 ? 3.231   -12.127 -1.257  1.00 17.40 ? 15 ALA A N   1 
ATOM 81   C CA  . ALA A 1 14 ? 2.309   -11.078 -0.818  1.00 15.22 ? 15 ALA A CA  1 
ATOM 82   C C   . ALA A 1 14 ? 1.371   -11.673 0.214   1.00 14.07 ? 15 ALA A C   1 
ATOM 83   O O   . ALA A 1 14 ? 0.627   -12.582 -0.107  1.00 19.62 ? 15 ALA A O   1 
ATOM 84   C CB  . ALA A 1 14 ? 1.551   -10.545 -2.028  1.00 15.57 ? 15 ALA A CB  1 
ATOM 85   N N   . CYS A 1 15 ? 1.451   -11.134 1.429   1.00 12.39 ? 16 CYS A N   1 
ATOM 86   C CA  . CYS A 1 15 ? 0.569   -11.581 2.511   1.00 12.64 ? 16 CYS A CA  1 
ATOM 87   C C   . CYS A 1 15 ? -0.669  -10.712 2.558   1.00 18.46 ? 16 CYS A C   1 
ATOM 88   O O   . CYS A 1 15 ? -0.553  -9.480  2.502   1.00 21.61 ? 16 CYS A O   1 
ATOM 89   C CB  . CYS A 1 15 ? 1.328   -11.458 3.822   1.00 19.80 ? 16 CYS A CB  1 
ATOM 90   S SG  . CYS A 1 15 ? 1.302   -12.939 4.846   1.00 15.56 ? 16 CYS A SG  1 
ATOM 91   N N   . THR A 1 16 ? -1.849  -11.314 2.641   1.00 13.82 ? 17 THR A N   1 
ATOM 92   C CA  . THR A 1 16 ? -3.060  -10.489 2.594   1.00 13.51 ? 17 THR A CA  1 
ATOM 93   C C   . THR A 1 16 ? -4.027  -10.907 3.679   1.00 11.95 ? 17 THR A C   1 
ATOM 94   O O   . THR A 1 16 ? -4.418  -12.080 3.594   1.00 13.65 ? 17 THR A O   1 
ATOM 95   C CB  . THR A 1 16 ? -3.709  -10.615 1.207   1.00 14.01 ? 17 THR A CB  1 
ATOM 96   O OG1 . THR A 1 16 ? -2.689  -10.313 0.245   1.00 18.30 ? 17 THR A OG1 1 
ATOM 97   C CG2 . THR A 1 16 ? -4.778  -9.556  1.011   1.00 18.68 ? 17 THR A CG2 1 
ATOM 98   N N   . GLY A 1 17 ? -4.382  -10.025 4.592   1.00 12.10 ? 18 GLY A N   1 
ATOM 99   C CA  . GLY A 1 17 ? -5.366  -10.372 5.619   1.00 12.95 ? 18 GLY A CA  1 
ATOM 100  C C   . GLY A 1 17 ? -4.903  -11.480 6.546   1.00 15.60 ? 18 GLY A C   1 
ATOM 101  O O   . GLY A 1 17 ? -5.753  -12.247 7.013   1.00 14.24 ? 18 GLY A O   1 
ATOM 102  N N   . CYS A 1 18 ? -3.608  -11.559 6.837   1.00 14.37 ? 19 CYS A N   1 
ATOM 103  C CA  . CYS A 1 18 ? -3.128  -12.698 7.642   1.00 14.36 ? 19 CYS A CA  1 
ATOM 104  C C   . CYS A 1 18 ? -2.454  -12.241 8.912   1.00 14.64 ? 19 CYS A C   1 
ATOM 105  O O   . CYS A 1 18 ? -1.794  -11.191 8.943   1.00 12.79 ? 19 CYS A O   1 
ATOM 106  C CB  . CYS A 1 18 ? -2.200  -13.525 6.781   1.00 15.66 ? 19 CYS A CB  1 
ATOM 107  S SG  . CYS A 1 18 ? -1.636  -15.037 7.636   1.00 15.84 ? 19 CYS A SG  1 
ATOM 108  N N   . GLY A 1 19 ? -2.604  -13.031 9.982   1.00 12.88 ? 20 GLY A N   1 
ATOM 109  C CA  . GLY A 1 19 ? -2.238  -12.606 11.298  1.00 14.73 ? 20 GLY A CA  1 
ATOM 110  C C   . GLY A 1 19 ? -0.786  -12.774 11.678  1.00 12.96 ? 20 GLY A C   1 
ATOM 111  O O   . GLY A 1 19 ? -0.404  -12.366 12.779  1.00 14.68 ? 20 GLY A O   1 
ATOM 112  N N   . ASN A 1 20 ? 0.031   -13.338 10.792  1.00 16.83 ? 21 ASN A N   1 
ATOM 113  C CA  . ASN A 1 20 ? 1.464   -13.417 11.089  1.00 13.39 ? 21 ASN A CA  1 
ATOM 114  C C   . ASN A 1 20 ? 2.243   -13.620 9.793   1.00 12.24 ? 21 ASN A C   1 
ATOM 115  O O   . ASN A 1 20 ? 2.262   -14.736 9.264   1.00 13.49 ? 21 ASN A O   1 
ATOM 116  C CB  . ASN A 1 20 ? 1.782   -14.546 12.074  1.00 14.61 ? 21 ASN A CB  1 
ATOM 117  C CG  . ASN A 1 20 ? 3.203   -14.437 12.610  1.00 13.09 ? 21 ASN A CG  1 
ATOM 118  O OD1 . ASN A 1 20 ? 3.694   -13.365 12.978  1.00 13.46 ? 21 ASN A OD1 1 
ATOM 119  N ND2 . ASN A 1 20 ? 3.881   -15.577 12.754  1.00 16.74 ? 21 ASN A ND2 1 
ATOM 120  N N   . CYS A 1 21 ? 2.867   -12.541 9.329   1.00 15.79 ? 22 CYS A N   1 
ATOM 121  C CA  . CYS A 1 21 ? 3.586   -12.600 8.053   1.00 12.09 ? 22 CYS A CA  1 
ATOM 122  C C   . CYS A 1 21 ? 5.032   -12.182 8.138   1.00 13.47 ? 22 CYS A C   1 
ATOM 123  O O   . CYS A 1 21 ? 5.462   -11.278 7.429   1.00 11.95 ? 22 CYS A O   1 
ATOM 124  C CB  . CYS A 1 21 ? 2.844   -11.634 7.113   1.00 15.42 ? 22 CYS A CB  1 
ATOM 125  S SG  . CYS A 1 21 ? 1.150   -12.132 6.730   1.00 14.65 ? 22 CYS A SG  1 
ATOM 126  N N   . PRO A 1 22 ? 5.859   -12.831 8.965   1.00 12.57 ? 23 PRO A N   1 
ATOM 127  C CA  . PRO A 1 22 ? 7.222   -12.372 9.214   1.00 15.09 ? 23 PRO A CA  1 
ATOM 128  C C   . PRO A 1 22 ? 8.217   -12.567 8.067   1.00 12.59 ? 23 PRO A C   1 
ATOM 129  O O   . PRO A 1 22 ? 9.316   -12.041 8.194   1.00 15.68 ? 23 PRO A O   1 
ATOM 130  C CB  . PRO A 1 22 ? 7.670   -13.280 10.376  1.00 13.93 ? 23 PRO A CB  1 
ATOM 131  C CG  . PRO A 1 22 ? 6.899   -14.524 10.153  1.00 14.59 ? 23 PRO A CG  1 
ATOM 132  C CD  . PRO A 1 22 ? 5.512   -14.041 9.716   1.00 17.32 ? 23 PRO A CD  1 
ATOM 133  N N   . ASN A 1 23 ? 7.840   -13.294 7.015   1.00 15.23 ? 24 ASN A N   1 
ATOM 134  C CA  . ASN A 1 23 ? 8.743   -13.465 5.881   1.00 18.47 ? 24 ASN A CA  1 
ATOM 135  C C   . ASN A 1 23 ? 8.212   -12.869 4.589   1.00 19.79 ? 24 ASN A C   1 
ATOM 136  O O   . ASN A 1 23 ? 8.897   -12.923 3.574   1.00 14.79 ? 24 ASN A O   1 
ATOM 137  C CB  . ASN A 1 23 ? 9.021   -14.972 5.682   1.00 21.05 ? 24 ASN A CB  1 
ATOM 138  C CG  . ASN A 1 23 ? 9.888   -15.471 6.843   1.00 20.76 ? 24 ASN A CG  1 
ATOM 139  O OD1 . ASN A 1 23 ? 11.005  -15.004 6.989   1.00 20.01 ? 24 ASN A OD1 1 
ATOM 140  N ND2 . ASN A 1 23 ? 9.327   -16.383 7.615   1.00 18.12 ? 24 ASN A ND2 1 
ATOM 141  N N   . ALA A 1 24 ? 7.015   -12.287 4.608   1.00 17.21 ? 25 ALA A N   1 
ATOM 142  C CA  . ALA A 1 24 ? 6.430   -11.793 3.366   1.00 13.91 ? 25 ALA A CA  1 
ATOM 143  C C   . ALA A 1 24 ? 7.183   -10.565 2.868   1.00 14.01 ? 25 ALA A C   1 
ATOM 144  O O   . ALA A 1 24 ? 7.704   -9.763  3.639   1.00 15.55 ? 25 ALA A O   1 
ATOM 145  C CB  . ALA A 1 24 ? 4.947   -11.474 3.590   1.00 13.70 ? 25 ALA A CB  1 
ATOM 146  N N   . VAL A 1 25 ? 7.216   -10.366 1.541   1.00 12.57 ? 26 VAL A N   1 
ATOM 147  C CA  . VAL A 1 25 ? 7.848   -9.164  0.995   1.00 14.58 ? 26 VAL A CA  1 
ATOM 148  C C   . VAL A 1 25 ? 6.855   -8.015  0.877   1.00 9.96  ? 26 VAL A C   1 
ATOM 149  O O   . VAL A 1 25 ? 7.248   -6.849  0.890   1.00 13.21 ? 26 VAL A O   1 
ATOM 150  C CB  . VAL A 1 25 ? 8.508   -9.331  -0.395  1.00 15.73 ? 26 VAL A CB  1 
ATOM 151  C CG1 . VAL A 1 25 ? 9.699   -10.283 -0.323  1.00 21.41 ? 26 VAL A CG1 1 
ATOM 152  C CG2 . VAL A 1 25 ? 7.531   -9.801  -1.446  1.00 17.19 ? 26 VAL A CG2 1 
ATOM 153  N N   . THR A 1 26 ? 5.563   -8.348  0.773   1.00 10.96 ? 27 THR A N   1 
ATOM 154  C CA  . THR A 1 26 ? 4.515   -7.336  0.782   1.00 14.16 ? 27 THR A CA  1 
ATOM 155  C C   . THR A 1 26 ? 3.417   -7.711  1.772   1.00 12.47 ? 27 THR A C   1 
ATOM 156  O O   . THR A 1 26 ? 3.075   -8.892  1.864   1.00 13.47 ? 27 THR A O   1 
ATOM 157  C CB  . THR A 1 26 ? 3.932   -7.172  -0.639  1.00 15.09 ? 27 THR A CB  1 
ATOM 158  O OG1 . THR A 1 26 ? 5.054   -6.792  -1.486  1.00 17.28 ? 27 THR A OG1 1 
ATOM 159  C CG2 . THR A 1 26 ? 2.925   -6.046  -0.694  1.00 17.93 ? 27 THR A CG2 1 
ATOM 160  N N   . CYS A 1 27 ? 2.863   -6.736  2.466   1.00 12.01 ? 28 CYS A N   1 
ATOM 161  C CA  . CYS A 1 27 ? 1.725   -6.997  3.336   1.00 12.27 ? 28 CYS A CA  1 
ATOM 162  C C   . CYS A 1 27 ? 0.585   -6.037  3.066   1.00 12.99 ? 28 CYS A C   1 
ATOM 163  O O   . CYS A 1 27 ? 0.818   -4.846  2.962   1.00 12.81 ? 28 CYS A O   1 
ATOM 164  C CB  . CYS A 1 27 ? 2.110   -6.837  4.813   1.00 11.79 ? 28 CYS A CB  1 
ATOM 165  S SG  . CYS A 1 27 ? 2.936   -8.305  5.499   1.00 12.23 ? 28 CYS A SG  1 
ATOM 166  N N   . THR A 1 28 ? -0.612  -6.614  3.067   1.00 12.18 ? 29 THR A N   1 
ATOM 167  C CA  . THR A 1 28 ? -1.830  -5.840  3.070   1.00 10.64 ? 29 THR A CA  1 
ATOM 168  C C   . THR A 1 28 ? -2.743  -6.344  4.192   1.00 10.54 ? 29 THR A C   1 
ATOM 169  O O   . THR A 1 28 ? -3.123  -7.518  4.150   1.00 12.06 ? 29 THR A O   1 
ATOM 170  C CB  . THR A 1 28 ? -2.574  -5.968  1.726   1.00 11.78 ? 29 THR A CB  1 
ATOM 171  O OG1 . THR A 1 28 ? -1.670  -5.539  0.677   1.00 12.29 ? 29 THR A OG1 1 
ATOM 172  C CG2 . THR A 1 28 ? -3.754  -4.998  1.669   1.00 12.52 ? 29 THR A CG2 1 
ATOM 173  N N   . ASN A 1 29 ? -3.086  -5.456  5.124   1.00 11.89 ? 30 ASN A N   1 
ATOM 174  C CA  . ASN A 1 29 ? -3.953  -5.788  6.255   1.00 11.67 ? 30 ASN A CA  1 
ATOM 175  C C   . ASN A 1 29 ? -3.466  -7.048  6.978   1.00 15.73 ? 30 ASN A C   1 
ATOM 176  O O   . ASN A 1 29 ? -4.222  -7.975  7.290   1.00 12.19 ? 30 ASN A O   1 
ATOM 177  C CB  . ASN A 1 29 ? -5.406  -6.040  5.829   1.00 12.21 ? 30 ASN A CB  1 
ATOM 178  C CG  . ASN A 1 29 ? -6.108  -4.806  5.272   1.00 17.26 ? 30 ASN A CG  1 
ATOM 179  O OD1 . ASN A 1 29 ? -6.494  -4.859  4.086   1.00 18.83 ? 30 ASN A OD1 1 
ATOM 180  N ND2 . ASN A 1 29 ? -6.262  -3.753  6.041   1.00 18.41 ? 30 ASN A ND2 1 
ATOM 181  N N   . SER A 1 30 ? -2.158  -7.061  7.236   1.00 12.65 ? 31 SER A N   1 
ATOM 182  C CA  . SER A 1 30 ? -1.568  -8.233  7.907   1.00 10.58 ? 31 SER A CA  1 
ATOM 183  C C   . SER A 1 30 ? -0.757  -7.804  9.099   1.00 11.94 ? 31 SER A C   1 
ATOM 184  O O   . SER A 1 30 ? -0.403  -6.648  9.284   1.00 12.05 ? 31 SER A O   1 
ATOM 185  C CB  . SER A 1 30 ? -0.689  -8.988  6.896   1.00 12.09 ? 31 SER A CB  1 
ATOM 186  O OG  . SER A 1 30 ? -1.498  -9.596  5.900   1.00 11.66 ? 31 SER A OG  1 
ATOM 187  N N   . GLN A 1 31 ? -0.388  -8.786  9.949   1.00 12.08 ? 32 GLN A N   1 
ATOM 188  C CA  . GLN A 1 31 ? 0.392   -8.503  11.147  1.00 11.91 ? 32 GLN A CA  1 
ATOM 189  C C   . GLN A 1 31 ? 1.808   -9.025  11.153  1.00 9.44  ? 32 GLN A C   1 
ATOM 190  O O   . GLN A 1 31 ? 2.067   -10.066 10.536  1.00 12.35 ? 32 GLN A O   1 
ATOM 191  C CB  . GLN A 1 31 ? -0.337  -9.169  12.361  1.00 13.09 ? 32 GLN A CB  1 
ATOM 192  C CG  . GLN A 1 31 ? -1.714  -8.584  12.612  1.00 16.46 ? 32 GLN A CG  1 
ATOM 193  C CD  . GLN A 1 31 ? -2.352  -9.159  13.867  1.00 30.78 ? 32 GLN A CD  1 
ATOM 194  O OE1 . GLN A 1 31 ? -3.325  -9.914  13.755  1.00 49.62 ? 32 GLN A OE1 1 
ATOM 195  N NE2 . GLN A 1 31 ? -1.838  -8.828  15.047  1.00 22.90 ? 32 GLN A NE2 1 
ATOM 196  N N   . HIS A 1 32 ? 2.680   -8.336  11.895  1.00 11.07 ? 33 HIS A N   1 
ATOM 197  C CA  . HIS A 1 32 ? 4.016   -8.861  12.153  1.00 11.39 ? 33 HIS A CA  1 
ATOM 198  C C   . HIS A 1 32 ? 4.852   -8.997  10.888  1.00 13.57 ? 33 HIS A C   1 
ATOM 199  O O   . HIS A 1 32 ? 5.617   -9.934  10.659  1.00 13.58 ? 33 HIS A O   1 
ATOM 200  C CB  . HIS A 1 32 ? 3.956   -10.222 12.895  1.00 13.01 ? 33 HIS A CB  1 
ATOM 201  C CG  . HIS A 1 32 ? 3.049   -10.184 14.086  1.00 11.43 ? 33 HIS A CG  1 
ATOM 202  N ND1 . HIS A 1 32 ? 2.926   -9.074  14.891  1.00 12.75 ? 33 HIS A ND1 1 
ATOM 203  C CD2 . HIS A 1 32 ? 2.231   -11.156 14.585  1.00 15.70 ? 33 HIS A CD2 1 
ATOM 204  C CE1 . HIS A 1 32 ? 2.045   -9.344  15.872  1.00 16.00 ? 33 HIS A CE1 1 
ATOM 205  N NE2 . HIS A 1 32 ? 1.630   -10.590 15.684  1.00 17.60 ? 33 HIS A NE2 1 
ATOM 206  N N   . CYS A 1 33 ? 4.739   -7.933  10.044  1.00 11.27 ? 34 CYS A N   1 
ATOM 207  C CA  . CYS A 1 33 ? 5.395   -7.969  8.724   1.00 12.70 ? 34 CYS A CA  1 
ATOM 208  C C   . CYS A 1 33 ? 6.826   -7.476  8.744   1.00 13.55 ? 34 CYS A C   1 
ATOM 209  O O   . CYS A 1 33 ? 7.182   -6.509  8.063   1.00 12.32 ? 34 CYS A O   1 
ATOM 210  C CB  . CYS A 1 33 ? 4.546   -7.112  7.767   1.00 11.02 ? 34 CYS A CB  1 
ATOM 211  S SG  . CYS A 1 33 ? 2.894   -7.852  7.507   1.00 12.55 ? 34 CYS A SG  1 
ATOM 212  N N   . VAL A 1 34 ? 7.669   -8.137  9.555   1.00 12.84 ? 35 VAL A N   1 
ATOM 213  C CA  . VAL A 1 34 ? 8.969   -7.592  9.906   1.00 13.84 ? 35 VAL A CA  1 
ATOM 214  C C   . VAL A 1 34 ? 9.969   -7.582  8.737   1.00 12.23 ? 35 VAL A C   1 
ATOM 215  O O   . VAL A 1 34 ? 10.944  -6.827  8.857   1.00 15.05 ? 35 VAL A O   1 
ATOM 216  C CB  . VAL A 1 34 ? 9.606   -8.310  11.122  1.00 12.83 ? 35 VAL A CB  1 
ATOM 217  C CG1 . VAL A 1 34 ? 8.698   -8.182  12.345  1.00 14.18 ? 35 VAL A CG1 1 
ATOM 218  C CG2 . VAL A 1 34 ? 9.887   -9.765  10.797  1.00 14.33 ? 35 VAL A CG2 1 
ATOM 219  N N   . LYS A 1 35 ? 9.742   -8.365  7.693   1.00 11.14 ? 36 LYS A N   1 
ATOM 220  C CA  . LYS A 1 35 ? 10.665  -8.382  6.543   1.00 13.86 ? 36 LYS A CA  1 
ATOM 221  C C   . LYS A 1 35 ? 10.080  -7.711  5.320   1.00 16.69 ? 36 LYS A C   1 
ATOM 222  O O   . LYS A 1 35 ? 10.769  -7.579  4.291   1.00 15.74 ? 36 LYS A O   1 
ATOM 223  C CB  . LYS A 1 35 ? 11.005  -9.845  6.230   1.00 14.34 ? 36 LYS A CB  1 
ATOM 224  C CG  . LYS A 1 35 ? 12.061  -10.395 7.197   1.00 15.85 ? 36 LYS A CG  1 
ATOM 225  C CD  . LYS A 1 35 ? 12.313  -11.853 6.829   1.00 26.82 ? 36 LYS A CD  1 
ATOM 226  C CE  . LYS A 1 35 ? 13.205  -12.536 7.864   1.00 36.94 ? 36 LYS A CE  1 
ATOM 227  N NZ  . LYS A 1 35 ? 13.211  -14.012 7.621   1.00 57.56 ? 36 LYS A NZ  1 
ATOM 228  N N   . ALA A 1 36 ? 8.820   -7.281  5.375   1.00 12.22 ? 37 ALA A N   1 
ATOM 229  C CA  . ALA A 1 36 ? 8.170   -6.752  4.180   1.00 10.81 ? 37 ALA A CA  1 
ATOM 230  C C   . ALA A 1 36 ? 8.889   -5.494  3.677   1.00 9.70  ? 37 ALA A C   1 
ATOM 231  O O   . ALA A 1 36 ? 9.393   -4.680  4.403   1.00 11.37 ? 37 ALA A O   1 
ATOM 232  C CB  . ALA A 1 36 ? 6.721   -6.433  4.489   1.00 12.85 ? 37 ALA A CB  1 
ATOM 233  N N   . ASN A 1 37 ? 8.878   -5.376  2.329   1.00 12.68 ? 38 ASN A N   1 
ATOM 234  C CA  . ASN A 1 37 ? 9.389   -4.140  1.739   1.00 12.79 ? 38 ASN A CA  1 
ATOM 235  C C   . ASN A 1 37 ? 8.287   -3.106  1.520   1.00 9.89  ? 38 ASN A C   1 
ATOM 236  O O   . ASN A 1 37 ? 8.492   -1.904  1.447   1.00 10.88 ? 38 ASN A O   1 
ATOM 237  C CB  . ASN A 1 37 ? 10.077  -4.494  0.409   1.00 14.65 ? 38 ASN A CB  1 
ATOM 238  C CG  . ASN A 1 37 ? 10.490  -3.278  -0.387  1.00 13.26 ? 38 ASN A CG  1 
ATOM 239  O OD1 . ASN A 1 37 ? 11.399  -2.560  0.010   1.00 14.43 ? 38 ASN A OD1 1 
ATOM 240  N ND2 . ASN A 1 37 ? 9.833   -3.047  -1.522  1.00 16.61 ? 38 ASN A ND2 1 
ATOM 241  N N   . THR A 1 38 ? 7.024   -3.569  1.397   1.00 11.84 ? 39 THR A N   1 
ATOM 242  C CA  . THR A 1 38 ? 5.894   -2.663  1.302   1.00 9.98  ? 39 THR A CA  1 
ATOM 243  C C   . THR A 1 38 ? 4.756   -3.105  2.220   1.00 10.92 ? 39 THR A C   1 
ATOM 244  O O   . THR A 1 38 ? 4.479   -4.291  2.246   1.00 11.21 ? 39 THR A O   1 
ATOM 245  C CB  . THR A 1 38 ? 5.366   -2.657  -0.155  1.00 15.75 ? 39 THR A CB  1 
ATOM 246  O OG1 . THR A 1 38 ? 6.479   -2.237  -0.995  1.00 16.16 ? 39 THR A OG1 1 
ATOM 247  C CG2 . THR A 1 38 ? 4.213   -1.712  -0.349  1.00 15.01 ? 39 THR A CG2 1 
ATOM 248  N N   . CYS A 1 39 ? 4.198   -2.103  2.880   1.00 12.57 ? 40 CYS A N   1 
ATOM 249  C CA  . CYS A 1 39 ? 3.072   -2.383  3.771   1.00 12.23 ? 40 CYS A CA  1 
ATOM 250  C C   . CYS A 1 39 ? 1.901   -1.427  3.551   1.00 13.48 ? 40 CYS A C   1 
ATOM 251  O O   . CYS A 1 39 ? 2.092   -0.216  3.446   1.00 11.13 ? 40 CYS A O   1 
ATOM 252  C CB  . CYS A 1 39 ? 3.493   -2.193  5.224   1.00 10.94 ? 40 CYS A CB  1 
ATOM 253  S SG  . CYS A 1 39 ? 4.293   -3.663  5.918   1.00 11.96 ? 40 CYS A SG  1 
ATOM 254  N N   . THR A 1 40 ? 0.699   -2.006  3.581   1.00 11.44 ? 41 THR A N   1 
ATOM 255  C CA  . THR A 1 40 ? -0.539  -1.265  3.603   1.00 11.34 ? 41 THR A CA  1 
ATOM 256  C C   . THR A 1 40 ? -1.410  -1.784  4.764   1.00 9.62  ? 41 THR A C   1 
ATOM 257  O O   . THR A 1 40 ? -1.609  -3.008  4.778   1.00 11.11 ? 41 THR A O   1 
ATOM 258  C CB  . THR A 1 40 ? -1.312  -1.440  2.282   1.00 12.17 ? 41 THR A CB  1 
ATOM 259  O OG1 . THR A 1 40 ? -0.471  -0.920  1.230   1.00 12.73 ? 41 THR A OG1 1 
ATOM 260  C CG2 . THR A 1 40 ? -2.597  -0.618  2.300   1.00 15.58 ? 41 THR A CG2 1 
ATOM 261  N N   . GLY A 1 41 ? -1.877  -0.960  5.669   1.00 10.29 ? 42 GLY A N   1 
ATOM 262  C CA  . GLY A 1 41 ? -2.749  -1.424  6.757   1.00 12.53 ? 42 GLY A CA  1 
ATOM 263  C C   . GLY A 1 41 ? -2.148  -2.530  7.601   1.00 12.87 ? 42 GLY A C   1 
ATOM 264  O O   . GLY A 1 41 ? -2.919  -3.421  8.058   1.00 12.97 ? 42 GLY A O   1 
ATOM 265  N N   . SER A 1 42 ? -0.841  -2.554  7.832   1.00 10.63 ? 43 SER A N   1 
ATOM 266  C CA  . SER A 1 42 ? -0.173  -3.708  8.475   1.00 9.57  ? 43 SER A CA  1 
ATOM 267  C C   . SER A 1 42 ? 0.669   -3.318  9.661   1.00 12.46 ? 43 SER A C   1 
ATOM 268  O O   . SER A 1 42 ? 0.922   -2.130  9.905   1.00 12.30 ? 43 SER A O   1 
ATOM 269  C CB  . SER A 1 42 ? 0.656   -4.437  7.396   1.00 11.75 ? 43 SER A CB  1 
ATOM 270  O OG  . SER A 1 42 ? -0.209  -4.957  6.396   1.00 11.28 ? 43 SER A OG  1 
ATOM 271  N N   . THR A 1 43 ? 1.104   -4.338  10.462  1.00 10.68 ? 44 THR A N   1 
ATOM 272  C CA  . THR A 1 43 ? 1.862   -3.997  11.657  1.00 11.13 ? 44 THR A CA  1 
ATOM 273  C C   . THR A 1 43 ? 3.293   -4.543  11.626  1.00 10.43 ? 44 THR A C   1 
ATOM 274  O O   . THR A 1 43 ? 3.581   -5.460  10.848  1.00 11.81 ? 44 THR A O   1 
ATOM 275  C CB  . THR A 1 43 ? 1.186   -4.552  12.937  1.00 13.25 ? 44 THR A CB  1 
ATOM 276  O OG1 . THR A 1 43 ? 1.075   -5.981  12.838  1.00 13.92 ? 44 THR A OG1 1 
ATOM 277  C CG2 . THR A 1 43 ? -0.229  -4.025  13.102  1.00 13.54 ? 44 THR A CG2 1 
ATOM 278  N N   . ASP A 1 44 ? 4.131   -3.986  12.487  1.00 10.01 ? 45 ASP A N   1 
ATOM 279  C CA  . ASP A 1 44 ? 5.532   -4.292  12.617  1.00 9.65  ? 45 ASP A CA  1 
ATOM 280  C C   . ASP A 1 44 ? 6.280   -4.280  11.289  1.00 12.44 ? 45 ASP A C   1 
ATOM 281  O O   . ASP A 1 44 ? 7.077   -5.167  11.004  1.00 12.13 ? 45 ASP A O   1 
ATOM 282  C CB  . ASP A 1 44 ? 5.735   -5.682  13.275  1.00 12.20 ? 45 ASP A CB  1 
ATOM 283  C CG  . ASP A 1 44 ? 4.853   -5.768  14.535  1.00 13.74 ? 45 ASP A CG  1 
ATOM 284  O OD1 . ASP A 1 44 ? 5.121   -4.997  15.487  1.00 14.14 ? 45 ASP A OD1 1 
ATOM 285  O OD2 . ASP A 1 44 ? 3.939   -6.614  14.477  1.00 16.63 ? 45 ASP A OD2 1 
ATOM 286  N N   . CYS A 1 45 ? 5.995   -3.251  10.502  1.00 11.84 ? 46 CYS A N   1 
ATOM 287  C CA  . CYS A 1 45 ? 6.632   -3.152  9.166   1.00 9.78  ? 46 CYS A CA  1 
ATOM 288  C C   . CYS A 1 45 ? 8.012   -2.558  9.288   1.00 14.56 ? 46 CYS A C   1 
ATOM 289  O O   . CYS A 1 45 ? 8.355   -1.531  8.699   1.00 10.78 ? 46 CYS A O   1 
ATOM 290  C CB  . CYS A 1 45 ? 5.679   -2.345  8.283   1.00 12.24 ? 46 CYS A CB  1 
ATOM 291  S SG  . CYS A 1 45 ? 4.169   -3.291  7.919   1.00 12.18 ? 46 CYS A SG  1 
ATOM 292  N N   . ASN A 1 46 ? 8.837   -3.233  10.117  1.00 11.89 ? 47 ASN A N   1 
ATOM 293  C CA  . ASN A 1 46 ? 10.077  -2.643  10.600  1.00 11.92 ? 47 ASN A CA  1 
ATOM 294  C C   . ASN A 1 46 ? 11.119  -2.412  9.507   1.00 10.76 ? 47 ASN A C   1 
ATOM 295  O O   . ASN A 1 46 ? 11.992  -1.562  9.762   1.00 12.50 ? 47 ASN A O   1 
ATOM 296  C CB  . ASN A 1 46 ? 10.663  -3.547  11.697  1.00 11.02 ? 47 ASN A CB  1 
ATOM 297  C CG  . ASN A 1 46 ? 9.753   -3.815  12.910  1.00 12.11 ? 47 ASN A CG  1 
ATOM 298  O OD1 . ASN A 1 46 ? 10.033  -4.875  13.525  1.00 14.13 ? 47 ASN A OD1 1 
ATOM 299  N ND2 . ASN A 1 46 ? 8.803   -2.960  13.179  1.00 12.41 ? 47 ASN A ND2 1 
ATOM 300  N N   . THR A 1 47 ? 10.996  -3.114  8.377   1.00 11.20 ? 48 THR A N   1 
ATOM 301  C CA  . THR A 1 47 ? 12.049  -2.897  7.359   1.00 11.81 ? 48 THR A CA  1 
ATOM 302  C C   . THR A 1 47 ? 11.445  -2.493  6.021   1.00 15.80 ? 48 THR A C   1 
ATOM 303  O O   . THR A 1 47 ? 12.146  -2.522  4.995   1.00 15.92 ? 48 THR A O   1 
ATOM 304  C CB  . THR A 1 47 ? 12.893  -4.151  7.177   1.00 12.23 ? 48 THR A CB  1 
ATOM 305  O OG1 . THR A 1 47 ? 12.081  -5.242  6.762   1.00 15.09 ? 48 THR A OG1 1 
ATOM 306  C CG2 . THR A 1 47 ? 13.564  -4.566  8.491   1.00 13.76 ? 48 THR A CG2 1 
ATOM 307  N N   . ALA A 1 48 ? 10.164  -2.121  6.043   1.00 11.66 ? 49 ALA A N   1 
ATOM 308  C CA  . ALA A 1 48 ? 9.497   -1.690  4.814   1.00 12.09 ? 49 ALA A CA  1 
ATOM 309  C C   . ALA A 1 48 ? 10.107  -0.396  4.324   1.00 11.34 ? 49 ALA A C   1 
ATOM 310  O O   . ALA A 1 48 ? 10.444  0.521   5.049   1.00 14.30 ? 49 ALA A O   1 
ATOM 311  C CB  . ALA A 1 48 ? 8.013   -1.486  5.081   1.00 9.70  ? 49 ALA A CB  1 
ATOM 312  N N   . GLN A 1 49 ? 10.251  -0.261  3.001   1.00 14.24 ? 50 GLN A N   1 
ATOM 313  C CA  . GLN A 1 49 ? 10.602  1.029   2.414   1.00 12.65 ? 50 GLN A CA  1 
ATOM 314  C C   . GLN A 1 49 ? 9.422   1.949   2.176   1.00 12.50 ? 50 GLN A C   1 
ATOM 315  O O   . GLN A 1 49 ? 9.594   3.176   2.136   1.00 13.65 ? 50 GLN A O   1 
ATOM 316  C CB  . GLN A 1 49 ? 11.354  0.768   1.073   1.00 15.53 ? 50 GLN A CB  1 
ATOM 317  C CG  . GLN A 1 49 ? 12.752  0.186   1.353   1.00 15.34 ? 50 GLN A CG  1 
ATOM 318  C CD  . GLN A 1 49 ? 13.576  1.192   2.126   1.00 15.65 ? 50 GLN A CD  1 
ATOM 319  O OE1 . GLN A 1 49 ? 13.592  2.375   1.803   1.00 17.38 ? 50 GLN A OE1 1 
ATOM 320  N NE2 . GLN A 1 49 ? 14.246  0.693   3.179   1.00 16.69 ? 50 GLN A NE2 1 
ATOM 321  N N   . THR A 1 50 ? 8.213   1.423   2.053   1.00 13.88 ? 51 THR A N   1 
ATOM 322  C CA  . THR A 1 50 ? 6.992   2.196   1.888   1.00 12.29 ? 51 THR A CA  1 
ATOM 323  C C   . THR A 1 50 ? 5.884   1.707   2.854   1.00 10.85 ? 51 THR A C   1 
ATOM 324  O O   . THR A 1 50 ? 5.611   0.500   2.851   1.00 11.99 ? 51 THR A O   1 
ATOM 325  C CB  . THR A 1 50 ? 6.453   2.068   0.452   1.00 15.78 ? 51 THR A CB  1 
ATOM 326  O OG1 . THR A 1 50 ? 7.514   2.365   -0.465  1.00 17.01 ? 51 THR A OG1 1 
ATOM 327  C CG2 . THR A 1 50 ? 5.344   3.097   0.272   1.00 14.72 ? 51 THR A CG2 1 
ATOM 328  N N   . CYS A 1 51 ? 5.301   2.660   3.578   1.00 10.84 ? 52 CYS A N   1 
ATOM 329  C CA  . CYS A 1 51 ? 4.208   2.281   4.456   1.00 13.71 ? 52 CYS A CA  1 
ATOM 330  C C   . CYS A 1 51 ? 3.008   3.192   4.213   1.00 13.63 ? 52 CYS A C   1 
ATOM 331  O O   . CYS A 1 51 ? 3.190   4.409   4.149   1.00 12.09 ? 52 CYS A O   1 
ATOM 332  C CB  . CYS A 1 51 ? 4.517   2.464   5.937   1.00 13.17 ? 52 CYS A CB  1 
ATOM 333  S SG  . CYS A 1 51 ? 5.509   1.067   6.574   1.00 13.14 ? 52 CYS A SG  1 
ATOM 334  N N   . THR A 1 52 ? 1.843   2.580   4.166   1.00 10.97 ? 53 THR A N   1 
ATOM 335  C CA  . THR A 1 52 ? 0.580   3.300   4.190   1.00 11.75 ? 53 THR A CA  1 
ATOM 336  C C   . THR A 1 52 ? -0.308  2.722   5.314   1.00 10.23 ? 53 THR A C   1 
ATOM 337  O O   . THR A 1 52 ? -0.488  1.509   5.226   1.00 12.03 ? 53 THR A O   1 
ATOM 338  C CB  . THR A 1 52 ? -0.185  3.180   2.862   1.00 16.62 ? 53 THR A CB  1 
ATOM 339  O OG1 . THR A 1 52 ? 0.669   3.670   1.810   1.00 13.93 ? 53 THR A OG1 1 
ATOM 340  C CG2 . THR A 1 52 ? -1.450  4.016   2.879   1.00 15.14 ? 53 THR A CG2 1 
ATOM 341  N N   . ASN A 1 53 ? -0.787  3.552   6.209   1.00 13.37 ? 54 ASN A N   1 
ATOM 342  C CA  . ASN A 1 53 ? -1.618  3.156   7.347   1.00 12.34 ? 54 ASN A CA  1 
ATOM 343  C C   . ASN A 1 53 ? -1.002  1.930   8.017   1.00 13.99 ? 54 ASN A C   1 
ATOM 344  O O   . ASN A 1 53 ? -1.685  0.946   8.284   1.00 14.58 ? 54 ASN A O   1 
ATOM 345  C CB  . ASN A 1 53 ? -3.034  2.797   6.881   1.00 14.25 ? 54 ASN A CB  1 
ATOM 346  C CG  . ASN A 1 53 ? -3.995  2.632   8.049   1.00 17.17 ? 54 ASN A CG  1 
ATOM 347  O OD1 . ASN A 1 53 ? -3.777  3.235   9.095   1.00 21.93 ? 54 ASN A OD1 1 
ATOM 348  N ND2 . ASN A 1 53 ? -5.051  1.836   7.854   1.00 22.38 ? 54 ASN A ND2 1 
ATOM 349  N N   . SER A 1 54 ? 0.285   1.989   8.290   1.00 12.57 ? 55 SER A N   1 
ATOM 350  C CA  . SER A 1 54 ? 0.971   0.840   8.916   1.00 10.95 ? 55 SER A CA  1 
ATOM 351  C C   . SER A 1 54 ? 1.796   1.276   10.104  1.00 10.16 ? 55 SER A C   1 
ATOM 352  O O   . SER A 1 54 ? 2.049   2.471   10.334  1.00 13.51 ? 55 SER A O   1 
ATOM 353  C CB  . SER A 1 54 ? 1.831   0.107   7.884   1.00 12.00 ? 55 SER A CB  1 
ATOM 354  O OG  . SER A 1 54 ? 1.064   -0.385  6.814   1.00 12.51 ? 55 SER A OG  1 
ATOM 355  N N   . LYS A 1 55 ? 2.238   0.308   10.895  1.00 13.47 ? 56 LYS A N   1 
ATOM 356  C CA  . LYS A 1 55 ? 2.894   0.582   12.159  1.00 13.89 ? 56 LYS A CA  1 
ATOM 357  C C   . LYS A 1 55 ? 4.352   0.162   12.243  1.00 10.59 ? 56 LYS A C   1 
ATOM 358  O O   . LYS A 1 55 ? 4.719   -0.886  11.685  1.00 11.91 ? 56 LYS A O   1 
ATOM 359  C CB  . LYS A 1 55 ? 2.157   -0.127  13.333  1.00 13.67 ? 56 LYS A CB  1 
ATOM 360  C CG  . LYS A 1 55 ? 0.668   0.122   13.316  1.00 14.32 ? 56 LYS A CG  1 
ATOM 361  C CD  . LYS A 1 55 ? 0.241   1.538   13.606  1.00 22.88 ? 56 LYS A CD  1 
ATOM 362  C CE  . LYS A 1 55 ? -1.303  1.569   13.632  1.00 24.77 ? 56 LYS A CE  1 
ATOM 363  N NZ  . LYS A 1 55 ? -1.787  2.974   13.719  1.00 41.18 ? 56 LYS A NZ  1 
ATOM 364  N N   . ASP A 1 56 ? 5.082   0.994   12.967  1.00 11.01 ? 57 ASP A N   1 
ATOM 365  C CA  . ASP A 1 56 ? 6.508   0.785   13.246  1.00 13.84 ? 57 ASP A CA  1 
ATOM 366  C C   . ASP A 1 56 ? 7.371   0.630   11.985  1.00 12.51 ? 57 ASP A C   1 
ATOM 367  O O   . ASP A 1 56 ? 8.103   -0.328  11.807  1.00 12.19 ? 57 ASP A O   1 
ATOM 368  C CB  . ASP A 1 56 ? 6.657   -0.434  14.168  1.00 13.40 ? 57 ASP A CB  1 
ATOM 369  C CG  . ASP A 1 56 ? 6.045   -0.131  15.536  1.00 19.40 ? 57 ASP A CG  1 
ATOM 370  O OD1 . ASP A 1 56 ? 6.083   1.020   15.993  1.00 18.30 ? 57 ASP A OD1 1 
ATOM 371  O OD2 . ASP A 1 56 ? 5.523   -1.082  16.149  1.00 21.66 ? 57 ASP A OD2 1 
ATOM 372  N N   . CYS A 1 57 ? 7.280   1.650   11.130  1.00 10.54 ? 58 CYS A N   1 
ATOM 373  C CA  . CYS A 1 57 ? 7.970   1.615   9.832   1.00 11.26 ? 58 CYS A CA  1 
ATOM 374  C C   . CYS A 1 57 ? 9.327   2.260   9.974   1.00 13.49 ? 58 CYS A C   1 
ATOM 375  O O   . CYS A 1 57 ? 9.572   3.325   9.385   1.00 13.78 ? 58 CYS A O   1 
ATOM 376  C CB  . CYS A 1 57 ? 7.104   2.364   8.804   1.00 13.09 ? 58 CYS A CB  1 
ATOM 377  S SG  . CYS A 1 57 ? 5.525   1.468   8.579   1.00 13.45 ? 58 CYS A SG  1 
ATOM 378  N N   . PHE A 1 58 ? 10.193  1.636   10.775  1.00 10.13 ? 59 PHE A N   1 
ATOM 379  C CA  . PHE A 1 58 ? 11.399  2.276   11.219  1.00 11.30 ? 59 PHE A CA  1 
ATOM 380  C C   . PHE A 1 58 ? 12.376  2.603   10.083  1.00 16.71 ? 59 PHE A C   1 
ATOM 381  O O   . PHE A 1 58 ? 13.265  3.440   10.286  1.00 14.87 ? 59 PHE A O   1 
ATOM 382  C CB  . PHE A 1 58 ? 12.145  1.329   12.180  1.00 12.76 ? 59 PHE A CB  1 
ATOM 383  C CG  . PHE A 1 58 ? 11.344  0.917   13.428  1.00 12.72 ? 59 PHE A CG  1 
ATOM 384  C CD1 . PHE A 1 58 ? 11.378  -0.395  13.860  1.00 16.12 ? 59 PHE A CD1 1 
ATOM 385  C CD2 . PHE A 1 58 ? 10.609  1.863   14.136  1.00 13.29 ? 59 PHE A CD2 1 
ATOM 386  C CE1 . PHE A 1 58 ? 10.714  -0.778  15.033  1.00 13.44 ? 59 PHE A CE1 1 
ATOM 387  C CE2 . PHE A 1 58 ? 9.935   1.477   15.299  1.00 14.11 ? 59 PHE A CE2 1 
ATOM 388  C CZ  . PHE A 1 58 ? 9.990   0.164   15.713  1.00 11.34 ? 59 PHE A CZ  1 
ATOM 389  N N   . GLU A 1 59 ? 12.262  1.916   8.949   1.00 12.51 ? 60 GLU A N   1 
ATOM 390  C CA  . GLU A 1 59 ? 13.240  2.021   7.884   1.00 13.59 ? 60 GLU A CA  1 
ATOM 391  C C   . GLU A 1 59 ? 12.668  2.742   6.665   1.00 15.97 ? 60 GLU A C   1 
ATOM 392  O O   . GLU A 1 59 ? 13.440  3.052   5.770   1.00 13.88 ? 60 GLU A O   1 
ATOM 393  C CB  . GLU A 1 59 ? 13.747  0.645   7.416   1.00 13.80 ? 60 GLU A CB  1 
ATOM 394  C CG  . GLU A 1 59 ? 14.640  -0.087  8.402   1.00 13.30 ? 60 GLU A CG  1 
ATOM 395  C CD  . GLU A 1 59 ? 16.038  0.507   8.485   1.00 22.87 ? 60 GLU A CD  1 
ATOM 396  O OE1 . GLU A 1 59 ? 16.454  1.287   7.610   1.00 22.64 ? 60 GLU A OE1 1 
ATOM 397  O OE2 . GLU A 1 59 ? 16.775  0.201   9.459   1.00 34.38 ? 60 GLU A OE2 1 
ATOM 398  N N   . ALA A 1 60 ? 11.375  2.955   6.622   1.00 12.19 ? 61 ALA A N   1 
ATOM 399  C CA  . ALA A 1 60 ? 10.721  3.455   5.415   1.00 11.75 ? 61 ALA A CA  1 
ATOM 400  C C   . ALA A 1 60 ? 11.226  4.824   4.986   1.00 12.85 ? 61 ALA A C   1 
ATOM 401  O O   . ALA A 1 60 ? 11.446  5.732   5.774   1.00 14.91 ? 61 ALA A O   1 
ATOM 402  C CB  . ALA A 1 60 ? 9.199   3.547   5.645   1.00 12.46 ? 61 ALA A CB  1 
ATOM 403  N N   . ASN A 1 61 ? 11.334  4.967   3.650   1.00 13.15 ? 62 ASN A N   1 
ATOM 404  C CA  . ASN A 1 61 ? 11.603  6.324   3.151   1.00 15.85 ? 62 ASN A CA  1 
ATOM 405  C C   . ASN A 1 61 ? 10.339  7.128   2.902   1.00 18.07 ? 62 ASN A C   1 
ATOM 406  O O   . ASN A 1 61 ? 10.312  8.363   2.788   1.00 16.05 ? 62 ASN A O   1 
ATOM 407  C CB  . ASN A 1 61 ? 12.419  6.203   1.852   1.00 19.10 ? 62 ASN A CB  1 
ATOM 408  C CG  . ASN A 1 61 ? 11.660  5.526   0.746   1.00 28.42 ? 62 ASN A CG  1 
ATOM 409  O OD1 . ASN A 1 61 ? 10.589  6.000   0.350   1.00 38.27 ? 62 ASN A OD1 1 
ATOM 410  N ND2 . ASN A 1 61 ? 12.212  4.427   0.242   1.00 31.30 ? 62 ASN A ND2 1 
ATOM 411  N N   . THR A 1 62 ? 9.201   6.421   2.852   1.00 16.26 ? 63 THR A N   1 
ATOM 412  C CA  . THR A 1 62 ? 7.919   7.032   2.578   1.00 20.33 ? 63 THR A CA  1 
ATOM 413  C C   . THR A 1 62 ? 6.860   6.503   3.532   1.00 12.00 ? 63 THR A C   1 
ATOM 414  O O   . THR A 1 62 ? 6.684   5.264   3.607   1.00 16.07 ? 63 THR A O   1 
ATOM 415  C CB  . THR A 1 62 ? 7.444   6.762   1.133   1.00 20.36 ? 63 THR A CB  1 
ATOM 416  O OG1 . THR A 1 62 ? 8.428   7.298   0.223   1.00 21.02 ? 63 THR A OG1 1 
ATOM 417  C CG2 . THR A 1 62 ? 6.149   7.514   0.903   1.00 17.69 ? 63 THR A CG2 1 
ATOM 418  N N   . CYS A 1 63 ? 6.221   7.386   4.278   1.00 15.09 ? 64 CYS A N   1 
ATOM 419  C CA  . CYS A 1 63 ? 5.183   7.012   5.222   1.00 15.19 ? 64 CYS A CA  1 
ATOM 420  C C   . CYS A 1 63 ? 3.928   7.863   5.043   1.00 15.95 ? 64 CYS A C   1 
ATOM 421  O O   . CYS A 1 63 ? 4.047   9.091   4.911   1.00 18.33 ? 64 CYS A O   1 
ATOM 422  C CB  . CYS A 1 63 ? 5.613   7.237   6.673   1.00 14.45 ? 64 CYS A CB  1 
ATOM 423  S SG  . CYS A 1 63 ? 6.498   5.782   7.347   1.00 17.08 ? 64 CYS A SG  1 
ATOM 424  N N   . THR A 1 64 ? 2.774   7.226   5.070   1.00 15.51 ? 65 THR A N   1 
ATOM 425  C CA  . THR A 1 64 ? 1.491   7.920   5.087   1.00 17.57 ? 65 THR A CA  1 
ATOM 426  C C   . THR A 1 64 ? 0.580   7.316   6.135   1.00 17.17 ? 65 THR A C   1 
ATOM 427  O O   . THR A 1 64 ? 0.435   6.084   6.030   1.00 18.18 ? 65 THR A O   1 
ATOM 428  C CB  . THR A 1 64 ? 0.789   7.778   3.722   1.00 18.64 ? 65 THR A CB  1 
ATOM 429  O OG1 . THR A 1 64 ? 1.631   8.338   2.723   1.00 21.50 ? 65 THR A OG1 1 
ATOM 430  C CG2 . THR A 1 64 ? -0.518  8.536   3.678   1.00 15.09 ? 65 THR A CG2 1 
ATOM 431  N N   . ASP A 1 65 ? 0.013   8.103   7.032   1.00 17.64 ? 66 ASP A N   1 
ATOM 432  C CA  . ASP A 1 65 ? -0.860  7.613   8.085   1.00 19.14 ? 66 ASP A CA  1 
ATOM 433  C C   . ASP A 1 65 ? -0.185  6.471   8.836   1.00 24.73 ? 66 ASP A C   1 
ATOM 434  O O   . ASP A 1 65 ? -0.833  5.492   9.209   1.00 19.63 ? 66 ASP A O   1 
ATOM 435  C CB  . ASP A 1 65 ? -2.196  7.140   7.511   1.00 15.10 ? 66 ASP A CB  1 
ATOM 436  C CG  . ASP A 1 65 ? -2.863  8.219   6.684   1.00 30.44 ? 66 ASP A CG  1 
ATOM 437  O OD1 . ASP A 1 65 ? -3.660  7.889   5.778   1.00 29.95 ? 66 ASP A OD1 1 
ATOM 438  O OD2 . ASP A 1 65 ? -2.593  9.409   6.923   1.00 27.11 ? 66 ASP A OD2 1 
ATOM 439  N N   . SER A 1 66 ? 1.125   6.598   9.066   1.00 18.81 ? 67 SER A N   1 
ATOM 440  C CA  . SER A 1 66 ? 1.866   5.467   9.633   1.00 17.09 ? 67 SER A CA  1 
ATOM 441  C C   . SER A 1 66 ? 2.625   5.858   10.881  1.00 15.65 ? 67 SER A C   1 
ATOM 442  O O   . SER A 1 66 ? 2.709   7.054   11.211  1.00 19.59 ? 67 SER A O   1 
ATOM 443  C CB  . SER A 1 66 ? 2.815   4.924   8.570   1.00 16.56 ? 67 SER A CB  1 
ATOM 444  O OG  . SER A 1 66 ? 2.146   4.264   7.513   1.00 15.65 ? 67 SER A OG  1 
ATOM 445  N N   . THR A 1 67 ? 3.206   4.898   11.619  1.00 14.39 ? 68 THR A N   1 
ATOM 446  C CA  . THR A 1 67 ? 3.879   5.256   12.862  1.00 16.37 ? 68 THR A CA  1 
ATOM 447  C C   . THR A 1 67 ? 5.379   4.921   12.837  1.00 15.95 ? 68 THR A C   1 
ATOM 448  O O   . THR A 1 67 ? 5.855   4.019   12.127  1.00 14.40 ? 68 THR A O   1 
ATOM 449  C CB  . THR A 1 67 ? 3.281   4.568   14.116  1.00 15.17 ? 68 THR A CB  1 
ATOM 450  O OG1 . THR A 1 67 ? 3.422   3.145   14.037  1.00 14.96 ? 68 THR A OG1 1 
ATOM 451  C CG2 . THR A 1 67 ? 1.785   4.830   14.244  1.00 17.59 ? 68 THR A CG2 1 
ATOM 452  N N   . ASN A 1 68 ? 6.082   5.691   13.667  1.00 14.86 ? 69 ASN A N   1 
ATOM 453  C CA  . ASN A 1 68 ? 7.490   5.479   13.996  1.00 13.76 ? 69 ASN A CA  1 
ATOM 454  C C   . ASN A 1 68 ? 8.367   5.382   12.753  1.00 12.89 ? 69 ASN A C   1 
ATOM 455  O O   . ASN A 1 68 ? 9.232   4.526   12.561  1.00 14.58 ? 69 ASN A O   1 
ATOM 456  C CB  . ASN A 1 68 ? 7.600   4.233   14.881  1.00 16.57 ? 69 ASN A CB  1 
ATOM 457  C CG  . ASN A 1 68 ? 6.993   4.556   16.243  1.00 20.36 ? 69 ASN A CG  1 
ATOM 458  O OD1 . ASN A 1 68 ? 6.685   5.709   16.572  1.00 18.67 ? 69 ASN A OD1 1 
ATOM 459  N ND2 . ASN A 1 68 ? 6.782   3.537   17.067  1.00 19.15 ? 69 ASN A ND2 1 
ATOM 460  N N   . CYS A 1 69 ? 8.155   6.360   11.882  1.00 15.14 ? 70 CYS A N   1 
ATOM 461  C CA  . CYS A 1 69 ? 8.875   6.421   10.627  1.00 14.88 ? 70 CYS A CA  1 
ATOM 462  C C   . CYS A 1 69 ? 10.211  7.140   10.721  1.00 15.58 ? 70 CYS A C   1 
ATOM 463  O O   . CYS A 1 69 ? 10.396  8.241   10.204  1.00 17.15 ? 70 CYS A O   1 
ATOM 464  C CB  . CYS A 1 69 ? 7.990   7.132   9.578   1.00 15.69 ? 70 CYS A CB  1 
ATOM 465  S SG  . CYS A 1 69 ? 6.470   6.140   9.323   1.00 16.39 ? 70 CYS A SG  1 
ATOM 466  N N   . TYR A 1 70 ? 11.167  6.508   11.385  1.00 15.12 ? 71 TYR A N   1 
ATOM 467  C CA  . TYR A 1 70 ? 12.456  7.101   11.749  1.00 16.83 ? 71 TYR A CA  1 
ATOM 468  C C   . TYR A 1 70 ? 13.265  7.704   10.596  1.00 21.52 ? 71 TYR A C   1 
ATOM 469  O O   . TYR A 1 70 ? 14.031  8.671   10.795  1.00 18.62 ? 71 TYR A O   1 
ATOM 470  C CB  . TYR A 1 70 ? 13.317  6.020   12.415  1.00 17.07 ? 71 TYR A CB  1 
ATOM 471  C CG  . TYR A 1 70 ? 12.873  5.434   13.735  1.00 13.81 ? 71 TYR A CG  1 
ATOM 472  C CD1 . TYR A 1 70 ? 13.441  4.263   14.251  1.00 14.48 ? 71 TYR A CD1 1 
ATOM 473  C CD2 . TYR A 1 70 ? 11.899  6.026   14.510  1.00 13.17 ? 71 TYR A CD2 1 
ATOM 474  C CE1 . TYR A 1 70 ? 13.060  3.682   15.474  1.00 12.22 ? 71 TYR A CE1 1 
ATOM 475  C CE2 . TYR A 1 70 ? 11.509  5.479   15.720  1.00 14.69 ? 71 TYR A CE2 1 
ATOM 476  C CZ  . TYR A 1 70 ? 12.093  4.313   16.180  1.00 17.05 ? 71 TYR A CZ  1 
ATOM 477  O OH  . TYR A 1 70 ? 11.684  3.790   17.389  1.00 17.45 ? 71 TYR A OH  1 
ATOM 478  N N   . LYS A 1 71 ? 13.153  7.126   9.418   1.00 12.68 ? 72 LYS A N   1 
ATOM 479  C CA  . LYS A 1 71 ? 13.900  7.527   8.242   1.00 16.10 ? 72 LYS A CA  1 
ATOM 480  C C   . LYS A 1 71 ? 13.042  8.156   7.167   1.00 15.66 ? 72 LYS A C   1 
ATOM 481  O O   . LYS A 1 71 ? 13.599  8.394   6.095   1.00 20.64 ? 72 LYS A O   1 
ATOM 482  C CB  . LYS A 1 71 ? 14.607  6.295   7.633   1.00 15.83 ? 72 LYS A CB  1 
ATOM 483  C CG  . LYS A 1 71 ? 15.641  5.767   8.631   1.00 18.39 ? 72 LYS A CG  1 
ATOM 484  C CD  . LYS A 1 71 ? 16.507  4.669   8.113   1.00 14.82 ? 72 LYS A CD  1 
ATOM 485  C CE  . LYS A 1 71 ? 17.582  4.290   9.125   1.00 20.45 ? 72 LYS A CE  1 
ATOM 486  N NZ  . LYS A 1 71 ? 18.318  3.066   8.685   1.00 19.91 ? 72 LYS A NZ  1 
ATOM 487  N N   . ALA A 1 72 ? 11.754  8.437   7.374   1.00 13.20 ? 73 ALA A N   1 
ATOM 488  C CA  . ALA A 1 72 ? 10.966  8.853   6.218   1.00 14.85 ? 73 ALA A CA  1 
ATOM 489  C C   . ALA A 1 72 ? 11.211  10.292  5.785   1.00 17.70 ? 73 ALA A C   1 
ATOM 490  O O   . ALA A 1 72 ? 10.918  11.193  6.562   1.00 26.06 ? 73 ALA A O   1 
ATOM 491  C CB  . ALA A 1 72 ? 9.464   8.705   6.515   1.00 18.08 ? 73 ALA A CB  1 
ATOM 492  N N   . THR A 1 73 ? 11.675  10.425  4.552   1.00 16.55 ? 74 THR A N   1 
ATOM 493  C CA  . THR A 1 73 ? 11.805  11.804  4.018   1.00 21.29 ? 74 THR A CA  1 
ATOM 494  C C   . THR A 1 73 ? 10.487  12.324  3.474   1.00 24.38 ? 74 THR A C   1 
ATOM 495  O O   . THR A 1 73 ? 10.255  13.529  3.302   1.00 22.04 ? 74 THR A O   1 
ATOM 496  C CB  . THR A 1 73 ? 12.855  11.790  2.899   1.00 25.80 ? 74 THR A CB  1 
ATOM 497  O OG1 . THR A 1 73 ? 12.430  10.845  1.922   1.00 28.12 ? 74 THR A OG1 1 
ATOM 498  C CG2 . THR A 1 73 ? 14.182  11.276  3.418   1.00 24.53 ? 74 THR A CG2 1 
ATOM 499  N N   . ALA A 1 74 ? 9.588   11.384  3.188   1.00 18.26 ? 75 ALA A N   1 
ATOM 500  C CA  . ALA A 1 74 ? 8.203   11.739  2.854   1.00 20.07 ? 75 ALA A CA  1 
ATOM 501  C C   . ALA A 1 74 ? 7.356   11.241  4.020   1.00 25.64 ? 75 ALA A C   1 
ATOM 502  O O   . ALA A 1 74 ? 7.212   10.040  4.258   1.00 22.64 ? 75 ALA A O   1 
ATOM 503  C CB  . ALA A 1 74 ? 7.764   11.173  1.527   1.00 20.37 ? 75 ALA A CB  1 
ATOM 504  N N   . CYS A 1 75 ? 6.845   12.178  4.792   1.00 18.25 ? 76 CYS A N   1 
ATOM 505  C CA  . CYS A 1 75 ? 6.149   11.838  6.023   1.00 20.40 ? 76 CYS A CA  1 
ATOM 506  C C   . CYS A 1 75 ? 4.825   12.586  6.078   1.00 33.38 ? 76 CYS A C   1 
ATOM 507  O O   . CYS A 1 75 ? 4.896   13.784  6.319   1.00 27.96 ? 76 CYS A O   1 
ATOM 508  C CB  . CYS A 1 75 ? 7.004   12.229  7.204   1.00 11.72 ? 76 CYS A CB  1 
ATOM 509  S SG  . CYS A 1 75 ? 6.268   12.198  8.841   1.00 26.25 ? 76 CYS A SG  1 
ATOM 510  N N   . THR A 1 76 ? 3.725   11.875  5.873   1.00 22.46 ? 77 THR A N   1 
ATOM 511  C CA  . THR A 1 76 ? 2.410   12.506  5.910   1.00 18.52 ? 77 THR A CA  1 
ATOM 512  C C   . THR A 1 76 ? 1.559   11.911  7.018   1.00 22.05 ? 77 THR A C   1 
ATOM 513  O O   . THR A 1 76 ? 1.276   10.699  6.957   1.00 23.11 ? 77 THR A O   1 
ATOM 514  C CB  . THR A 1 76 ? 1.684   12.289  4.566   1.00 22.65 ? 77 THR A CB  1 
ATOM 515  O OG1 . THR A 1 76 ? 2.528   12.794  3.532   1.00 20.97 ? 77 THR A OG1 1 
ATOM 516  C CG2 . THR A 1 76 ? 0.375   13.060  4.539   1.00 15.98 ? 77 THR A CG2 1 
ATOM 517  N N   . ASN A 1 77 ? 1.177   12.742  7.962   1.00 15.74 ? 78 ASN A N   1 
ATOM 518  C CA  . ASN A 1 77 ? 0.299   12.337  9.060   1.00 18.59 ? 78 ASN A CA  1 
ATOM 519  C C   . ASN A 1 77 ? 0.868   11.062  9.689   1.00 23.13 ? 78 ASN A C   1 
ATOM 520  O O   . ASN A 1 77 ? 0.141   10.099  9.877   1.00 21.96 ? 78 ASN A O   1 
ATOM 521  C CB  . ASN A 1 77 ? -1.124  12.135  8.563   1.00 19.70 ? 78 ASN A CB  1 
ATOM 522  C CG  . ASN A 1 77 ? -2.081  11.887  9.725   1.00 37.15 ? 78 ASN A CG  1 
ATOM 523  O OD1 . ASN A 1 77 ? -1.941  12.510  10.782  1.00 31.84 ? 78 ASN A OD1 1 
ATOM 524  N ND2 . ASN A 1 77 ? -3.049  11.002  9.539   1.00 26.47 ? 78 ASN A ND2 1 
ATOM 525  N N   . SER A 1 78 ? 2.166   11.070  9.945   1.00 22.71 ? 79 SER A N   1 
ATOM 526  C CA  . SER A 1 78 ? 2.921   9.962   10.532  1.00 22.07 ? 79 SER A CA  1 
ATOM 527  C C   . SER A 1 78 ? 3.783   10.456  11.695  1.00 22.60 ? 79 SER A C   1 
ATOM 528  O O   . SER A 1 78 ? 4.207   11.614  11.693  1.00 28.00 ? 79 SER A O   1 
ATOM 529  C CB  . SER A 1 78 ? 3.823   9.303   9.491   1.00 16.57 ? 79 SER A CB  1 
ATOM 530  O OG  . SER A 1 78 ? 3.043   8.719   8.449   1.00 21.01 ? 79 SER A OG  1 
ATOM 531  N N   . SER A 1 79 ? 3.998   9.589   12.667  1.00 20.53 ? 80 SER A N   1 
ATOM 532  C CA  . SER A 1 79 ? 4.760   9.832   13.873  1.00 14.94 ? 80 SER A CA  1 
ATOM 533  C C   . SER A 1 79 ? 6.206   9.384   13.714  1.00 16.95 ? 80 SER A C   1 
ATOM 534  O O   . SER A 1 79 ? 6.514   8.546   12.862  1.00 17.91 ? 80 SER A O   1 
ATOM 535  C CB  . SER A 1 79 ? 4.093   9.135   15.070  1.00 20.62 ? 80 SER A CB  1 
ATOM 536  O OG  . SER A 1 79 ? 4.157   7.728   14.899  1.00 21.89 ? 80 SER A OG  1 
ATOM 537  N N   . GLY A 1 80 ? 7.093   9.956   14.548  1.00 18.27 ? 81 GLY A N   1 
ATOM 538  C CA  . GLY A 1 80 ? 8.460   9.492   14.566  1.00 18.22 ? 81 GLY A CA  1 
ATOM 539  C C   . GLY A 1 80 ? 9.332   9.937   13.423  1.00 19.22 ? 81 GLY A C   1 
ATOM 540  O O   . GLY A 1 80 ? 10.454  9.442   13.246  1.00 20.50 ? 81 GLY A O   1 
ATOM 541  N N   . CYS A 1 81 ? 8.888   10.870  12.575  1.00 20.36 ? 82 CYS A N   1 
ATOM 542  C CA  . CYS A 1 81 ? 9.707   11.230  11.426  1.00 18.25 ? 82 CYS A CA  1 
ATOM 543  C C   . CYS A 1 81 ? 10.848  12.196  11.742  1.00 21.06 ? 82 CYS A C   1 
ATOM 544  O O   . CYS A 1 81 ? 10.773  12.947  12.723  1.00 29.56 ? 82 CYS A O   1 
ATOM 545  C CB  . CYS A 1 81 ? 8.837   11.922  10.377  1.00 21.54 ? 82 CYS A CB  1 
ATOM 546  S SG  . CYS A 1 81 ? 7.489   10.871  9.780   1.00 22.17 ? 82 CYS A SG  1 
ATOM 547  N N   . PRO A 1 82 ? 11.866  12.152  10.899  1.00 19.59 ? 83 PRO A N   1 
ATOM 548  C CA  . PRO A 1 82 ? 13.049  13.006  11.115  1.00 21.81 ? 83 PRO A CA  1 
ATOM 549  C C   . PRO A 1 82 ? 12.652  14.475  10.954  1.00 33.95 ? 83 PRO A C   1 
ATOM 550  O O   . PRO A 1 82 ? 13.105  15.351  11.692  1.00 53.99 ? 83 PRO A O   1 
ATOM 551  C CB  . PRO A 1 82 ? 14.041  12.591  10.041  1.00 27.05 ? 83 PRO A CB  1 
ATOM 552  C CG  . PRO A 1 82 ? 13.396  11.548  9.202   1.00 27.16 ? 83 PRO A CG  1 
ATOM 553  C CD  . PRO A 1 82 ? 12.016  11.310  9.704   1.00 22.11 ? 83 PRO A CD  1 
ATOM 554  N N   . GLN B 1 1  ? -6.439  -14.744 -9.582  1.00 25.72 ? 2  GLN B N   1 
ATOM 555  C CA  . GLN B 1 1  ? -6.933  -14.377 -8.253  1.00 21.80 ? 2  GLN B CA  1 
ATOM 556  C C   . GLN B 1 1  ? -6.588  -12.948 -7.872  1.00 16.19 ? 2  GLN B C   1 
ATOM 557  O O   . GLN B 1 1  ? -7.117  -12.015 -8.498  1.00 17.45 ? 2  GLN B O   1 
ATOM 558  C CB  . GLN B 1 1  ? -6.344  -15.338 -7.213  1.00 52.30 ? 2  GLN B CB  1 
ATOM 559  C CG  . GLN B 1 1  ? -7.290  -16.445 -6.783  1.00 56.18 ? 2  GLN B CG  1 
ATOM 560  C CD  . GLN B 1 1  ? -8.654  -15.931 -6.396  1.00 63.91 ? 2  GLN B CD  1 
ATOM 561  O OE1 . GLN B 1 1  ? -8.843  -15.412 -5.288  1.00 97.52 ? 2  GLN B OE1 1 
ATOM 562  N NE2 . GLN B 1 1  ? -9.645  -16.053 -7.273  1.00 72.98 ? 2  GLN B NE2 1 
ATOM 563  N N   . CYS B 1 2  ? -5.749  -12.732 -6.871  1.00 14.12 ? 3  CYS B N   1 
ATOM 564  C CA  . CYS B 1 2  ? -5.432  -11.388 -6.416  1.00 14.00 ? 3  CYS B CA  1 
ATOM 565  C C   . CYS B 1 2  ? -3.950  -11.057 -6.428  1.00 14.35 ? 3  CYS B C   1 
ATOM 566  O O   . CYS B 1 2  ? -3.562  -9.915  -6.248  1.00 16.58 ? 3  CYS B O   1 
ATOM 567  C CB  . CYS B 1 2  ? -5.893  -11.177 -4.961  1.00 14.11 ? 3  CYS B CB  1 
ATOM 568  S SG  . CYS B 1 2  ? -7.698  -11.195 -4.845  1.00 18.16 ? 3  CYS B SG  1 
ATOM 569  N N   . THR B 1 3  ? -3.127  -12.095 -6.641  1.00 17.38 ? 4  THR B N   1 
ATOM 570  C CA  . THR B 1 3  ? -1.695  -11.821 -6.496  1.00 19.25 ? 4  THR B CA  1 
ATOM 571  C C   . THR B 1 3  ? -0.973  -12.482 -7.655  1.00 21.94 ? 4  THR B C   1 
ATOM 572  O O   . THR B 1 3  ? -1.095  -13.697 -7.848  1.00 29.53 ? 4  THR B O   1 
ATOM 573  C CB  . THR B 1 3  ? -1.161  -12.343 -5.154  1.00 25.59 ? 4  THR B CB  1 
ATOM 574  O OG1 . THR B 1 3  ? -1.346  -13.759 -5.173  1.00 26.54 ? 4  THR B OG1 1 
ATOM 575  C CG2 . THR B 1 3  ? -1.919  -11.798 -3.945  1.00 18.00 ? 4  THR B CG2 1 
ATOM 576  N N   . GLY B 1 4  ? -0.255  -11.675 -8.413  1.00 29.28 ? 5  GLY B N   1 
ATOM 577  C CA  . GLY B 1 4  ? 0.405   -12.230 -9.584  1.00 25.21 ? 5  GLY B CA  1 
ATOM 578  C C   . GLY B 1 4  ? -0.544  -12.349 -10.756 1.00 29.56 ? 5  GLY B C   1 
ATOM 579  O O   . GLY B 1 4  ? -1.763  -12.391 -10.645 1.00 29.05 ? 5  GLY B O   1 
ATOM 580  N N   . GLY B 1 5  ? 0.070   -12.425 -11.944 1.00 30.12 ? 6  GLY B N   1 
ATOM 581  C CA  . GLY B 1 5  ? -0.737  -12.726 -13.106 1.00 29.63 ? 6  GLY B CA  1 
ATOM 582  C C   . GLY B 1 5  ? -1.187  -11.495 -13.868 1.00 27.84 ? 6  GLY B C   1 
ATOM 583  O O   . GLY B 1 5  ? -0.946  -10.343 -13.501 1.00 26.68 ? 6  GLY B O   1 
ATOM 584  N N   . ALA B 1 6  ? -1.844  -11.826 -14.967 1.00 24.39 ? 7  ALA B N   1 
ATOM 585  C CA  . ALA B 1 6  ? -2.273  -10.867 -15.967 1.00 33.91 ? 7  ALA B CA  1 
ATOM 586  C C   . ALA B 1 6  ? -3.652  -10.323 -15.611 1.00 31.05 ? 7  ALA B C   1 
ATOM 587  O O   . ALA B 1 6  ? -3.883  -9.133  -15.821 1.00 26.64 ? 7  ALA B O   1 
ATOM 588  C CB  . ALA B 1 6  ? -2.294  -11.505 -17.353 1.00 20.40 ? 7  ALA B CB  1 
ATOM 589  N N   . ASP B 1 7  ? -4.515  -11.209 -15.113 1.00 24.04 ? 8  ASP B N   1 
ATOM 590  C CA  . ASP B 1 7  ? -5.914  -10.824 -14.929 1.00 17.32 ? 8  ASP B CA  1 
ATOM 591  C C   . ASP B 1 7  ? -6.489  -11.199 -13.564 1.00 20.06 ? 8  ASP B C   1 
ATOM 592  O O   . ASP B 1 7  ? -6.685  -12.359 -13.201 1.00 23.31 ? 8  ASP B O   1 
ATOM 593  C CB  . ASP B 1 7  ? -6.732  -11.498 -16.029 1.00 21.49 ? 8  ASP B CB  1 
ATOM 594  C CG  . ASP B 1 7  ? -8.199  -11.123 -16.074 1.00 41.33 ? 8  ASP B CG  1 
ATOM 595  O OD1 . ASP B 1 7  ? -8.974  -11.758 -16.834 1.00 45.50 ? 8  ASP B OD1 1 
ATOM 596  O OD2 . ASP B 1 7  ? -8.620  -10.181 -15.379 1.00 25.19 ? 8  ASP B OD2 1 
ATOM 597  N N   . CYS B 1 8  ? -6.788  -10.149 -12.807 1.00 14.90 ? 9  CYS B N   1 
ATOM 598  C CA  . CYS B 1 8  ? -7.340  -10.357 -11.476 1.00 21.31 ? 9  CYS B CA  1 
ATOM 599  C C   . CYS B 1 8  ? -8.713  -9.704  -11.400 1.00 16.95 ? 9  CYS B C   1 
ATOM 600  O O   . CYS B 1 8  ? -9.080  -9.153  -10.367 1.00 15.43 ? 9  CYS B O   1 
ATOM 601  C CB  . CYS B 1 8  ? -6.428  -9.779  -10.381 1.00 12.92 ? 9  CYS B CB  1 
ATOM 602  S SG  . CYS B 1 8  ? -4.865  -10.658 -10.186 1.00 18.56 ? 9  CYS B SG  1 
ATOM 603  N N   . THR B 1 9  ? -9.454  -9.760  -12.514 1.00 17.37 ? 10 THR B N   1 
ATOM 604  C CA  . THR B 1 9  ? -10.823 -9.222  -12.435 1.00 18.66 ? 10 THR B CA  1 
ATOM 605  C C   . THR B 1 9  ? -11.639 -9.822  -11.279 1.00 16.58 ? 10 THR B C   1 
ATOM 606  O O   . THR B 1 9  ? -12.467 -9.092  -10.728 1.00 18.59 ? 10 THR B O   1 
ATOM 607  C CB  . THR B 1 9  ? -11.560 -9.538  -13.752 1.00 26.39 ? 10 THR B CB  1 
ATOM 608  O OG1 . THR B 1 9  ? -10.880 -8.812  -14.773 1.00 22.23 ? 10 THR B OG1 1 
ATOM 609  C CG2 . THR B 1 9  ? -13.011 -9.084  -13.653 1.00 24.49 ? 10 THR B CG2 1 
ATOM 610  N N   . SER B 1 10 ? -11.391 -11.085 -10.963 1.00 16.72 ? 11 SER B N   1 
ATOM 611  C CA  . SER B 1 10 ? -12.115 -11.775 -9.886  1.00 19.51 ? 11 SER B CA  1 
ATOM 612  C C   . SER B 1 10 ? -11.760 -11.248 -8.506  1.00 20.08 ? 11 SER B C   1 
ATOM 613  O O   . SER B 1 10 ? -12.446 -11.545 -7.517  1.00 19.25 ? 11 SER B O   1 
ATOM 614  C CB  . SER B 1 10 ? -11.824 -13.272 -9.937  1.00 18.12 ? 11 SER B CB  1 
ATOM 615  O OG  . SER B 1 10 ? -10.430 -13.537 -9.794  1.00 23.97 ? 11 SER B OG  1 
ATOM 616  N N   . CYS B 1 11 ? -10.680 -10.478 -8.394  1.00 17.10 ? 12 CYS B N   1 
ATOM 617  C CA  . CYS B 1 11 ? -10.309 -10.001 -7.063  1.00 13.85 ? 12 CYS B CA  1 
ATOM 618  C C   . CYS B 1 11 ? -11.176 -8.891  -6.514  1.00 16.44 ? 12 CYS B C   1 
ATOM 619  O O   . CYS B 1 11 ? -11.223 -7.752  -7.016  1.00 16.62 ? 12 CYS B O   1 
ATOM 620  C CB  . CYS B 1 11 ? -8.844  -9.554  -7.140  1.00 15.85 ? 12 CYS B CB  1 
ATOM 621  S SG  . CYS B 1 11 ? -8.187  -9.271  -5.462  1.00 15.95 ? 12 CYS B SG  1 
ATOM 622  N N   . THR B 1 12 ? -11.897 -9.197  -5.411  1.00 12.43 ? 13 THR B N   1 
ATOM 623  C CA  . THR B 1 12 ? -12.687 -8.174  -4.739  1.00 11.07 ? 13 THR B CA  1 
ATOM 624  C C   . THR B 1 12 ? -12.112 -7.730  -3.407  1.00 12.41 ? 13 THR B C   1 
ATOM 625  O O   . THR B 1 12 ? -12.743 -6.986  -2.646  1.00 16.55 ? 13 THR B O   1 
ATOM 626  C CB  . THR B 1 12 ? -14.143 -8.654  -4.536  1.00 14.38 ? 13 THR B CB  1 
ATOM 627  O OG1 . THR B 1 12 ? -14.126 -9.913  -3.848  1.00 17.09 ? 13 THR B OG1 1 
ATOM 628  C CG2 . THR B 1 12 ? -14.770 -8.932  -5.898  1.00 19.20 ? 13 THR B CG2 1 
ATOM 629  N N   . GLY B 1 13 ? -10.900 -8.187  -3.099  1.00 14.27 ? 14 GLY B N   1 
ATOM 630  C CA  . GLY B 1 13 ? -10.149 -7.737  -1.955  1.00 12.90 ? 14 GLY B CA  1 
ATOM 631  C C   . GLY B 1 13 ? -8.956  -6.912  -2.423  1.00 13.29 ? 14 GLY B C   1 
ATOM 632  O O   . GLY B 1 13 ? -9.166  -5.903  -3.089  1.00 15.68 ? 14 GLY B O   1 
ATOM 633  N N   . ALA B 1 14 ? -7.762  -7.321  -2.049  1.00 14.03 ? 15 ALA B N   1 
ATOM 634  C CA  . ALA B 1 14 ? -6.570  -6.546  -2.364  1.00 10.98 ? 15 ALA B CA  1 
ATOM 635  C C   . ALA B 1 14 ? -5.742  -7.245  -3.423  1.00 13.38 ? 15 ALA B C   1 
ATOM 636  O O   . ALA B 1 14 ? -5.440  -8.434  -3.317  1.00 14.13 ? 15 ALA B O   1 
ATOM 637  C CB  . ALA B 1 14 ? -5.729  -6.380  -1.081  1.00 14.82 ? 15 ALA B CB  1 
ATOM 638  N N   . CYS B 1 15 ? -5.374  -6.434  -4.437  1.00 14.38 ? 16 CYS B N   1 
ATOM 639  C CA  . CYS B 1 15 ? -4.419  -6.942  -5.404  1.00 15.88 ? 16 CYS B CA  1 
ATOM 640  C C   . CYS B 1 15 ? -2.974  -6.624  -4.998  1.00 9.01  ? 16 CYS B C   1 
ATOM 641  O O   . CYS B 1 15 ? -2.785  -5.531  -4.470  1.00 13.04 ? 16 CYS B O   1 
ATOM 642  C CB  . CYS B 1 15 ? -4.641  -6.280  -6.758  1.00 17.40 ? 16 CYS B CB  1 
ATOM 643  S SG  . CYS B 1 15 ? -5.747  -7.204  -7.857  1.00 14.78 ? 16 CYS B SG  1 
ATOM 644  N N   . THR B 1 16 ? -2.111  -7.577  -5.304  1.00 11.63 ? 17 THR B N   1 
ATOM 645  C CA  . THR B 1 16 ? -0.672  -7.325  -5.181  1.00 13.55 ? 17 THR B CA  1 
ATOM 646  C C   . THR B 1 16 ? 0.020   -7.866  -6.434  1.00 14.39 ? 17 THR B C   1 
ATOM 647  O O   . THR B 1 16 ? -0.125  -9.050  -6.696  1.00 13.48 ? 17 THR B O   1 
ATOM 648  C CB  . THR B 1 16 ? -0.061  -7.993  -3.950  1.00 15.59 ? 17 THR B CB  1 
ATOM 649  O OG1 . THR B 1 16 ? -0.738  -7.514  -2.792  1.00 15.97 ? 17 THR B OG1 1 
ATOM 650  C CG2 . THR B 1 16 ? 1.413   -7.591  -3.822  1.00 16.85 ? 17 THR B CG2 1 
ATOM 651  N N   . GLY B 1 17 ? 0.699   -7.021  -7.195  1.00 15.92 ? 18 GLY B N   1 
ATOM 652  C CA  . GLY B 1 17 ? 1.481   -7.452  -8.359  1.00 15.50 ? 18 GLY B CA  1 
ATOM 653  C C   . GLY B 1 17 ? 0.680   -8.119  -9.462  1.00 15.55 ? 18 GLY B C   1 
ATOM 654  O O   . GLY B 1 17 ? 1.064   -9.123  -10.068 1.00 16.67 ? 18 GLY B O   1 
ATOM 655  N N   . CYS B 1 18 ? -0.485  -7.544  -9.774  1.00 15.00 ? 19 CYS B N   1 
ATOM 656  C CA  . CYS B 1 18 ? -1.367  -8.118  -10.763 1.00 15.01 ? 19 CYS B CA  1 
ATOM 657  C C   . CYS B 1 18 ? -1.728  -7.096  -11.845 1.00 15.24 ? 19 CYS B C   1 
ATOM 658  O O   . CYS B 1 18 ? -1.823  -5.899  -11.570 1.00 15.43 ? 19 CYS B O   1 
ATOM 659  C CB  . CYS B 1 18 ? -2.685  -8.624  -10.142 1.00 18.54 ? 19 CYS B CB  1 
ATOM 660  S SG  . CYS B 1 18 ? -3.583  -9.641  -11.374 1.00 17.93 ? 19 CYS B SG  1 
ATOM 661  N N   . GLY B 1 19 ? -1.889  -7.648  -13.043 1.00 15.33 ? 20 GLY B N   1 
ATOM 662  C CA  . GLY B 1 19 ? -2.043  -6.847  -14.230 1.00 15.92 ? 20 GLY B CA  1 
ATOM 663  C C   . GLY B 1 19 ? -3.396  -6.256  -14.495 1.00 15.15 ? 20 GLY B C   1 
ATOM 664  O O   . GLY B 1 19 ? -3.561  -5.437  -15.404 1.00 16.34 ? 20 GLY B O   1 
ATOM 665  N N   . ASN B 1 20 ? -4.434  -6.604  -13.734 1.00 13.61 ? 21 ASN B N   1 
ATOM 666  C CA  . ASN B 1 20 ? -5.752  -6.057  -14.045 1.00 16.77 ? 21 ASN B CA  1 
ATOM 667  C C   . ASN B 1 20 ? -6.665  -6.259  -12.842 1.00 16.07 ? 21 ASN B C   1 
ATOM 668  O O   . ASN B 1 20 ? -7.137  -7.378  -12.643 1.00 16.28 ? 21 ASN B O   1 
ATOM 669  C CB  . ASN B 1 20 ? -6.367  -6.753  -15.278 1.00 13.66 ? 21 ASN B CB  1 
ATOM 670  C CG  . ASN B 1 20 ? -7.607  -5.998  -15.740 1.00 15.61 ? 21 ASN B CG  1 
ATOM 671  O OD1 . ASN B 1 20 ? -7.826  -4.844  -15.407 1.00 17.27 ? 21 ASN B OD1 1 
ATOM 672  N ND2 . ASN B 1 20 ? -8.465  -6.673  -16.510 1.00 19.96 ? 21 ASN B ND2 1 
ATOM 673  N N   . CYS B 1 21 ? -6.895  -5.225  -12.057 1.00 16.21 ? 22 CYS B N   1 
ATOM 674  C CA  . CYS B 1 21 ? -7.601  -5.280  -10.803 1.00 15.26 ? 22 CYS B CA  1 
ATOM 675  C C   . CYS B 1 21 ? -8.764  -4.313  -10.712 1.00 13.01 ? 22 CYS B C   1 
ATOM 676  O O   . CYS B 1 21 ? -8.814  -3.470  -9.799  1.00 14.84 ? 22 CYS B O   1 
ATOM 677  C CB  . CYS B 1 21 ? -6.588  -4.930  -9.674  1.00 15.80 ? 22 CYS B CB  1 
ATOM 678  S SG  . CYS B 1 21 ? -5.322  -6.236  -9.608  1.00 14.97 ? 22 CYS B SG  1 
ATOM 679  N N   . PRO B 1 22 ? -9.734  -4.408  -11.632 1.00 15.06 ? 23 PRO B N   1 
ATOM 680  C CA  . PRO B 1 22 ? -10.833 -3.458  -11.667 1.00 15.11 ? 23 PRO B CA  1 
ATOM 681  C C   . PRO B 1 22 ? -11.845 -3.583  -10.528 1.00 15.27 ? 23 PRO B C   1 
ATOM 682  O O   . PRO B 1 22 ? -12.612 -2.628  -10.356 1.00 16.21 ? 23 PRO B O   1 
ATOM 683  C CB  . PRO B 1 22 ? -11.547 -3.803  -12.986 1.00 15.58 ? 23 PRO B CB  1 
ATOM 684  C CG  . PRO B 1 22 ? -11.232 -5.220  -13.268 1.00 13.44 ? 23 PRO B CG  1 
ATOM 685  C CD  . PRO B 1 22 ? -9.847  -5.424  -12.684 1.00 18.79 ? 23 PRO B CD  1 
ATOM 686  N N   . ASN B 1 23 ? -11.833 -4.683  -9.766  1.00 16.60 ? 24 ASN B N   1 
ATOM 687  C CA  . ASN B 1 23 ? -12.766 -4.779  -8.633  1.00 16.34 ? 24 ASN B CA  1 
ATOM 688  C C   . ASN B 1 23 ? -12.098 -4.755  -7.261  1.00 15.67 ? 24 ASN B C   1 
ATOM 689  O O   . ASN B 1 23 ? -12.767 -4.885  -6.221  1.00 15.86 ? 24 ASN B O   1 
ATOM 690  C CB  . ASN B 1 23 ? -13.544 -6.098  -8.792  1.00 16.37 ? 24 ASN B CB  1 
ATOM 691  C CG  . ASN B 1 23 ? -14.459 -6.033  -10.020 1.00 15.17 ? 24 ASN B CG  1 
ATOM 692  O OD1 . ASN B 1 23 ? -15.340 -5.169  -10.041 1.00 16.59 ? 24 ASN B OD1 1 
ATOM 693  N ND2 . ASN B 1 23 ? -14.169 -6.951  -10.940 1.00 17.98 ? 24 ASN B ND2 1 
ATOM 694  N N   . ALA B 1 24 ? -10.788 -4.620  -7.223  1.00 13.52 ? 25 ALA B N   1 
ATOM 695  C CA  . ALA B 1 24 ? -10.025 -4.618  -5.965  1.00 13.90 ? 25 ALA B CA  1 
ATOM 696  C C   . ALA B 1 24 ? -10.275 -3.365  -5.153  1.00 14.22 ? 25 ALA B C   1 
ATOM 697  O O   . ALA B 1 24 ? -10.398 -2.282  -5.719  1.00 14.91 ? 25 ALA B O   1 
ATOM 698  C CB  . ALA B 1 24 ? -8.548  -4.799  -6.225  1.00 11.59 ? 25 ALA B CB  1 
ATOM 699  N N   . VAL B 1 25 ? -10.346 -3.485  -3.820  1.00 12.09 ? 26 VAL B N   1 
ATOM 700  C CA  . VAL B 1 25 ? -10.511 -2.346  -2.926  1.00 11.37 ? 26 VAL B CA  1 
ATOM 701  C C   . VAL B 1 25 ? -9.166  -1.793  -2.443  1.00 13.44 ? 26 VAL B C   1 
ATOM 702  O O   . VAL B 1 25 ? -9.099  -0.682  -1.918  1.00 14.70 ? 26 VAL B O   1 
ATOM 703  C CB  . VAL B 1 25 ? -11.357 -2.677  -1.679  1.00 15.56 ? 26 VAL B CB  1 
ATOM 704  C CG1 . VAL B 1 25 ? -12.756 -3.074  -2.164  1.00 24.38 ? 26 VAL B CG1 1 
ATOM 705  C CG2 . VAL B 1 25 ? -10.741 -3.799  -0.871  1.00 14.73 ? 26 VAL B CG2 1 
ATOM 706  N N   . THR B 1 26 ? -8.120  -2.597  -2.647  1.00 11.41 ? 27 THR B N   1 
ATOM 707  C CA  . THR B 1 26 ? -6.768  -2.131  -2.328  1.00 12.90 ? 27 THR B CA  1 
ATOM 708  C C   . THR B 1 26 ? -5.840  -2.636  -3.428  1.00 10.91 ? 27 THR B C   1 
ATOM 709  O O   . THR B 1 26 ? -6.025  -3.759  -3.869  1.00 12.24 ? 27 THR B O   1 
ATOM 710  C CB  . THR B 1 26 ? -6.250  -2.671  -0.977  1.00 9.69  ? 27 THR B CB  1 
ATOM 711  O OG1 . THR B 1 26 ? -7.198  -2.251  0.033   1.00 13.11 ? 27 THR B OG1 1 
ATOM 712  C CG2 . THR B 1 26 ? -4.862  -2.113  -0.685  1.00 13.02 ? 27 THR B CG2 1 
ATOM 713  N N   . CYS B 1 27 ? -4.870  -1.784  -3.838  1.00 12.12 ? 28 CYS B N   1 
ATOM 714  C CA  . CYS B 1 27 ? -3.865  -2.253  -4.787  1.00 11.80 ? 28 CYS B CA  1 
ATOM 715  C C   . CYS B 1 27 ? -2.423  -1.923  -4.352  1.00 10.16 ? 28 CYS B C   1 
ATOM 716  O O   . CYS B 1 27 ? -2.198  -0.821  -3.868  1.00 11.27 ? 28 CYS B O   1 
ATOM 717  C CB  . CYS B 1 27 ? -4.089  -1.585  -6.146  1.00 13.66 ? 28 CYS B CB  1 
ATOM 718  S SG  . CYS B 1 27 ? -5.406  -2.345  -7.108  1.00 13.11 ? 28 CYS B SG  1 
ATOM 719  N N   . THR B 1 28 ? -1.594  -2.918  -4.589  1.00 10.65 ? 29 THR B N   1 
ATOM 720  C CA  . THR B 1 28 ? -0.146  -2.717  -4.490  1.00 11.99 ? 29 THR B CA  1 
ATOM 721  C C   . THR B 1 28 ? 0.481   -3.203  -5.786  1.00 9.88  ? 29 THR B C   1 
ATOM 722  O O   . THR B 1 28 ? 0.249   -4.357  -6.177  1.00 11.66 ? 29 THR B O   1 
ATOM 723  C CB  . THR B 1 28 ? 0.413   -3.514  -3.298  1.00 13.27 ? 29 THR B CB  1 
ATOM 724  O OG1 . THR B 1 28 ? -0.227  -3.024  -2.102  1.00 13.04 ? 29 THR B OG1 1 
ATOM 725  C CG2 . THR B 1 28 ? 1.897   -3.321  -3.095  1.00 15.95 ? 29 THR B CG2 1 
ATOM 726  N N   . ASN B 1 29 ? 1.254   -2.354  -6.476  1.00 13.47 ? 30 ASN B N   1 
ATOM 727  C CA  . ASN B 1 29 ? 1.953   -2.753  -7.706  1.00 11.83 ? 30 ASN B CA  1 
ATOM 728  C C   . ASN B 1 29 ? 1.029   -3.438  -8.699  1.00 12.49 ? 30 ASN B C   1 
ATOM 729  O O   . ASN B 1 29 ? 1.390   -4.456  -9.264  1.00 12.86 ? 30 ASN B O   1 
ATOM 730  C CB  . ASN B 1 29 ? 3.181   -3.636  -7.380  1.00 12.20 ? 30 ASN B CB  1 
ATOM 731  C CG  . ASN B 1 29 ? 4.077   -2.876  -6.398  1.00 14.37 ? 30 ASN B CG  1 
ATOM 732  O OD1 . ASN B 1 29 ? 4.077   -1.648  -6.326  1.00 15.03 ? 30 ASN B OD1 1 
ATOM 733  N ND2 . ASN B 1 29 ? 4.821   -3.634  -5.599  1.00 22.73 ? 30 ASN B ND2 1 
ATOM 734  N N   . SER B 1 30 ? -0.156  -2.839  -8.891  1.00 12.14 ? 31 SER B N   1 
ATOM 735  C CA  . SER B 1 30 ? -1.153  -3.456  -9.762  1.00 11.05 ? 31 SER B CA  1 
ATOM 736  C C   . SER B 1 30 ? -1.747  -2.444  -10.751 1.00 12.10 ? 31 SER B C   1 
ATOM 737  O O   . SER B 1 30 ? -1.605  -1.235  -10.558 1.00 13.41 ? 31 SER B O   1 
ATOM 738  C CB  . SER B 1 30 ? -2.250  -4.119  -8.911  1.00 12.69 ? 31 SER B CB  1 
ATOM 739  O OG  . SER B 1 30 ? -1.676  -5.187  -8.153  1.00 12.88 ? 31 SER B OG  1 
ATOM 740  N N   . GLN B 1 31 ? -2.423  -2.978  -11.777 1.00 11.62 ? 32 GLN B N   1 
ATOM 741  C CA  . GLN B 1 31 ? -2.965  -2.092  -12.788 1.00 14.95 ? 32 GLN B CA  1 
ATOM 742  C C   . GLN B 1 31 ? -4.487  -2.014  -12.759 1.00 15.87 ? 32 GLN B C   1 
ATOM 743  O O   . GLN B 1 31 ? -5.112  -2.982  -12.333 1.00 15.22 ? 32 GLN B O   1 
ATOM 744  C CB  . GLN B 1 31 ? -2.555  -2.538  -14.216 1.00 16.71 ? 32 GLN B CB  1 
ATOM 745  C CG  . GLN B 1 31 ? -1.071  -2.355  -14.505 1.00 15.62 ? 32 GLN B CG  1 
ATOM 746  C CD  . GLN B 1 31 ? -0.706  -2.716  -15.939 1.00 18.55 ? 32 GLN B CD  1 
ATOM 747  O OE1 . GLN B 1 31 ? 0.009   -3.669  -16.225 1.00 25.93 ? 32 GLN B OE1 1 
ATOM 748  N NE2 . GLN B 1 31 ? -1.215  -1.919  -16.881 1.00 25.95 ? 32 GLN B NE2 1 
ATOM 749  N N   . HIS B 1 32 ? -4.999  -0.888  -13.251 1.00 15.04 ? 33 HIS B N   1 
ATOM 750  C CA  . HIS B 1 32 ? -6.409  -0.674  -13.531 1.00 15.52 ? 33 HIS B CA  1 
ATOM 751  C C   . HIS B 1 32 ? -7.252  -0.762  -12.264 1.00 14.35 ? 33 HIS B C   1 
ATOM 752  O O   . HIS B 1 32 ? -8.328  -1.374  -12.250 1.00 15.95 ? 33 HIS B O   1 
ATOM 753  C CB  . HIS B 1 32 ? -6.897  -1.721  -14.543 1.00 15.45 ? 33 HIS B CB  1 
ATOM 754  C CG  . HIS B 1 32 ? -6.094  -1.702  -15.812 1.00 19.41 ? 33 HIS B CG  1 
ATOM 755  N ND1 . HIS B 1 32 ? -5.600  -2.812  -16.452 1.00 20.68 ? 33 HIS B ND1 1 
ATOM 756  C CD2 . HIS B 1 32 ? -5.724  -0.634  -16.554 1.00 19.44 ? 33 HIS B CD2 1 
ATOM 757  C CE1 . HIS B 1 32 ? -4.952  -2.397  -17.538 1.00 18.83 ? 33 HIS B CE1 1 
ATOM 758  N NE2 . HIS B 1 32 ? -5.005  -1.094  -17.636 1.00 24.42 ? 33 HIS B NE2 1 
ATOM 759  N N   . CYS B 1 33 ? -6.735  -0.122  -11.228 1.00 12.65 ? 34 CYS B N   1 
ATOM 760  C CA  . CYS B 1 33 ? -7.381  -0.213  -9.909  1.00 13.67 ? 34 CYS B CA  1 
ATOM 761  C C   . CYS B 1 33 ? -8.411  0.872   -9.687  1.00 12.54 ? 34 CYS B C   1 
ATOM 762  O O   . CYS B 1 33 ? -8.333  1.623   -8.722  1.00 12.32 ? 34 CYS B O   1 
ATOM 763  C CB  . CYS B 1 33 ? -6.269  -0.064  -8.842  1.00 11.99 ? 34 CYS B CB  1 
ATOM 764  S SG  . CYS B 1 33 ? -5.111  -1.440  -8.924  1.00 13.53 ? 34 CYS B SG  1 
ATOM 765  N N   . VAL B 1 34 ? -9.408  0.931   -10.576 1.00 13.82 ? 35 VAL B N   1 
ATOM 766  C CA  . VAL B 1 34 ? -10.363 2.033   -10.593 1.00 14.40 ? 35 VAL B CA  1 
ATOM 767  C C   . VAL B 1 34 ? -11.336 2.026   -9.408  1.00 14.14 ? 35 VAL B C   1 
ATOM 768  O O   . VAL B 1 34 ? -12.002 3.055   -9.208  1.00 14.69 ? 35 VAL B O   1 
ATOM 769  C CB  . VAL B 1 34 ? -11.203 2.039   -11.885 1.00 13.67 ? 35 VAL B CB  1 
ATOM 770  C CG1 . VAL B 1 34 ? -10.269 2.365   -13.060 1.00 20.59 ? 35 VAL B CG1 1 
ATOM 771  C CG2 . VAL B 1 34 ? -11.915 0.737   -12.130 1.00 19.04 ? 35 VAL B CG2 1 
ATOM 772  N N   . LYS B 1 35 ? -11.435 0.954   -8.638  1.00 14.58 ? 36 LYS B N   1 
ATOM 773  C CA  . LYS B 1 35 ? -12.286 0.886   -7.459  1.00 13.72 ? 36 LYS B CA  1 
ATOM 774  C C   . LYS B 1 35 ? -11.486 0.974   -6.170  1.00 14.68 ? 36 LYS B C   1 
ATOM 775  O O   . LYS B 1 35 ? -12.057 1.049   -5.072  1.00 15.61 ? 36 LYS B O   1 
ATOM 776  C CB  . LYS B 1 35 ? -13.130 -0.409  -7.415  1.00 14.23 ? 36 LYS B CB  1 
ATOM 777  C CG  . LYS B 1 35 ? -14.348 -0.270  -8.317  1.00 23.71 ? 36 LYS B CG  1 
ATOM 778  C CD  . LYS B 1 35 ? -15.000 -1.584  -8.689  1.00 31.19 ? 36 LYS B CD  1 
ATOM 779  C CE  . LYS B 1 35 ? -15.932 -2.116  -7.634  1.00 32.54 ? 36 LYS B CE  1 
ATOM 780  N NZ  . LYS B 1 35 ? -16.852 -3.160  -8.185  1.00 27.61 ? 36 LYS B NZ  1 
ATOM 781  N N   . ALA B 1 36 ? -10.161 0.936   -6.252  1.00 14.71 ? 37 ALA B N   1 
ATOM 782  C CA  . ALA B 1 36 ? -9.371  0.844   -5.030  1.00 14.36 ? 37 ALA B CA  1 
ATOM 783  C C   . ALA B 1 36 ? -9.532  2.078   -4.179  1.00 15.68 ? 37 ALA B C   1 
ATOM 784  O O   . ALA B 1 36 ? -9.594  3.200   -4.643  1.00 15.03 ? 37 ALA B O   1 
ATOM 785  C CB  . ALA B 1 36 ? -7.906  0.615   -5.321  1.00 11.23 ? 37 ALA B CB  1 
ATOM 786  N N   . ASN B 1 37 ? -9.622  1.845   -2.858  1.00 13.84 ? 38 ASN B N   1 
ATOM 787  C CA  . ASN B 1 37 ? -9.595  2.913   -1.887  1.00 12.68 ? 38 ASN B CA  1 
ATOM 788  C C   . ASN B 1 37 ? -8.192  3.386   -1.538  1.00 11.98 ? 38 ASN B C   1 
ATOM 789  O O   . ASN B 1 37 ? -7.966  4.527   -1.177  1.00 13.68 ? 38 ASN B O   1 
ATOM 790  C CB  . ASN B 1 37 ? -10.285 2.457   -0.573  1.00 16.18 ? 38 ASN B CB  1 
ATOM 791  C CG  . ASN B 1 37 ? -11.741 2.115   -0.840  1.00 22.86 ? 38 ASN B CG  1 
ATOM 792  O OD1 . ASN B 1 37 ? -12.423 2.906   -1.487  1.00 24.74 ? 38 ASN B OD1 1 
ATOM 793  N ND2 . ASN B 1 37 ? -12.201 0.957   -0.367  1.00 23.76 ? 38 ASN B ND2 1 
ATOM 794  N N   . THR B 1 38 ? -7.240  2.464   -1.628  1.00 11.97 ? 39 THR B N   1 
ATOM 795  C CA  . THR B 1 38 ? -5.846  2.721   -1.340  1.00 11.10 ? 39 THR B CA  1 
ATOM 796  C C   . THR B 1 38 ? -4.978  2.131   -2.444  1.00 10.58 ? 39 THR B C   1 
ATOM 797  O O   . THR B 1 38 ? -5.199  0.997   -2.828  1.00 12.12 ? 39 THR B O   1 
ATOM 798  C CB  . THR B 1 38 ? -5.423  2.094   0.008   1.00 14.22 ? 39 THR B CB  1 
ATOM 799  O OG1 . THR B 1 38 ? -6.321  2.609   0.995   1.00 17.20 ? 39 THR B OG1 1 
ATOM 800  C CG2 . THR B 1 38 ? -4.023  2.553   0.405   1.00 15.01 ? 39 THR B CG2 1 
ATOM 801  N N   . CYS B 1 39 ? -4.033  2.929   -2.954  1.00 13.07 ? 40 CYS B N   1 
ATOM 802  C CA  . CYS B 1 39 ? -3.101  2.452   -3.965  1.00 11.08 ? 40 CYS B CA  1 
ATOM 803  C C   . CYS B 1 39 ? -1.659  2.715   -3.553  1.00 8.79  ? 40 CYS B C   1 
ATOM 804  O O   . CYS B 1 39 ? -1.370  3.796   -3.091  1.00 11.25 ? 40 CYS B O   1 
ATOM 805  C CB  . CYS B 1 39 ? -3.306  3.215   -5.295  1.00 12.09 ? 40 CYS B CB  1 
ATOM 806  S SG  . CYS B 1 39 ? -4.726  2.489   -6.198  1.00 12.52 ? 40 CYS B SG  1 
ATOM 807  N N   . THR B 1 40 ? -0.825  1.729   -3.789  1.00 11.62 ? 41 THR B N   1 
ATOM 808  C CA  . THR B 1 40 ? 0.634   1.894   -3.739  1.00 12.36 ? 41 THR B CA  1 
ATOM 809  C C   . THR B 1 40 ? 1.219   1.346   -5.051  1.00 9.56  ? 41 THR B C   1 
ATOM 810  O O   . THR B 1 40 ? 0.910   0.215   -5.387  1.00 11.15 ? 41 THR B O   1 
ATOM 811  C CB  . THR B 1 40 ? 1.241   1.106   -2.563  1.00 13.59 ? 41 THR B CB  1 
ATOM 812  O OG1 . THR B 1 40 ? 0.630   1.637   -1.388  1.00 13.62 ? 41 THR B OG1 1 
ATOM 813  C CG2 . THR B 1 40 ? 2.752   1.349   -2.459  1.00 13.25 ? 41 THR B CG2 1 
ATOM 814  N N   . GLY B 1 41 ? 2.071   2.119   -5.748  1.00 9.94  ? 42 GLY B N   1 
ATOM 815  C CA  . GLY B 1 41 ? 2.702   1.561   -6.952  1.00 9.61  ? 42 GLY B CA  1 
ATOM 816  C C   . GLY B 1 41 ? 1.750   1.151   -8.049  1.00 8.93  ? 42 GLY B C   1 
ATOM 817  O O   . GLY B 1 41 ? 2.053   0.248   -8.836  1.00 12.30 ? 42 GLY B O   1 
ATOM 818  N N   . SER B 1 42 ? 0.559   1.766   -8.116  1.00 11.08 ? 43 SER B N   1 
ATOM 819  C CA  . SER B 1 42 ? -0.489  1.210   -8.975  1.00 12.96 ? 43 SER B CA  1 
ATOM 820  C C   . SER B 1 42 ? -1.086  2.241   -9.926  1.00 10.41 ? 43 SER B C   1 
ATOM 821  O O   . SER B 1 42 ? -0.873  3.435   -9.756  1.00 12.19 ? 43 SER B O   1 
ATOM 822  C CB  . SER B 1 42 ? -1.613  0.609   -8.092  1.00 15.16 ? 43 SER B CB  1 
ATOM 823  O OG  . SER B 1 42 ? -1.103  -0.518  -7.368  1.00 11.45 ? 43 SER B OG  1 
ATOM 824  N N   . THR B 1 43 ? -1.849  1.728   -10.913 1.00 12.75 ? 44 THR B N   1 
ATOM 825  C CA  . THR B 1 43 ? -2.381  2.636   -11.924 1.00 12.66 ? 44 THR B CA  1 
ATOM 826  C C   . THR B 1 43 ? -3.901  2.740   -11.900 1.00 12.44 ? 44 THR B C   1 
ATOM 827  O O   . THR B 1 43 ? -4.620  1.863   -11.417 1.00 13.10 ? 44 THR B O   1 
ATOM 828  C CB  . THR B 1 43 ? -1.962  2.219   -13.356 1.00 11.16 ? 44 THR B CB  1 
ATOM 829  O OG1 . THR B 1 43 ? -2.535  0.953   -13.700 1.00 15.62 ? 44 THR B OG1 1 
ATOM 830  C CG2 . THR B 1 43 ? -0.444  2.090   -13.419 1.00 13.04 ? 44 THR B CG2 1 
ATOM 831  N N   . ASP B 1 44 ? -4.351  3.847   -12.498 1.00 10.83 ? 45 ASP B N   1 
ATOM 832  C CA  . ASP B 1 44 ? -5.771  4.099   -12.687 1.00 11.20 ? 45 ASP B CA  1 
ATOM 833  C C   . ASP B 1 44 ? -6.516  4.192   -11.344 1.00 11.89 ? 45 ASP B C   1 
ATOM 834  O O   . ASP B 1 44 ? -7.649  3.711   -11.227 1.00 13.66 ? 45 ASP B O   1 
ATOM 835  C CB  . ASP B 1 44 ? -6.436  3.026   -13.540 1.00 11.76 ? 45 ASP B CB  1 
ATOM 836  C CG  . ASP B 1 44 ? -5.948  2.929   -14.969 1.00 15.81 ? 45 ASP B CG  1 
ATOM 837  O OD1 . ASP B 1 44 ? -5.261  3.781   -15.545 1.00 20.95 ? 45 ASP B OD1 1 
ATOM 838  O OD2 . ASP B 1 44 ? -6.358  1.898   -15.577 1.00 21.55 ? 45 ASP B OD2 1 
ATOM 839  N N   . CYS B 1 45 ? -5.904  4.788   -10.347 1.00 13.65 ? 46 CYS B N   1 
ATOM 840  C CA  . CYS B 1 45 ? -6.484  4.811   -8.994  1.00 11.32 ? 46 CYS B CA  1 
ATOM 841  C C   . CYS B 1 45 ? -7.465  5.963   -8.835  1.00 10.48 ? 46 CYS B C   1 
ATOM 842  O O   . CYS B 1 45 ? -7.354  6.817   -7.949  1.00 13.83 ? 46 CYS B O   1 
ATOM 843  C CB  . CYS B 1 45 ? -5.325  4.849   -7.988  1.00 12.19 ? 46 CYS B CB  1 
ATOM 844  S SG  . CYS B 1 45 ? -4.363  3.313   -8.037  1.00 13.07 ? 46 CYS B SG  1 
ATOM 845  N N   . ASN B 1 46 ? -8.464  5.951   -9.738  1.00 13.47 ? 47 ASN B N   1 
ATOM 846  C CA  . ASN B 1 46 ? -9.336  7.095   -9.937  1.00 14.34 ? 47 ASN B CA  1 
ATOM 847  C C   . ASN B 1 46 ? -10.268 7.408   -8.772  1.00 13.73 ? 47 ASN B C   1 
ATOM 848  O O   . ASN B 1 46 ? -10.734 8.557   -8.674  1.00 14.36 ? 47 ASN B O   1 
ATOM 849  C CB  . ASN B 1 46 ? -10.164 6.825   -11.191 1.00 14.83 ? 47 ASN B CB  1 
ATOM 850  C CG  . ASN B 1 46 ? -9.328  6.688   -12.448 1.00 17.44 ? 47 ASN B CG  1 
ATOM 851  O OD1 . ASN B 1 46 ? -8.145  7.042   -12.519 1.00 15.35 ? 47 ASN B OD1 1 
ATOM 852  N ND2 . ASN B 1 46 ? -10.012 6.153   -13.440 1.00 15.05 ? 47 ASN B ND2 1 
ATOM 853  N N   . THR B 1 47 ? -10.503 6.410   -7.903  1.00 13.70 ? 48 THR B N   1 
ATOM 854  C CA  . THR B 1 47 ? -11.402 6.662   -6.784  1.00 12.41 ? 48 THR B CA  1 
ATOM 855  C C   . THR B 1 47 ? -10.697 6.417   -5.454  1.00 12.99 ? 48 THR B C   1 
ATOM 856  O O   . THR B 1 47 ? -11.364 6.334   -4.406  1.00 14.72 ? 48 THR B O   1 
ATOM 857  C CB  . THR B 1 47 ? -12.676 5.799   -6.829  1.00 15.92 ? 48 THR B CB  1 
ATOM 858  O OG1 . THR B 1 47 ? -12.319 4.418   -6.803  1.00 17.53 ? 48 THR B OG1 1 
ATOM 859  C CG2 . THR B 1 47 ? -13.481 6.013   -8.107  1.00 16.49 ? 48 THR B CG2 1 
ATOM 860  N N   . ALA B 1 48 ? -9.386  6.276   -5.442  1.00 13.07 ? 49 ALA B N   1 
ATOM 861  C CA  . ALA B 1 48 ? -8.692  6.049   -4.175  1.00 12.90 ? 49 ALA B CA  1 
ATOM 862  C C   . ALA B 1 48 ? -8.723  7.277   -3.295  1.00 13.03 ? 49 ALA B C   1 
ATOM 863  O O   . ALA B 1 48 ? -8.646  8.442   -3.744  1.00 13.40 ? 49 ALA B O   1 
ATOM 864  C CB  . ALA B 1 48 ? -7.251  5.625   -4.463  1.00 14.43 ? 49 ALA B CB  1 
ATOM 865  N N   . GLN B 1 49 ? -8.838  7.042   -1.959  1.00 13.10 ? 50 GLN B N   1 
ATOM 866  C CA  . GLN B 1 49 ? -8.652  8.150   -1.035  1.00 15.16 ? 50 GLN B CA  1 
ATOM 867  C C   . GLN B 1 49 ? -7.184  8.444   -0.709  1.00 10.23 ? 50 GLN B C   1 
ATOM 868  O O   . GLN B 1 49 ? -6.848  9.542   -0.308  1.00 13.41 ? 50 GLN B O   1 
ATOM 869  C CB  . GLN B 1 49 ? -9.397  7.826   0.283   1.00 23.30 ? 50 GLN B CB  1 
ATOM 870  C CG  . GLN B 1 49 ? -9.886  9.087   0.980   1.00 45.31 ? 50 GLN B CG  1 
ATOM 871  C CD  . GLN B 1 49 ? -9.731  9.054   2.488   1.00 57.93 ? 50 GLN B CD  1 
ATOM 872  O OE1 . GLN B 1 49 ? -10.198 8.121   3.148   1.00 57.59 ? 50 GLN B OE1 1 
ATOM 873  N NE2 . GLN B 1 49 ? -9.071  10.073  3.044   1.00 39.78 ? 50 GLN B NE2 1 
ATOM 874  N N   . THR B 1 50 ? -6.338  7.430   -0.903  1.00 11.57 ? 51 THR B N   1 
ATOM 875  C CA  . THR B 1 50 ? -4.938  7.533   -0.560  1.00 13.58 ? 51 THR B CA  1 
ATOM 876  C C   . THR B 1 50 ? -4.070  6.906   -1.666  1.00 10.68 ? 51 THR B C   1 
ATOM 877  O O   . THR B 1 50 ? -4.320  5.761   -1.988  1.00 13.00 ? 51 THR B O   1 
ATOM 878  C CB  . THR B 1 50 ? -4.636  6.807   0.767   1.00 14.83 ? 51 THR B CB  1 
ATOM 879  O OG1 . THR B 1 50 ? -5.461  7.417   1.782   1.00 16.80 ? 51 THR B OG1 1 
ATOM 880  C CG2 . THR B 1 50 ? -3.190  7.003   1.185   1.00 14.55 ? 51 THR B CG2 1 
ATOM 881  N N   . CYS B 1 51 ? -3.120  7.690   -2.151  1.00 12.33 ? 52 CYS B N   1 
ATOM 882  C CA  . CYS B 1 51 ? -2.184  7.154   -3.125  1.00 10.33 ? 52 CYS B CA  1 
ATOM 883  C C   . CYS B 1 51 ? -0.718  7.388   -2.741  1.00 9.87  ? 52 CYS B C   1 
ATOM 884  O O   . CYS B 1 51 ? -0.372  8.471   -2.317  1.00 11.77 ? 52 CYS B O   1 
ATOM 885  C CB  . CYS B 1 51 ? -2.320  7.816   -4.514  1.00 13.80 ? 52 CYS B CB  1 
ATOM 886  S SG  . CYS B 1 51 ? -3.783  7.279   -5.399  1.00 13.92 ? 52 CYS B SG  1 
ATOM 887  N N   . THR B 1 52 ? 0.078   6.362   -2.988  1.00 10.53 ? 53 THR B N   1 
ATOM 888  C CA  . THR B 1 52 ? 1.524   6.417   -2.833  1.00 11.81 ? 53 THR B CA  1 
ATOM 889  C C   . THR B 1 52 ? 2.123   5.836   -4.118  1.00 11.27 ? 53 THR B C   1 
ATOM 890  O O   . THR B 1 52 ? 1.834   4.711   -4.468  1.00 12.26 ? 53 THR B O   1 
ATOM 891  C CB  . THR B 1 52 ? 2.057   5.671   -1.609  1.00 16.42 ? 53 THR B CB  1 
ATOM 892  O OG1 . THR B 1 52 ? 1.460   6.225   -0.429  1.00 13.24 ? 53 THR B OG1 1 
ATOM 893  C CG2 . THR B 1 52 ? 3.563   5.880   -1.514  1.00 19.20 ? 53 THR B CG2 1 
ATOM 894  N N   . ASN B 1 53 ? 2.917   6.660   -4.810  1.00 11.61 ? 54 ASN B N   1 
ATOM 895  C CA  . ASN B 1 53 ? 3.552   6.248   -6.054  1.00 12.01 ? 54 ASN B CA  1 
ATOM 896  C C   . ASN B 1 53 ? 2.582   5.579   -7.019  1.00 10.89 ? 54 ASN B C   1 
ATOM 897  O O   . ASN B 1 53 ? 2.853   4.516   -7.576  1.00 14.11 ? 54 ASN B O   1 
ATOM 898  C CB  . ASN B 1 53 ? 4.743   5.312   -5.738  1.00 13.23 ? 54 ASN B CB  1 
ATOM 899  C CG  . ASN B 1 53 ? 5.628   5.256   -6.964  1.00 15.73 ? 54 ASN B CG  1 
ATOM 900  O OD1 . ASN B 1 53 ? 5.647   6.194   -7.780  1.00 20.27 ? 54 ASN B OD1 1 
ATOM 901  N ND2 . ASN B 1 53 ? 6.342   4.158   -7.097  1.00 18.79 ? 54 ASN B ND2 1 
ATOM 902  N N   . SER B 1 54 ? 1.451   6.276   -7.178  1.00 10.22 ? 55 SER B N   1 
ATOM 903  C CA  . SER B 1 54 ? 0.401   5.730   -8.037  1.00 10.74 ? 55 SER B CA  1 
ATOM 904  C C   . SER B 1 54 ? -0.080  6.785   -9.040  1.00 11.64 ? 55 SER B C   1 
ATOM 905  O O   . SER B 1 54 ? 0.218   7.962   -8.891  1.00 13.97 ? 55 SER B O   1 
ATOM 906  C CB  . SER B 1 54 ? -0.791  5.262   -7.199  1.00 13.29 ? 55 SER B CB  1 
ATOM 907  O OG  . SER B 1 54 ? -0.379  4.147   -6.397  1.00 11.38 ? 55 SER B OG  1 
ATOM 908  N N   . LYS B 1 55 ? -0.886  6.306   -9.975  1.00 13.12 ? 56 LYS B N   1 
ATOM 909  C CA  . LYS B 1 55 ? -1.301  7.163   -11.087 1.00 13.42 ? 56 LYS B CA  1 
ATOM 910  C C   . LYS B 1 55 ? -2.776  7.510   -11.100 1.00 14.04 ? 56 LYS B C   1 
ATOM 911  O O   . LYS B 1 55 ? -3.627  6.659   -10.823 1.00 14.09 ? 56 LYS B O   1 
ATOM 912  C CB  . LYS B 1 55 ? -1.003  6.405   -12.394 1.00 13.51 ? 56 LYS B CB  1 
ATOM 913  C CG  . LYS B 1 55 ? 0.442   6.024   -12.582 1.00 12.85 ? 56 LYS B CG  1 
ATOM 914  C CD  . LYS B 1 55 ? 1.448   7.154   -12.479 1.00 13.05 ? 56 LYS B CD  1 
ATOM 915  C CE  . LYS B 1 55 ? 2.856   6.567   -12.740 1.00 14.74 ? 56 LYS B CE  1 
ATOM 916  N NZ  . LYS B 1 55 ? 3.918   7.584   -12.446 1.00 18.43 ? 56 LYS B NZ  1 
ATOM 917  N N   . ASP B 1 56 ? -3.052  8.756   -11.500 1.00 11.24 ? 57 ASP B N   1 
ATOM 918  C CA  . ASP B 1 56 ? -4.422  9.183   -11.764 1.00 12.40 ? 57 ASP B CA  1 
ATOM 919  C C   . ASP B 1 56 ? -5.334  9.123   -10.518 1.00 11.24 ? 57 ASP B C   1 
ATOM 920  O O   . ASP B 1 56 ? -6.436  8.579   -10.623 1.00 13.77 ? 57 ASP B O   1 
ATOM 921  C CB  . ASP B 1 56 ? -4.995  8.352   -12.922 1.00 13.00 ? 57 ASP B CB  1 
ATOM 922  C CG  . ASP B 1 56 ? -4.276  8.741   -14.239 1.00 14.12 ? 57 ASP B CG  1 
ATOM 923  O OD1 . ASP B 1 56 ? -3.598  9.776   -14.286 1.00 14.90 ? 57 ASP B OD1 1 
ATOM 924  O OD2 . ASP B 1 56 ? -4.436  7.958   -15.193 1.00 16.71 ? 57 ASP B OD2 1 
ATOM 925  N N   . CYS B 1 57 ? -4.883  9.768   -9.475  1.00 11.71 ? 58 CYS B N   1 
ATOM 926  C CA  . CYS B 1 57 ? -5.599  9.751   -8.179  1.00 10.37 ? 58 CYS B CA  1 
ATOM 927  C C   . CYS B 1 57 ? -6.535  10.923  -8.051  1.00 9.64  ? 58 CYS B C   1 
ATOM 928  O O   . CYS B 1 57 ? -6.382  11.776  -7.180  1.00 12.88 ? 58 CYS B O   1 
ATOM 929  C CB  . CYS B 1 57 ? -4.498  9.711   -7.097  1.00 11.23 ? 58 CYS B CB  1 
ATOM 930  S SG  . CYS B 1 57 ? -3.546  8.155   -7.223  1.00 14.03 ? 58 CYS B SG  1 
ATOM 931  N N   . PHE B 1 58 ? -7.539  10.950  -8.940  1.00 12.10 ? 59 PHE B N   1 
ATOM 932  C CA  . PHE B 1 58 ? -8.387  12.127  -9.146  1.00 12.65 ? 59 PHE B CA  1 
ATOM 933  C C   . PHE B 1 58 ? -9.240  12.508  -7.951  1.00 13.18 ? 59 PHE B C   1 
ATOM 934  O O   . PHE B 1 58 ? -9.746  13.644  -7.847  1.00 12.88 ? 59 PHE B O   1 
ATOM 935  C CB  . PHE B 1 58 ? -9.358  11.867  -10.308 1.00 13.71 ? 59 PHE B CB  1 
ATOM 936  C CG  . PHE B 1 58 ? -8.726  11.446  -11.629 1.00 11.02 ? 59 PHE B CG  1 
ATOM 937  C CD1 . PHE B 1 58 ? -7.426  11.808  -11.970 1.00 12.99 ? 59 PHE B CD1 1 
ATOM 938  C CD2 . PHE B 1 58 ? -9.472  10.690  -12.511 1.00 11.37 ? 59 PHE B CD2 1 
ATOM 939  C CE1 . PHE B 1 58 ? -6.919  11.399  -13.214 1.00 14.52 ? 59 PHE B CE1 1 
ATOM 940  C CE2 . PHE B 1 58 ? -8.949  10.273  -13.728 1.00 14.06 ? 59 PHE B CE2 1 
ATOM 941  C CZ  . PHE B 1 58 ? -7.648  10.590  -14.083 1.00 10.80 ? 59 PHE B CZ  1 
ATOM 942  N N   . GLU B 1 59 ? -9.437  11.551  -7.031  1.00 14.60 ? 60 GLU B N   1 
ATOM 943  C CA  . GLU B 1 59 ? -10.306 11.774  -5.877  1.00 12.68 ? 60 GLU B CA  1 
ATOM 944  C C   . GLU B 1 59 ? -9.564  11.634  -4.541  1.00 14.86 ? 60 GLU B C   1 
ATOM 945  O O   . GLU B 1 59 ? -10.170 11.738  -3.468  1.00 15.76 ? 60 GLU B O   1 
ATOM 946  C CB  . GLU B 1 59 ? -11.458 10.758  -5.852  1.00 16.45 ? 60 GLU B CB  1 
ATOM 947  C CG  . GLU B 1 59 ? -12.321 10.763  -7.091  1.00 16.56 ? 60 GLU B CG  1 
ATOM 948  C CD  . GLU B 1 59 ? -13.618 9.994   -6.999  1.00 22.78 ? 60 GLU B CD  1 
ATOM 949  O OE1 . GLU B 1 59 ? -14.451 10.283  -7.889  1.00 31.68 ? 60 GLU B OE1 1 
ATOM 950  O OE2 . GLU B 1 59 ? -13.824 9.133   -6.119  1.00 28.03 ? 60 GLU B OE2 1 
ATOM 951  N N   . ALA B 1 60 ? -8.263  11.384  -4.581  1.00 12.42 ? 61 ALA B N   1 
ATOM 952  C CA  . ALA B 1 60 ? -7.558  11.172  -3.319  1.00 16.19 ? 61 ALA B CA  1 
ATOM 953  C C   . ALA B 1 60 ? -7.493  12.431  -2.477  1.00 17.06 ? 61 ALA B C   1 
ATOM 954  O O   . ALA B 1 60 ? -7.299  13.560  -2.887  1.00 14.39 ? 61 ALA B O   1 
ATOM 955  C CB  . ALA B 1 60 ? -6.161  10.626  -3.592  1.00 15.81 ? 61 ALA B CB  1 
ATOM 956  N N   . ASN B 1 61 ? -7.629  12.218  -1.152  1.00 13.35 ? 62 ASN B N   1 
ATOM 957  C CA  . ASN B 1 61 ? -7.340  13.269  -0.201  1.00 14.77 ? 62 ASN B CA  1 
ATOM 958  C C   . ASN B 1 61 ? -5.866  13.397  0.149   1.00 15.67 ? 62 ASN B C   1 
ATOM 959  O O   . ASN B 1 61 ? -5.413  14.445  0.567   1.00 15.07 ? 62 ASN B O   1 
ATOM 960  C CB  . ASN B 1 61 ? -8.112  12.996  1.115   1.00 17.79 ? 62 ASN B CB  1 
ATOM 961  C CG  . ASN B 1 61 ? -9.599  13.080  0.816   1.00 24.25 ? 62 ASN B CG  1 
ATOM 962  O OD1 . ASN B 1 61 ? -10.004 14.108  0.269   1.00 33.01 ? 62 ASN B OD1 1 
ATOM 963  N ND2 . ASN B 1 61 ? -10.343 12.042  1.183   1.00 25.56 ? 62 ASN B ND2 1 
ATOM 964  N N   . THR B 1 62 ? -5.145  12.298  -0.059  1.00 14.81 ? 63 THR B N   1 
ATOM 965  C CA  . THR B 1 62 ? -3.746  12.220  0.297   1.00 14.06 ? 63 THR B CA  1 
ATOM 966  C C   . THR B 1 62 ? -2.930  11.548  -0.817  1.00 12.90 ? 63 THR B C   1 
ATOM 967  O O   . THR B 1 62 ? -3.273  10.491  -1.295  1.00 14.16 ? 63 THR B O   1 
ATOM 968  C CB  . THR B 1 62 ? -3.550  11.440  1.620   1.00 21.21 ? 63 THR B CB  1 
ATOM 969  O OG1 . THR B 1 62 ? -4.335  12.080  2.653   1.00 18.48 ? 63 THR B OG1 1 
ATOM 970  C CG2 . THR B 1 62 ? -2.091  11.489  2.008   1.00 16.42 ? 63 THR B CG2 1 
ATOM 971  N N   . CYS B 1 63 ? -1.874  12.258  -1.208  1.00 13.06 ? 64 CYS B N   1 
ATOM 972  C CA  . CYS B 1 63 ? -0.999  11.742  -2.240  1.00 15.49 ? 64 CYS B CA  1 
ATOM 973  C C   . CYS B 1 63 ? 0.480   11.946  -1.905  1.00 11.42 ? 64 CYS B C   1 
ATOM 974  O O   . CYS B 1 63 ? 0.869   12.993  -1.388  1.00 13.55 ? 64 CYS B O   1 
ATOM 975  C CB  . CYS B 1 63 ? -1.255  12.488  -3.562  1.00 15.58 ? 64 CYS B CB  1 
ATOM 976  S SG  . CYS B 1 63 ? -2.620  11.828  -4.528  1.00 13.58 ? 64 CYS B SG  1 
ATOM 977  N N   . THR B 1 64 ? 1.251   10.927  -2.212  1.00 12.64 ? 65 THR B N   1 
ATOM 978  C CA  . THR B 1 64 ? 2.709   10.966  -2.152  1.00 16.68 ? 65 THR B CA  1 
ATOM 979  C C   . THR B 1 64 ? 3.255   10.416  -3.461  1.00 10.88 ? 65 THR B C   1 
ATOM 980  O O   . THR B 1 64 ? 2.823   9.341   -3.843  1.00 13.27 ? 65 THR B O   1 
ATOM 981  C CB  . THR B 1 64 ? 3.279   10.178  -0.965  1.00 16.15 ? 65 THR B CB  1 
ATOM 982  O OG1 . THR B 1 64 ? 2.668   10.650  0.249   1.00 17.34 ? 65 THR B OG1 1 
ATOM 983  C CG2 . THR B 1 64 ? 4.761   10.458  -0.788  1.00 14.93 ? 65 THR B CG2 1 
ATOM 984  N N   . ASP B 1 65 ? 4.158   11.144  -4.135  1.00 14.60 ? 66 ASP B N   1 
ATOM 985  C CA  . ASP B 1 65 ? 4.757   10.599  -5.354  1.00 13.23 ? 66 ASP B CA  1 
ATOM 986  C C   . ASP B 1 65 ? 3.766   10.140  -6.411  1.00 12.42 ? 66 ASP B C   1 
ATOM 987  O O   . ASP B 1 65 ? 4.053   9.179   -7.146  1.00 12.43 ? 66 ASP B O   1 
ATOM 988  C CB  . ASP B 1 65 ? 5.701   9.446   -4.985  1.00 12.12 ? 66 ASP B CB  1 
ATOM 989  C CG  . ASP B 1 65 ? 6.868   9.901   -4.120  1.00 17.69 ? 66 ASP B CG  1 
ATOM 990  O OD1 . ASP B 1 65 ? 7.501   9.041   -3.479  1.00 20.89 ? 66 ASP B OD1 1 
ATOM 991  O OD2 . ASP B 1 65 ? 7.202   11.106  -4.043  1.00 18.02 ? 66 ASP B OD2 1 
ATOM 992  N N   . SER B 1 66 ? 2.602   10.780  -6.496  1.00 12.61 ? 67 SER B N   1 
ATOM 993  C CA  . SER B 1 66 ? 1.502   10.317  -7.341  1.00 10.76 ? 67 SER B CA  1 
ATOM 994  C C   . SER B 1 66 ? 1.088   11.382  -8.351  1.00 10.62 ? 67 SER B C   1 
ATOM 995  O O   . SER B 1 66 ? 1.532   12.519  -8.260  1.00 13.04 ? 67 SER B O   1 
ATOM 996  C CB  . SER B 1 66 ? 0.294   9.905   -6.475  1.00 15.26 ? 67 SER B CB  1 
ATOM 997  O OG  . SER B 1 66 ? 0.675   8.820   -5.626  1.00 13.20 ? 67 SER B OG  1 
ATOM 998  N N   . THR B 1 67 ? 0.276   10.959  -9.314  1.00 12.95 ? 68 THR B N   1 
ATOM 999  C CA  . THR B 1 67 ? -0.078  11.923  -10.366 1.00 12.52 ? 68 THR B CA  1 
ATOM 1000 C C   . THR B 1 67 ? -1.548  12.318  -10.361 1.00 13.98 ? 68 THR B C   1 
ATOM 1001 O O   . THR B 1 67 ? -2.386  11.481  -10.050 1.00 13.68 ? 68 THR B O   1 
ATOM 1002 C CB  . THR B 1 67 ? 0.226   11.363  -11.766 1.00 11.80 ? 68 THR B CB  1 
ATOM 1003 O OG1 . THR B 1 67 ? -0.546  10.194  -12.065 1.00 12.26 ? 68 THR B OG1 1 
ATOM 1004 C CG2 . THR B 1 67 ? 1.707   11.021  -11.804 1.00 16.14 ? 68 THR B CG2 1 
ATOM 1005 N N   . ASN B 1 68 ? -1.799  13.578  -10.746 1.00 12.18 ? 69 ASN B N   1 
ATOM 1006 C CA  . ASN B 1 68 ? -3.162  14.038  -11.028 1.00 15.28 ? 69 ASN B CA  1 
ATOM 1007 C C   . ASN B 1 68 ? -4.054  13.963  -9.770  1.00 11.32 ? 69 ASN B C   1 
ATOM 1008 O O   . ASN B 1 68 ? -5.193  13.522  -9.834  1.00 12.99 ? 69 ASN B O   1 
ATOM 1009 C CB  . ASN B 1 68 ? -3.754  13.246  -12.203 1.00 13.60 ? 69 ASN B CB  1 
ATOM 1010 C CG  . ASN B 1 68 ? -3.026  13.526  -13.506 1.00 14.13 ? 69 ASN B CG  1 
ATOM 1011 O OD1 . ASN B 1 68 ? -2.527  14.648  -13.651 1.00 13.37 ? 69 ASN B OD1 1 
ATOM 1012 N ND2 . ASN B 1 68 ? -2.993  12.524  -14.370 1.00 18.44 ? 69 ASN B ND2 1 
ATOM 1013 N N   . CYS B 1 69 ? -3.422  14.408  -8.685  1.00 11.72 ? 70 CYS B N   1 
ATOM 1014 C CA  . CYS B 1 69 ? -4.074  14.410  -7.367  1.00 14.37 ? 70 CYS B CA  1 
ATOM 1015 C C   . CYS B 1 69 ? -4.874  15.684  -7.203  1.00 13.14 ? 70 CYS B C   1 
ATOM 1016 O O   . CYS B 1 69 ? -4.581  16.552  -6.405  1.00 13.49 ? 70 CYS B O   1 
ATOM 1017 C CB  . CYS B 1 69 ? -3.006  14.257  -6.285  1.00 14.77 ? 70 CYS B CB  1 
ATOM 1018 S SG  . CYS B 1 69 ? -2.216  12.613  -6.379  1.00 14.04 ? 70 CYS B SG  1 
ATOM 1019 N N   . TYR B 1 70 ? -5.934  15.751  -8.026  1.00 12.36 ? 71 TYR B N   1 
ATOM 1020 C CA  . TYR B 1 70 ? -6.626  17.001  -8.269  1.00 12.99 ? 71 TYR B CA  1 
ATOM 1021 C C   . TYR B 1 70 ? -7.407  17.572  -7.099  1.00 15.79 ? 71 TYR B C   1 
ATOM 1022 O O   . TYR B 1 70 ? -7.734  18.779  -7.106  1.00 16.35 ? 71 TYR B O   1 
ATOM 1023 C CB  . TYR B 1 70 ? -7.558  16.749  -9.448  1.00 14.40 ? 71 TYR B CB  1 
ATOM 1024 C CG  . TYR B 1 70 ? -6.911  16.992  -10.795 1.00 13.55 ? 71 TYR B CG  1 
ATOM 1025 C CD1 . TYR B 1 70 ? -6.961  16.041  -11.799 1.00 17.82 ? 71 TYR B CD1 1 
ATOM 1026 C CD2 . TYR B 1 70 ? -6.263  18.198  -11.055 1.00 13.04 ? 71 TYR B CD2 1 
ATOM 1027 C CE1 . TYR B 1 70 ? -6.363  16.245  -13.031 1.00 11.84 ? 71 TYR B CE1 1 
ATOM 1028 C CE2 . TYR B 1 70 ? -5.681  18.413  -12.279 1.00 12.45 ? 71 TYR B CE2 1 
ATOM 1029 C CZ  . TYR B 1 70 ? -5.710  17.438  -13.233 1.00 13.83 ? 71 TYR B CZ  1 
ATOM 1030 O OH  . TYR B 1 70 ? -5.111  17.653  -14.456 1.00 14.30 ? 71 TYR B OH  1 
ATOM 1031 N N   . LYS B 1 71 ? -7.698  16.762  -6.074  1.00 16.49 ? 72 LYS B N   1 
ATOM 1032 C CA  . LYS B 1 71 ? -8.280  17.380  -4.890  1.00 18.64 ? 72 LYS B CA  1 
ATOM 1033 C C   . LYS B 1 71 ? -7.508  17.055  -3.625  1.00 18.72 ? 72 LYS B C   1 
ATOM 1034 O O   . LYS B 1 71 ? -8.078  17.257  -2.541  1.00 18.69 ? 72 LYS B O   1 
ATOM 1035 C CB  . LYS B 1 71 ? -9.737  16.940  -4.681  1.00 22.00 ? 72 LYS B CB  1 
ATOM 1036 C CG  . LYS B 1 71 ? -9.889  15.444  -4.580  1.00 18.76 ? 72 LYS B CG  1 
ATOM 1037 C CD  . LYS B 1 71 ? -11.270 15.053  -4.023  1.00 21.59 ? 72 LYS B CD  1 
ATOM 1038 C CE  . LYS B 1 71 ? -11.164 14.968  -2.495  1.00 27.62 ? 72 LYS B CE  1 
ATOM 1039 N NZ  . LYS B 1 71 ? -12.502 14.869  -1.860  1.00 30.42 ? 72 LYS B NZ  1 
ATOM 1040 N N   . ALA B 1 72 ? -6.279  16.567  -3.695  1.00 14.88 ? 73 ALA B N   1 
ATOM 1041 C CA  . ALA B 1 72 ? -5.555  16.146  -2.505  1.00 14.48 ? 73 ALA B CA  1 
ATOM 1042 C C   . ALA B 1 72 ? -5.114  17.307  -1.632  1.00 17.37 ? 73 ALA B C   1 
ATOM 1043 O O   . ALA B 1 72 ? -4.478  18.245  -2.125  1.00 24.80 ? 73 ALA B O   1 
ATOM 1044 C CB  . ALA B 1 72 ? -4.347  15.309  -2.915  1.00 15.11 ? 73 ALA B CB  1 
ATOM 1045 N N   . THR B 1 73 ? -5.452  17.289  -0.350  1.00 15.36 ? 74 THR B N   1 
ATOM 1046 C CA  . THR B 1 73 ? -5.088  18.337  0.590   1.00 18.44 ? 74 THR B CA  1 
ATOM 1047 C C   . THR B 1 73 ? -3.745  18.011  1.254   1.00 19.42 ? 74 THR B C   1 
ATOM 1048 O O   . THR B 1 73 ? -3.047  18.941  1.666   1.00 21.99 ? 74 THR B O   1 
ATOM 1049 C CB  . THR B 1 73 ? -6.159  18.544  1.673   1.00 17.21 ? 74 THR B CB  1 
ATOM 1050 O OG1 . THR B 1 73 ? -6.630  17.287  2.152   1.00 35.01 ? 74 THR B OG1 1 
ATOM 1051 C CG2 . THR B 1 73 ? -7.380  19.243  1.082   1.00 25.87 ? 74 THR B CG2 1 
ATOM 1052 N N   . ALA B 1 74 ? -3.408  16.725  1.307   1.00 15.56 ? 75 ALA B N   1 
ATOM 1053 C CA  . ALA B 1 74 ? -2.060  16.306  1.684   1.00 19.31 ? 75 ALA B CA  1 
ATOM 1054 C C   . ALA B 1 74 ? -1.344  15.877  0.402   1.00 16.30 ? 75 ALA B C   1 
ATOM 1055 O O   . ALA B 1 74 ? -1.723  14.880  -0.216  1.00 16.50 ? 75 ALA B O   1 
ATOM 1056 C CB  . ALA B 1 74 ? -2.061  15.235  2.762   1.00 16.20 ? 75 ALA B CB  1 
ATOM 1057 N N   . CYS B 1 75 ? -0.341  16.653  0.018   1.00 17.52 ? 76 CYS B N   1 
ATOM 1058 C CA  . CYS B 1 75 ? 0.241   16.483  -1.309  1.00 16.20 ? 76 CYS B CA  1 
ATOM 1059 C C   . CYS B 1 75 ? 1.756   16.546  -1.235  1.00 22.99 ? 76 CYS B C   1 
ATOM 1060 O O   . CYS B 1 75 ? 2.340   17.611  -1.037  1.00 22.70 ? 76 CYS B O   1 
ATOM 1061 C CB  . CYS B 1 75 ? -0.296  17.611  -2.203  1.00 20.29 ? 76 CYS B CB  1 
ATOM 1062 S SG  . CYS B 1 75 ? 0.492   17.541  -3.843  1.00 23.17 ? 76 CYS B SG  1 
ATOM 1063 N N   . THR B 1 76 ? 2.432   15.425  -1.408  1.00 17.36 ? 77 THR B N   1 
ATOM 1064 C CA  . THR B 1 76 ? 3.874   15.395  -1.336  1.00 14.97 ? 77 THR B CA  1 
ATOM 1065 C C   . THR B 1 76 ? 4.433   14.859  -2.646  1.00 15.05 ? 77 THR B C   1 
ATOM 1066 O O   . THR B 1 76 ? 4.086   13.742  -3.034  1.00 15.94 ? 77 THR B O   1 
ATOM 1067 C CB  . THR B 1 76 ? 4.312   14.489  -0.171  1.00 17.18 ? 77 THR B CB  1 
ATOM 1068 O OG1 . THR B 1 76 ? 3.823   15.069  1.047   1.00 23.07 ? 77 THR B OG1 1 
ATOM 1069 C CG2 . THR B 1 76 ? 5.827   14.418  -0.048  1.00 25.61 ? 77 THR B CG2 1 
ATOM 1070 N N   . ASN B 1 77 ? 5.242   15.685  -3.303  1.00 13.64 ? 78 ASN B N   1 
ATOM 1071 C CA  . ASN B 1 77 ? 5.855   15.289  -4.574  1.00 15.34 ? 78 ASN B CA  1 
ATOM 1072 C C   . ASN B 1 77 ? 4.849   14.663  -5.535  1.00 14.08 ? 78 ASN B C   1 
ATOM 1073 O O   . ASN B 1 77 ? 5.088   13.569  -6.057  1.00 16.01 ? 78 ASN B O   1 
ATOM 1074 C CB  . ASN B 1 77 ? 7.014   14.304  -4.330  1.00 15.36 ? 78 ASN B CB  1 
ATOM 1075 C CG  . ASN B 1 77 ? 7.810   14.018  -5.585  1.00 22.48 ? 78 ASN B CG  1 
ATOM 1076 O OD1 . ASN B 1 77 ? 8.164   12.880  -5.907  1.00 20.76 ? 78 ASN B OD1 1 
ATOM 1077 N ND2 . ASN B 1 77 ? 8.105   15.072  -6.340  1.00 20.45 ? 78 ASN B ND2 1 
ATOM 1078 N N   . SER B 1 78 ? 3.694   15.324  -5.672  1.00 16.50 ? 79 SER B N   1 
ATOM 1079 C CA  . SER B 1 78 ? 2.624   14.786  -6.528  1.00 15.95 ? 79 SER B CA  1 
ATOM 1080 C C   . SER B 1 78 ? 2.188   15.887  -7.495  1.00 17.80 ? 79 SER B C   1 
ATOM 1081 O O   . SER B 1 78 ? 2.368   17.082  -7.190  1.00 17.71 ? 79 SER B O   1 
ATOM 1082 C CB  . SER B 1 78 ? 1.433   14.289  -5.702  1.00 17.45 ? 79 SER B CB  1 
ATOM 1083 O OG  . SER B 1 78 ? 1.847   13.220  -4.838  1.00 15.66 ? 79 SER B OG  1 
ATOM 1084 N N   . SER B 1 79 ? 1.659   15.458  -8.636  1.00 12.94 ? 80 SER B N   1 
ATOM 1085 C CA  . SER B 1 79 ? 1.209   16.466  -9.603  1.00 15.64 ? 80 SER B CA  1 
ATOM 1086 C C   . SER B 1 79 ? -0.270  16.807  -9.480  1.00 15.51 ? 80 SER B C   1 
ATOM 1087 O O   . SER B 1 79 ? -1.068  16.017  -8.934  1.00 14.47 ? 80 SER B O   1 
ATOM 1088 C CB  . SER B 1 79 ? 1.515   15.940  -11.016 1.00 13.55 ? 80 SER B CB  1 
ATOM 1089 O OG  . SER B 1 79 ? 0.754   14.785  -11.293 1.00 14.36 ? 80 SER B OG  1 
ATOM 1090 N N   . GLY B 1 80 ? -0.640  17.982  -9.990  1.00 13.35 ? 81 GLY B N   1 
ATOM 1091 C CA  . GLY B 1 80 ? -2.022  18.419  -10.084 1.00 11.78 ? 81 GLY B CA  1 
ATOM 1092 C C   . GLY B 1 80 ? -2.686  18.785  -8.778  1.00 12.88 ? 81 GLY B C   1 
ATOM 1093 O O   . GLY B 1 80 ? -3.920  18.931  -8.740  1.00 14.42 ? 81 GLY B O   1 
ATOM 1094 N N   . CYS B 1 81 ? -1.935  18.950  -7.689  1.00 13.80 ? 82 CYS B N   1 
ATOM 1095 C CA  . CYS B 1 81 ? -2.615  19.216  -6.423  1.00 16.02 ? 82 CYS B CA  1 
ATOM 1096 C C   . CYS B 1 81 ? -3.169  20.627  -6.306  1.00 19.53 ? 82 CYS B C   1 
ATOM 1097 O O   . CYS B 1 81 ? -2.564  21.569  -6.808  1.00 18.55 ? 82 CYS B O   1 
ATOM 1098 C CB  . CYS B 1 81 ? -1.627  19.010  -5.279  1.00 17.16 ? 82 CYS B CB  1 
ATOM 1099 S SG  . CYS B 1 81 ? -1.051  17.288  -5.136  1.00 19.79 ? 82 CYS B SG  1 
ATOM 1100 N N   . PRO B 1 82 ? -4.291  20.771  -5.593  1.00 18.24 ? 83 PRO B N   1 
ATOM 1101 C CA  . PRO B 1 82 ? -4.871  22.107  -5.365  1.00 18.77 ? 83 PRO B CA  1 
ATOM 1102 C C   . PRO B 1 82 ? -4.021  23.003  -4.498  1.00 21.73 ? 83 PRO B C   1 
ATOM 1103 O O   . PRO B 1 82 ? -3.250  22.589  -3.641  1.00 25.69 ? 83 PRO B O   1 
ATOM 1104 C CB  . PRO B 1 82 ? -6.184  21.762  -4.644  1.00 22.74 ? 83 PRO B CB  1 
ATOM 1105 C CG  . PRO B 1 82 ? -5.844  20.486  -3.932  1.00 25.20 ? 83 PRO B CG  1 
ATOM 1106 C CD  . PRO B 1 82 ? -5.082  19.681  -4.975  1.00 18.08 ? 83 PRO B CD  1 
# 
